data_2K8G
#
_entry.id   2K8G
#
_entity_poly.entity_id   1
_entity_poly.type   'polypeptide(L)'
_entity_poly.pdbx_seq_one_letter_code
;GADPSLRKSGVGNIFIKNLDKSIDNKALYDTFSAFGNILSCKVVCDENGSKGYGFVHFETQEAAERAIEKMNGMLLNDRK
VFVGRFKSRKEREAE
;
_entity_poly.pdbx_strand_id   A
#
# COMPACT_ATOMS: atom_id res chain seq x y z
N GLY A 1 6.66 13.29 16.60
CA GLY A 1 6.15 11.97 16.14
C GLY A 1 6.41 11.76 14.67
N ALA A 2 5.72 10.79 14.08
CA ALA A 2 5.84 10.50 12.67
C ALA A 2 4.50 10.67 11.98
N ASP A 3 3.55 9.82 12.34
CA ASP A 3 2.20 9.88 11.81
C ASP A 3 1.28 8.94 12.58
N PRO A 4 0.26 9.51 13.25
CA PRO A 4 -0.72 8.71 13.99
C PRO A 4 -1.76 8.07 13.08
N SER A 5 -1.69 8.39 11.80
CA SER A 5 -2.64 7.89 10.82
C SER A 5 -2.22 6.51 10.31
N LEU A 6 -1.28 5.87 10.99
CA LEU A 6 -0.81 4.54 10.60
C LEU A 6 -1.77 3.47 11.08
N ARG A 7 -3.03 3.61 10.69
CA ARG A 7 -4.09 2.69 11.04
C ARG A 7 -4.93 2.44 9.81
N LYS A 8 -6.21 2.15 10.02
CA LYS A 8 -7.15 2.08 8.92
C LYS A 8 -7.93 3.40 8.85
N SER A 9 -7.59 4.30 9.76
CA SER A 9 -8.24 5.61 9.84
C SER A 9 -7.36 6.72 9.30
N GLY A 10 -6.37 6.37 8.50
CA GLY A 10 -5.55 7.37 7.84
C GLY A 10 -6.12 7.80 6.50
N VAL A 11 -7.33 7.30 6.21
CA VAL A 11 -8.00 7.46 4.90
C VAL A 11 -7.19 6.89 3.75
N GLY A 12 -7.79 5.95 3.04
CA GLY A 12 -7.16 5.46 1.84
C GLY A 12 -5.96 4.59 2.13
N ASN A 13 -5.95 3.99 3.31
CA ASN A 13 -4.79 3.23 3.76
C ASN A 13 -4.89 1.82 3.20
N ILE A 14 -3.87 1.38 2.48
CA ILE A 14 -3.87 0.05 1.91
C ILE A 14 -2.51 -0.60 2.12
N PHE A 15 -2.48 -1.92 2.03
CA PHE A 15 -1.23 -2.65 2.19
C PHE A 15 -1.00 -3.52 0.96
N ILE A 16 0.26 -3.59 0.55
CA ILE A 16 0.66 -4.35 -0.63
C ILE A 16 1.61 -5.47 -0.23
N LYS A 17 1.42 -6.64 -0.81
CA LYS A 17 2.28 -7.79 -0.52
C LYS A 17 2.96 -8.28 -1.79
N ASN A 18 4.14 -8.87 -1.63
CA ASN A 18 4.85 -9.57 -2.70
C ASN A 18 5.35 -8.60 -3.76
N LEU A 19 6.11 -7.62 -3.30
CA LEU A 19 6.72 -6.63 -4.20
C LEU A 19 8.12 -7.07 -4.63
N ASP A 20 8.62 -6.45 -5.70
CA ASP A 20 9.97 -6.73 -6.18
C ASP A 20 10.97 -5.84 -5.46
N LYS A 21 12.22 -6.29 -5.41
CA LYS A 21 13.28 -5.54 -4.74
C LYS A 21 13.52 -4.19 -5.41
N SER A 22 13.29 -4.13 -6.72
CA SER A 22 13.48 -2.90 -7.48
C SER A 22 12.40 -1.86 -7.18
N ILE A 23 11.42 -2.23 -6.38
CA ILE A 23 10.35 -1.32 -6.03
C ILE A 23 10.75 -0.42 -4.86
N ASP A 24 10.78 0.87 -5.11
CA ASP A 24 11.10 1.87 -4.09
C ASP A 24 9.82 2.63 -3.77
N ASN A 25 9.90 3.65 -2.92
CA ASN A 25 8.73 4.43 -2.56
C ASN A 25 8.27 5.20 -3.79
N LYS A 26 9.24 5.57 -4.60
CA LYS A 26 9.01 6.26 -5.82
C LYS A 26 8.27 5.37 -6.77
N ALA A 27 8.77 4.16 -6.90
CA ALA A 27 8.22 3.18 -7.81
C ALA A 27 6.78 2.83 -7.43
N LEU A 28 6.56 2.65 -6.14
CA LEU A 28 5.23 2.37 -5.63
C LEU A 28 4.33 3.57 -5.86
N TYR A 29 4.82 4.74 -5.51
CA TYR A 29 4.11 5.98 -5.74
C TYR A 29 3.83 6.17 -7.22
N ASP A 30 4.83 5.95 -8.05
CA ASP A 30 4.71 6.18 -9.48
C ASP A 30 3.56 5.36 -10.08
N THR A 31 3.40 4.14 -9.61
CA THR A 31 2.34 3.28 -10.10
C THR A 31 0.97 3.64 -9.50
N PHE A 32 0.90 3.68 -8.17
CA PHE A 32 -0.37 3.87 -7.47
C PHE A 32 -0.91 5.31 -7.61
N SER A 33 -0.01 6.28 -7.79
CA SER A 33 -0.40 7.69 -7.89
C SER A 33 -1.38 7.90 -9.03
N ALA A 34 -1.30 7.07 -10.07
CA ALA A 34 -2.22 7.15 -11.20
C ALA A 34 -3.68 7.01 -10.75
N PHE A 35 -3.87 6.40 -9.60
CA PHE A 35 -5.21 6.17 -9.06
C PHE A 35 -5.64 7.36 -8.20
N GLY A 36 -4.65 8.05 -7.64
CA GLY A 36 -4.92 9.20 -6.81
C GLY A 36 -3.66 9.70 -6.15
N ASN A 37 -3.72 10.86 -5.53
CA ASN A 37 -2.56 11.45 -4.88
C ASN A 37 -2.24 10.65 -3.62
N ILE A 38 -0.97 10.51 -3.35
CA ILE A 38 -0.50 9.75 -2.19
C ILE A 38 0.19 10.68 -1.20
N LEU A 39 -0.13 10.53 0.08
CA LEU A 39 0.48 11.38 1.10
C LEU A 39 1.71 10.71 1.66
N SER A 40 1.63 9.39 1.79
CA SER A 40 2.71 8.61 2.38
C SER A 40 2.68 7.16 1.92
N CYS A 41 3.49 6.85 0.92
CA CYS A 41 3.67 5.47 0.49
C CYS A 41 5.01 4.96 1.00
N LYS A 42 5.11 3.66 1.19
CA LYS A 42 6.31 3.07 1.75
C LYS A 42 6.52 1.65 1.25
N VAL A 43 7.75 1.38 0.83
CA VAL A 43 8.18 0.04 0.48
C VAL A 43 9.23 -0.36 1.48
N VAL A 44 8.90 -1.29 2.33
CA VAL A 44 9.79 -1.68 3.38
C VAL A 44 10.85 -2.59 2.80
N CYS A 45 12.08 -2.12 2.82
CA CYS A 45 13.12 -2.73 2.02
C CYS A 45 14.10 -3.55 2.84
N ASP A 46 14.43 -4.74 2.36
CA ASP A 46 15.47 -5.54 2.96
C ASP A 46 16.80 -5.15 2.35
N GLU A 47 17.87 -5.72 2.87
CA GLU A 47 19.22 -5.46 2.34
C GLU A 47 19.32 -5.75 0.84
N ASN A 48 18.55 -6.73 0.37
CA ASN A 48 18.65 -7.16 -1.03
C ASN A 48 17.76 -6.31 -1.92
N GLY A 49 16.88 -5.53 -1.31
CA GLY A 49 16.02 -4.67 -2.10
C GLY A 49 14.69 -4.38 -1.43
N SER A 50 13.99 -5.42 -0.97
CA SER A 50 12.67 -5.24 -0.40
C SER A 50 12.27 -6.42 0.46
N LYS A 51 11.51 -6.15 1.52
CA LYS A 51 11.05 -7.20 2.41
C LYS A 51 9.87 -7.93 1.81
N GLY A 52 9.32 -7.35 0.76
CA GLY A 52 8.23 -7.99 0.05
C GLY A 52 6.87 -7.44 0.39
N TYR A 53 6.81 -6.21 0.88
CA TYR A 53 5.52 -5.59 1.19
C TYR A 53 5.65 -4.07 1.28
N GLY A 54 4.54 -3.39 1.02
CA GLY A 54 4.53 -1.95 1.04
C GLY A 54 3.18 -1.41 1.48
N PHE A 55 3.07 -0.10 1.65
CA PHE A 55 1.86 0.53 2.13
C PHE A 55 1.58 1.83 1.39
N VAL A 56 0.31 2.12 1.10
CA VAL A 56 -0.06 3.40 0.48
C VAL A 56 -0.99 4.20 1.37
N HIS A 57 -0.70 5.47 1.52
CA HIS A 57 -1.62 6.42 2.12
C HIS A 57 -2.20 7.30 1.03
N PHE A 58 -3.45 7.08 0.68
CA PHE A 58 -4.05 7.83 -0.40
C PHE A 58 -4.71 9.09 0.10
N GLU A 59 -4.53 10.14 -0.70
CA GLU A 59 -5.15 11.44 -0.46
C GLU A 59 -6.65 11.28 -0.28
N THR A 60 -7.23 10.55 -1.20
CA THR A 60 -8.66 10.31 -1.21
C THR A 60 -8.96 8.85 -0.90
N GLN A 61 -10.05 8.64 -0.20
CA GLN A 61 -10.50 7.30 0.17
C GLN A 61 -10.81 6.47 -1.07
N GLU A 62 -11.43 7.10 -2.06
CA GLU A 62 -11.88 6.41 -3.26
C GLU A 62 -10.69 5.92 -4.10
N ALA A 63 -9.61 6.71 -4.12
CA ALA A 63 -8.43 6.36 -4.88
C ALA A 63 -7.81 5.07 -4.36
N ALA A 64 -7.91 4.89 -3.05
CA ALA A 64 -7.39 3.70 -2.40
C ALA A 64 -8.15 2.47 -2.86
N GLU A 65 -9.47 2.59 -2.93
CA GLU A 65 -10.32 1.50 -3.36
C GLU A 65 -10.00 1.11 -4.80
N ARG A 66 -9.69 2.11 -5.62
CA ARG A 66 -9.26 1.86 -6.99
C ARG A 66 -7.96 1.08 -7.02
N ALA A 67 -7.00 1.52 -6.21
CA ALA A 67 -5.68 0.89 -6.14
C ALA A 67 -5.81 -0.58 -5.76
N ILE A 68 -6.70 -0.87 -4.82
CA ILE A 68 -6.93 -2.23 -4.38
C ILE A 68 -7.41 -3.12 -5.53
N GLU A 69 -8.46 -2.70 -6.21
CA GLU A 69 -9.00 -3.47 -7.32
C GLU A 69 -8.01 -3.55 -8.48
N LYS A 70 -7.43 -2.42 -8.80
CA LYS A 70 -6.62 -2.29 -9.99
C LYS A 70 -5.25 -2.95 -9.87
N MET A 71 -4.62 -2.84 -8.70
CA MET A 71 -3.25 -3.31 -8.54
C MET A 71 -3.18 -4.73 -8.02
N ASN A 72 -4.19 -5.15 -7.29
CA ASN A 72 -4.17 -6.49 -6.71
C ASN A 72 -4.17 -7.55 -7.80
N GLY A 73 -3.18 -8.42 -7.79
CA GLY A 73 -3.10 -9.49 -8.76
C GLY A 73 -2.33 -9.11 -10.01
N MET A 74 -1.63 -7.99 -9.96
CA MET A 74 -0.84 -7.54 -11.08
C MET A 74 0.65 -7.76 -10.84
N LEU A 75 1.43 -7.70 -11.91
CA LEU A 75 2.86 -7.86 -11.82
C LEU A 75 3.50 -6.50 -11.75
N LEU A 76 4.27 -6.27 -10.72
CA LEU A 76 5.05 -5.07 -10.67
C LEU A 76 6.51 -5.40 -10.91
N ASN A 77 6.94 -5.16 -12.15
CA ASN A 77 8.32 -5.37 -12.58
C ASN A 77 8.65 -6.82 -12.84
N ASP A 78 7.96 -7.70 -12.13
CA ASP A 78 8.23 -9.14 -12.17
C ASP A 78 7.38 -9.92 -11.16
N ARG A 79 6.94 -9.24 -10.12
CA ARG A 79 6.25 -9.91 -9.02
C ARG A 79 4.81 -9.45 -8.89
N LYS A 80 3.92 -10.41 -8.72
CA LYS A 80 2.51 -10.15 -8.59
C LYS A 80 2.22 -9.64 -7.19
N VAL A 81 1.62 -8.47 -7.11
CA VAL A 81 1.41 -7.83 -5.82
C VAL A 81 -0.02 -7.98 -5.35
N PHE A 82 -0.18 -8.08 -4.04
CA PHE A 82 -1.48 -8.17 -3.43
C PHE A 82 -1.78 -6.86 -2.72
N VAL A 83 -2.84 -6.18 -3.14
CA VAL A 83 -3.21 -4.92 -2.52
C VAL A 83 -4.56 -5.07 -1.83
N GLY A 84 -4.61 -4.69 -0.56
CA GLY A 84 -5.84 -4.82 0.18
C GLY A 84 -6.00 -3.74 1.23
N ARG A 85 -7.08 -3.83 1.99
CA ARG A 85 -7.39 -2.83 2.99
C ARG A 85 -6.46 -2.96 4.19
N PHE A 86 -5.94 -1.83 4.64
CA PHE A 86 -4.96 -1.80 5.71
C PHE A 86 -5.66 -1.97 7.05
N LYS A 87 -5.78 -3.22 7.49
CA LYS A 87 -6.34 -3.49 8.80
C LYS A 87 -5.21 -3.57 9.81
N SER A 88 -4.97 -2.47 10.50
CA SER A 88 -3.85 -2.35 11.41
C SER A 88 -3.95 -3.35 12.57
N ARG A 89 -5.16 -3.52 13.10
CA ARG A 89 -5.36 -4.43 14.21
C ARG A 89 -6.85 -4.61 14.50
N LYS A 90 -7.43 -3.68 15.25
CA LYS A 90 -8.80 -3.79 15.71
C LYS A 90 -9.24 -2.46 16.32
N GLU A 91 -9.46 -1.47 15.47
CA GLU A 91 -9.80 -0.14 15.93
C GLU A 91 -11.24 0.21 15.61
N ARG A 92 -11.85 1.01 16.46
CA ARG A 92 -13.21 1.49 16.23
C ARG A 92 -13.20 2.57 15.17
N GLU A 93 -12.18 3.43 15.24
CA GLU A 93 -12.01 4.50 14.27
C GLU A 93 -11.19 3.99 13.09
N ALA A 94 -11.87 3.69 12.00
CA ALA A 94 -11.23 3.13 10.82
C ALA A 94 -12.16 3.24 9.62
N GLU A 95 -11.58 3.55 8.47
CA GLU A 95 -12.34 3.60 7.23
C GLU A 95 -11.69 2.70 6.18
N GLY A 1 -16.91 -2.53 0.36
CA GLY A 1 -15.63 -2.20 1.03
C GLY A 1 -15.56 -2.75 2.43
N ALA A 2 -14.60 -3.64 2.68
CA ALA A 2 -14.45 -4.26 3.99
C ALA A 2 -14.02 -3.23 5.04
N ASP A 3 -13.08 -2.37 4.66
CA ASP A 3 -12.61 -1.31 5.55
C ASP A 3 -12.78 0.05 4.89
N PRO A 4 -14.00 0.61 4.93
CA PRO A 4 -14.30 1.93 4.39
C PRO A 4 -14.18 3.00 5.48
N SER A 5 -13.01 3.66 5.59
CA SER A 5 -12.74 4.61 6.70
C SER A 5 -13.16 3.97 8.02
N LEU A 6 -12.68 2.76 8.24
CA LEU A 6 -13.11 1.95 9.37
C LEU A 6 -11.92 1.49 10.20
N ARG A 7 -11.90 1.85 11.49
CA ARG A 7 -10.89 1.36 12.45
C ARG A 7 -9.50 1.91 12.14
N LYS A 8 -9.42 3.01 11.42
CA LYS A 8 -8.14 3.57 11.02
C LYS A 8 -8.11 5.09 11.21
N SER A 9 -6.93 5.69 11.04
CA SER A 9 -6.78 7.11 11.24
C SER A 9 -6.28 7.77 9.95
N GLY A 10 -5.48 7.01 9.20
CA GLY A 10 -4.92 7.51 7.97
C GLY A 10 -5.98 7.76 6.90
N VAL A 11 -6.87 6.78 6.71
CA VAL A 11 -7.88 6.77 5.65
C VAL A 11 -7.25 6.73 4.26
N GLY A 12 -7.78 5.86 3.41
CA GLY A 12 -7.19 5.66 2.10
C GLY A 12 -5.90 4.88 2.21
N ASN A 13 -5.76 4.14 3.31
CA ASN A 13 -4.54 3.39 3.60
C ASN A 13 -4.71 1.96 3.13
N ILE A 14 -3.75 1.48 2.35
CA ILE A 14 -3.79 0.12 1.85
C ILE A 14 -2.43 -0.53 2.04
N PHE A 15 -2.38 -1.85 1.97
CA PHE A 15 -1.11 -2.56 2.09
C PHE A 15 -0.91 -3.46 0.88
N ILE A 16 0.33 -3.58 0.47
CA ILE A 16 0.69 -4.35 -0.71
C ILE A 16 1.65 -5.48 -0.32
N LYS A 17 1.41 -6.67 -0.84
CA LYS A 17 2.24 -7.82 -0.52
C LYS A 17 2.94 -8.34 -1.77
N ASN A 18 4.11 -8.96 -1.58
CA ASN A 18 4.84 -9.65 -2.65
C ASN A 18 5.46 -8.67 -3.64
N LEU A 19 6.01 -7.57 -3.13
CA LEU A 19 6.67 -6.58 -3.96
C LEU A 19 8.07 -7.02 -4.37
N ASP A 20 8.55 -6.43 -5.45
CA ASP A 20 9.88 -6.73 -5.95
C ASP A 20 10.94 -5.95 -5.19
N LYS A 21 12.13 -6.52 -5.11
CA LYS A 21 13.26 -5.93 -4.37
C LYS A 21 13.57 -4.51 -4.85
N SER A 22 13.45 -4.28 -6.16
CA SER A 22 13.83 -3.00 -6.73
C SER A 22 12.72 -1.96 -6.62
N ILE A 23 11.56 -2.37 -6.10
CA ILE A 23 10.46 -1.45 -5.88
C ILE A 23 10.78 -0.51 -4.72
N ASP A 24 10.87 0.77 -5.02
CA ASP A 24 11.14 1.78 -4.01
C ASP A 24 9.86 2.55 -3.73
N ASN A 25 9.94 3.62 -2.95
CA ASN A 25 8.75 4.37 -2.56
C ASN A 25 8.25 5.11 -3.77
N LYS A 26 9.19 5.51 -4.59
CA LYS A 26 8.93 6.22 -5.82
C LYS A 26 8.26 5.31 -6.79
N ALA A 27 8.80 4.12 -6.87
CA ALA A 27 8.31 3.10 -7.78
C ALA A 27 6.87 2.73 -7.45
N LEU A 28 6.62 2.57 -6.16
CA LEU A 28 5.29 2.28 -5.66
C LEU A 28 4.38 3.50 -5.90
N TYR A 29 4.89 4.66 -5.53
CA TYR A 29 4.16 5.91 -5.75
C TYR A 29 3.86 6.13 -7.22
N ASP A 30 4.85 5.89 -8.08
CA ASP A 30 4.71 6.15 -9.51
C ASP A 30 3.54 5.37 -10.08
N THR A 31 3.38 4.13 -9.64
CA THR A 31 2.31 3.30 -10.13
C THR A 31 0.95 3.65 -9.49
N PHE A 32 0.91 3.67 -8.17
CA PHE A 32 -0.34 3.86 -7.43
C PHE A 32 -0.88 5.29 -7.54
N SER A 33 0.00 6.26 -7.71
CA SER A 33 -0.41 7.67 -7.79
C SER A 33 -1.42 7.90 -8.92
N ALA A 34 -1.33 7.07 -9.96
CA ALA A 34 -2.27 7.15 -11.08
C ALA A 34 -3.73 7.01 -10.61
N PHE A 35 -3.93 6.40 -9.45
CA PHE A 35 -5.27 6.17 -8.92
C PHE A 35 -5.70 7.32 -8.01
N GLY A 36 -4.74 8.13 -7.60
CA GLY A 36 -5.03 9.25 -6.74
C GLY A 36 -3.77 9.78 -6.08
N ASN A 37 -3.86 10.96 -5.49
CA ASN A 37 -2.72 11.54 -4.81
C ASN A 37 -2.37 10.73 -3.57
N ILE A 38 -1.08 10.55 -3.35
CA ILE A 38 -0.59 9.78 -2.23
C ILE A 38 0.14 10.69 -1.25
N LEU A 39 -0.15 10.55 0.03
CA LEU A 39 0.49 11.38 1.04
C LEU A 39 1.76 10.71 1.52
N SER A 40 1.66 9.41 1.75
CA SER A 40 2.76 8.63 2.26
C SER A 40 2.75 7.22 1.68
N CYS A 41 3.59 6.98 0.68
CA CYS A 41 3.80 5.64 0.17
C CYS A 41 5.07 5.07 0.80
N LYS A 42 5.09 3.78 1.04
CA LYS A 42 6.24 3.17 1.69
C LYS A 42 6.45 1.73 1.23
N VAL A 43 7.69 1.42 0.92
CA VAL A 43 8.12 0.06 0.67
C VAL A 43 9.07 -0.31 1.77
N VAL A 44 8.69 -1.27 2.57
CA VAL A 44 9.48 -1.64 3.71
C VAL A 44 10.57 -2.58 3.24
N CYS A 45 11.80 -2.12 3.35
CA CYS A 45 12.92 -2.82 2.74
C CYS A 45 13.74 -3.58 3.77
N ASP A 46 14.17 -4.76 3.38
CA ASP A 46 15.06 -5.55 4.20
C ASP A 46 16.49 -5.10 3.91
N GLU A 47 17.43 -5.38 4.79
CA GLU A 47 18.83 -5.04 4.50
C GLU A 47 19.33 -5.83 3.29
N ASN A 48 18.62 -6.91 2.96
CA ASN A 48 18.94 -7.71 1.79
C ASN A 48 18.14 -7.23 0.57
N GLY A 49 17.35 -6.18 0.76
CA GLY A 49 16.59 -5.61 -0.35
C GLY A 49 15.21 -5.11 0.05
N SER A 50 14.23 -6.01 0.18
CA SER A 50 12.86 -5.60 0.49
C SER A 50 12.23 -6.62 1.43
N LYS A 51 11.26 -6.18 2.23
CA LYS A 51 10.59 -7.09 3.16
C LYS A 51 9.43 -7.77 2.48
N GLY A 52 9.08 -7.27 1.31
CA GLY A 52 8.03 -7.88 0.53
C GLY A 52 6.77 -7.07 0.49
N TYR A 53 6.56 -6.23 1.49
CA TYR A 53 5.30 -5.53 1.63
C TYR A 53 5.50 -4.02 1.67
N GLY A 54 4.46 -3.32 1.24
CA GLY A 54 4.47 -1.87 1.22
C GLY A 54 3.12 -1.31 1.58
N PHE A 55 3.04 0.02 1.71
CA PHE A 55 1.80 0.66 2.12
C PHE A 55 1.56 1.94 1.31
N VAL A 56 0.31 2.19 0.93
CA VAL A 56 -0.04 3.46 0.30
C VAL A 56 -0.99 4.24 1.17
N HIS A 57 -0.65 5.48 1.41
CA HIS A 57 -1.59 6.41 1.99
C HIS A 57 -2.17 7.28 0.91
N PHE A 58 -3.42 7.02 0.55
CA PHE A 58 -4.07 7.81 -0.46
C PHE A 58 -4.74 9.01 0.16
N GLU A 59 -4.68 10.11 -0.57
CA GLU A 59 -5.30 11.36 -0.14
C GLU A 59 -6.76 11.14 0.20
N THR A 60 -7.40 10.24 -0.52
CA THR A 60 -8.80 9.94 -0.31
C THR A 60 -9.03 8.44 -0.17
N GLN A 61 -10.08 8.08 0.55
CA GLN A 61 -10.46 6.69 0.75
C GLN A 61 -10.81 6.02 -0.59
N GLU A 62 -11.44 6.77 -1.49
CA GLU A 62 -11.91 6.23 -2.76
C GLU A 62 -10.74 5.87 -3.70
N ALA A 63 -9.67 6.65 -3.66
CA ALA A 63 -8.50 6.39 -4.50
C ALA A 63 -7.83 5.08 -4.07
N ALA A 64 -7.87 4.81 -2.78
CA ALA A 64 -7.28 3.59 -2.24
C ALA A 64 -8.02 2.36 -2.75
N GLU A 65 -9.34 2.45 -2.78
CA GLU A 65 -10.18 1.36 -3.28
C GLU A 65 -9.82 1.02 -4.72
N ARG A 66 -9.58 2.05 -5.52
CA ARG A 66 -9.22 1.87 -6.92
C ARG A 66 -7.88 1.16 -7.06
N ALA A 67 -6.93 1.52 -6.20
CA ALA A 67 -5.63 0.86 -6.20
C ALA A 67 -5.78 -0.61 -5.84
N ILE A 68 -6.69 -0.92 -4.93
CA ILE A 68 -6.95 -2.28 -4.51
C ILE A 68 -7.44 -3.13 -5.68
N GLU A 69 -8.49 -2.66 -6.35
CA GLU A 69 -9.06 -3.41 -7.48
C GLU A 69 -8.07 -3.52 -8.62
N LYS A 70 -7.38 -2.45 -8.91
CA LYS A 70 -6.56 -2.36 -10.08
C LYS A 70 -5.18 -3.01 -9.90
N MET A 71 -4.59 -2.84 -8.74
CA MET A 71 -3.21 -3.29 -8.54
C MET A 71 -3.13 -4.70 -7.96
N ASN A 72 -4.19 -5.16 -7.33
CA ASN A 72 -4.19 -6.50 -6.76
C ASN A 72 -4.15 -7.53 -7.89
N GLY A 73 -3.15 -8.39 -7.87
CA GLY A 73 -3.02 -9.40 -8.91
C GLY A 73 -2.20 -8.91 -10.10
N MET A 74 -1.46 -7.83 -9.90
CA MET A 74 -0.62 -7.27 -10.95
C MET A 74 0.84 -7.67 -10.77
N LEU A 75 1.62 -7.51 -11.83
CA LEU A 75 3.03 -7.85 -11.80
C LEU A 75 3.85 -6.58 -11.72
N LEU A 76 4.41 -6.32 -10.56
CA LEU A 76 5.29 -5.19 -10.42
C LEU A 76 6.73 -5.63 -10.64
N ASN A 77 7.26 -5.27 -11.80
CA ASN A 77 8.62 -5.63 -12.22
C ASN A 77 8.72 -7.09 -12.64
N ASP A 78 8.24 -7.96 -11.79
CA ASP A 78 8.21 -9.40 -12.07
C ASP A 78 7.57 -10.19 -10.93
N ARG A 79 6.75 -9.53 -10.11
CA ARG A 79 6.12 -10.18 -8.97
C ARG A 79 4.68 -9.74 -8.84
N LYS A 80 3.79 -10.70 -8.61
CA LYS A 80 2.38 -10.39 -8.53
C LYS A 80 2.04 -9.89 -7.14
N VAL A 81 1.58 -8.66 -7.05
CA VAL A 81 1.39 -8.03 -5.76
C VAL A 81 -0.06 -8.06 -5.33
N PHE A 82 -0.24 -8.14 -4.02
CA PHE A 82 -1.56 -8.16 -3.43
C PHE A 82 -1.84 -6.82 -2.78
N VAL A 83 -2.89 -6.17 -3.23
CA VAL A 83 -3.28 -4.90 -2.64
C VAL A 83 -4.64 -5.04 -1.98
N GLY A 84 -4.71 -4.67 -0.72
CA GLY A 84 -5.96 -4.74 0.00
C GLY A 84 -6.05 -3.66 1.05
N ARG A 85 -7.12 -3.68 1.83
CA ARG A 85 -7.32 -2.70 2.88
C ARG A 85 -6.20 -2.82 3.91
N PHE A 86 -5.75 -1.69 4.42
CA PHE A 86 -4.73 -1.68 5.46
C PHE A 86 -5.21 -2.48 6.66
N LYS A 87 -4.68 -3.69 6.82
CA LYS A 87 -5.12 -4.57 7.88
C LYS A 87 -4.70 -4.03 9.24
N SER A 88 -5.71 -3.77 10.07
CA SER A 88 -5.48 -3.26 11.41
C SER A 88 -5.20 -4.42 12.35
N ARG A 89 -3.92 -4.76 12.50
CA ARG A 89 -3.53 -5.95 13.22
C ARG A 89 -3.67 -5.76 14.74
N LYS A 90 -3.95 -6.85 15.43
CA LYS A 90 -4.07 -6.82 16.88
C LYS A 90 -3.85 -8.23 17.43
N GLU A 91 -3.20 -9.05 16.62
CA GLU A 91 -2.96 -10.45 16.95
C GLU A 91 -2.14 -10.57 18.23
N ARG A 92 -2.76 -11.11 19.28
CA ARG A 92 -2.09 -11.27 20.57
C ARG A 92 -1.67 -12.71 20.75
N GLU A 93 -2.54 -13.49 21.37
CA GLU A 93 -2.30 -14.90 21.61
C GLU A 93 -3.64 -15.60 21.79
N ALA A 94 -3.96 -16.51 20.87
CA ALA A 94 -5.30 -17.14 20.82
C ALA A 94 -6.38 -16.08 20.61
N GLU A 95 -5.97 -14.95 20.06
CA GLU A 95 -6.85 -13.82 19.83
C GLU A 95 -6.35 -13.05 18.60
N GLY A 1 -18.63 10.02 -3.27
CA GLY A 1 -18.15 10.34 -1.91
C GLY A 1 -18.30 9.17 -0.96
N ALA A 2 -17.57 9.19 0.13
CA ALA A 2 -17.61 8.12 1.11
C ALA A 2 -17.25 8.65 2.49
N ASP A 3 -17.22 7.76 3.48
CA ASP A 3 -16.83 8.15 4.83
C ASP A 3 -15.35 7.81 5.04
N PRO A 4 -14.47 8.82 4.97
CA PRO A 4 -13.02 8.63 4.99
C PRO A 4 -12.52 7.90 6.23
N SER A 5 -12.79 8.47 7.41
CA SER A 5 -12.26 7.93 8.66
C SER A 5 -13.10 6.77 9.20
N LEU A 6 -14.02 6.26 8.38
CA LEU A 6 -14.85 5.14 8.80
C LEU A 6 -14.42 3.86 8.09
N ARG A 7 -14.09 3.98 6.81
CA ARG A 7 -13.69 2.82 6.03
C ARG A 7 -12.33 2.31 6.50
N LYS A 8 -11.41 3.23 6.75
CA LYS A 8 -10.12 2.87 7.34
C LYS A 8 -9.57 4.05 8.16
N SER A 9 -8.46 3.84 8.85
CA SER A 9 -7.79 4.90 9.57
C SER A 9 -6.62 5.39 8.71
N GLY A 10 -6.13 6.62 8.94
CA GLY A 10 -5.13 7.18 8.05
C GLY A 10 -5.73 7.68 6.74
N VAL A 11 -6.87 7.07 6.37
CA VAL A 11 -7.58 7.35 5.12
C VAL A 11 -6.76 6.98 3.90
N GLY A 12 -7.35 6.17 3.04
CA GLY A 12 -6.67 5.80 1.82
C GLY A 12 -5.55 4.83 2.08
N ASN A 13 -5.64 4.12 3.19
CA ASN A 13 -4.55 3.23 3.61
C ASN A 13 -4.74 1.86 2.97
N ILE A 14 -3.73 1.38 2.28
CA ILE A 14 -3.76 0.04 1.72
C ILE A 14 -2.44 -0.66 1.98
N PHE A 15 -2.43 -1.99 1.87
CA PHE A 15 -1.20 -2.74 2.05
C PHE A 15 -0.97 -3.61 0.83
N ILE A 16 0.28 -3.65 0.39
CA ILE A 16 0.66 -4.42 -0.79
C ILE A 16 1.61 -5.55 -0.39
N LYS A 17 1.37 -6.72 -0.93
CA LYS A 17 2.19 -7.90 -0.61
C LYS A 17 2.89 -8.41 -1.87
N ASN A 18 4.05 -9.06 -1.67
CA ASN A 18 4.76 -9.76 -2.75
C ASN A 18 5.48 -8.77 -3.68
N LEU A 19 5.98 -7.68 -3.11
CA LEU A 19 6.73 -6.70 -3.89
C LEU A 19 8.16 -7.16 -4.10
N ASP A 20 8.80 -6.58 -5.11
CA ASP A 20 10.17 -6.93 -5.44
C ASP A 20 11.14 -5.99 -4.74
N LYS A 21 12.33 -6.50 -4.46
CA LYS A 21 13.41 -5.73 -3.83
C LYS A 21 13.69 -4.42 -4.57
N SER A 22 13.50 -4.44 -5.88
CA SER A 22 13.77 -3.27 -6.72
C SER A 22 12.73 -2.15 -6.49
N ILE A 23 11.60 -2.49 -5.91
CA ILE A 23 10.52 -1.52 -5.72
C ILE A 23 10.90 -0.51 -4.64
N ASP A 24 10.87 0.76 -5.02
CA ASP A 24 11.18 1.86 -4.12
C ASP A 24 9.90 2.60 -3.77
N ASN A 25 10.02 3.66 -2.98
CA ASN A 25 8.85 4.42 -2.56
C ASN A 25 8.30 5.14 -3.75
N LYS A 26 9.21 5.57 -4.61
CA LYS A 26 8.89 6.29 -5.80
C LYS A 26 8.18 5.36 -6.75
N ALA A 27 8.75 4.19 -6.87
CA ALA A 27 8.23 3.17 -7.77
C ALA A 27 6.81 2.77 -7.39
N LEU A 28 6.58 2.68 -6.09
CA LEU A 28 5.27 2.39 -5.56
C LEU A 28 4.36 3.60 -5.81
N TYR A 29 4.86 4.78 -5.50
CA TYR A 29 4.11 6.02 -5.72
C TYR A 29 3.80 6.20 -7.21
N ASP A 30 4.80 5.97 -8.06
CA ASP A 30 4.67 6.19 -9.50
C ASP A 30 3.51 5.37 -10.05
N THR A 31 3.38 4.15 -9.56
CA THR A 31 2.35 3.26 -10.04
C THR A 31 0.97 3.60 -9.45
N PHE A 32 0.91 3.66 -8.12
CA PHE A 32 -0.36 3.87 -7.41
C PHE A 32 -0.91 5.29 -7.57
N SER A 33 -0.03 6.27 -7.76
CA SER A 33 -0.44 7.67 -7.88
C SER A 33 -1.43 7.87 -9.02
N ALA A 34 -1.34 7.03 -10.05
CA ALA A 34 -2.26 7.08 -11.18
C ALA A 34 -3.72 6.92 -10.72
N PHE A 35 -3.91 6.33 -9.55
CA PHE A 35 -5.24 6.08 -9.01
C PHE A 35 -5.69 7.22 -8.12
N GLY A 36 -4.75 8.05 -7.72
CA GLY A 36 -5.05 9.16 -6.85
C GLY A 36 -3.80 9.71 -6.20
N ASN A 37 -3.93 10.85 -5.54
CA ASN A 37 -2.79 11.48 -4.88
C ASN A 37 -2.42 10.70 -3.62
N ILE A 38 -1.13 10.54 -3.41
CA ILE A 38 -0.62 9.81 -2.28
C ILE A 38 0.07 10.75 -1.30
N LEU A 39 -0.26 10.65 -0.02
CA LEU A 39 0.36 11.50 0.99
C LEU A 39 1.68 10.88 1.40
N SER A 40 1.65 9.57 1.60
CA SER A 40 2.82 8.83 2.01
C SER A 40 2.80 7.43 1.40
N CYS A 41 3.90 7.02 0.82
CA CYS A 41 4.03 5.68 0.28
C CYS A 41 5.29 5.04 0.83
N LYS A 42 5.19 3.80 1.25
CA LYS A 42 6.30 3.15 1.91
C LYS A 42 6.54 1.75 1.37
N VAL A 43 7.80 1.46 1.09
CA VAL A 43 8.24 0.12 0.76
C VAL A 43 9.16 -0.34 1.86
N VAL A 44 8.70 -1.28 2.64
CA VAL A 44 9.45 -1.72 3.79
C VAL A 44 10.54 -2.67 3.33
N CYS A 45 11.77 -2.26 3.56
CA CYS A 45 12.90 -2.88 2.88
C CYS A 45 13.72 -3.76 3.82
N ASP A 46 14.08 -4.94 3.33
CA ASP A 46 14.99 -5.83 4.01
C ASP A 46 16.42 -5.44 3.63
N GLU A 47 17.40 -5.92 4.38
CA GLU A 47 18.81 -5.70 4.01
C GLU A 47 19.11 -6.34 2.65
N ASN A 48 18.30 -7.32 2.27
CA ASN A 48 18.45 -8.00 0.99
C ASN A 48 17.68 -7.28 -0.11
N GLY A 49 16.98 -6.22 0.29
CA GLY A 49 16.24 -5.42 -0.68
C GLY A 49 14.89 -4.96 -0.16
N SER A 50 13.96 -5.88 0.02
CA SER A 50 12.62 -5.53 0.46
C SER A 50 12.05 -6.60 1.38
N LYS A 51 11.14 -6.21 2.25
CA LYS A 51 10.49 -7.17 3.14
C LYS A 51 9.32 -7.80 2.41
N GLY A 52 8.98 -7.24 1.27
CA GLY A 52 7.97 -7.84 0.44
C GLY A 52 6.65 -7.09 0.47
N TYR A 53 6.52 -6.15 1.38
CA TYR A 53 5.25 -5.46 1.55
C TYR A 53 5.43 -3.94 1.62
N GLY A 54 4.41 -3.23 1.17
CA GLY A 54 4.44 -1.79 1.17
C GLY A 54 3.07 -1.22 1.52
N PHE A 55 3.03 0.07 1.82
CA PHE A 55 1.78 0.71 2.23
C PHE A 55 1.58 2.03 1.49
N VAL A 56 0.35 2.27 1.04
CA VAL A 56 0.00 3.56 0.43
C VAL A 56 -0.94 4.35 1.33
N HIS A 57 -0.66 5.63 1.47
CA HIS A 57 -1.62 6.55 2.04
C HIS A 57 -2.20 7.40 0.93
N PHE A 58 -3.42 7.13 0.55
CA PHE A 58 -4.07 7.91 -0.48
C PHE A 58 -4.78 9.10 0.11
N GLU A 59 -4.69 10.22 -0.60
CA GLU A 59 -5.34 11.46 -0.19
C GLU A 59 -6.81 11.23 0.09
N THR A 60 -7.42 10.43 -0.75
CA THR A 60 -8.82 10.09 -0.62
C THR A 60 -8.98 8.61 -0.33
N GLN A 61 -10.05 8.27 0.37
CA GLN A 61 -10.33 6.89 0.70
C GLN A 61 -10.65 6.09 -0.57
N GLU A 62 -11.33 6.73 -1.51
CA GLU A 62 -11.76 6.07 -2.74
C GLU A 62 -10.57 5.72 -3.64
N ALA A 63 -9.55 6.57 -3.66
CA ALA A 63 -8.36 6.33 -4.50
C ALA A 63 -7.65 5.06 -4.06
N ALA A 64 -7.66 4.80 -2.76
CA ALA A 64 -7.07 3.60 -2.21
C ALA A 64 -7.79 2.37 -2.71
N GLU A 65 -9.10 2.43 -2.65
CA GLU A 65 -9.95 1.33 -3.10
C GLU A 65 -9.75 1.06 -4.59
N ARG A 66 -9.49 2.13 -5.36
CA ARG A 66 -9.14 1.98 -6.77
C ARG A 66 -7.84 1.20 -6.92
N ALA A 67 -6.84 1.59 -6.13
CA ALA A 67 -5.54 0.92 -6.17
C ALA A 67 -5.68 -0.55 -5.82
N ILE A 68 -6.58 -0.84 -4.89
CA ILE A 68 -6.86 -2.21 -4.48
C ILE A 68 -7.35 -3.05 -5.66
N GLU A 69 -8.41 -2.59 -6.33
CA GLU A 69 -8.98 -3.34 -7.44
C GLU A 69 -8.01 -3.47 -8.59
N LYS A 70 -7.33 -2.39 -8.89
CA LYS A 70 -6.51 -2.32 -10.08
C LYS A 70 -5.15 -2.99 -9.92
N MET A 71 -4.55 -2.87 -8.75
CA MET A 71 -3.20 -3.37 -8.54
C MET A 71 -3.16 -4.75 -7.91
N ASN A 72 -4.27 -5.19 -7.33
CA ASN A 72 -4.29 -6.51 -6.73
C ASN A 72 -4.26 -7.58 -7.82
N GLY A 73 -3.28 -8.47 -7.73
CA GLY A 73 -3.11 -9.50 -8.74
C GLY A 73 -2.35 -8.99 -9.96
N MET A 74 -1.71 -7.85 -9.81
CA MET A 74 -0.96 -7.26 -10.91
C MET A 74 0.52 -7.55 -10.76
N LEU A 75 1.24 -7.49 -11.86
CA LEU A 75 2.66 -7.79 -11.86
C LEU A 75 3.43 -6.50 -11.76
N LEU A 76 4.07 -6.29 -10.64
CA LEU A 76 4.95 -5.16 -10.52
C LEU A 76 6.39 -5.61 -10.76
N ASN A 77 6.90 -5.26 -11.94
CA ASN A 77 8.27 -5.57 -12.35
C ASN A 77 8.44 -7.02 -12.77
N ASP A 78 7.64 -7.89 -12.19
CA ASP A 78 7.81 -9.33 -12.34
C ASP A 78 6.94 -10.11 -11.35
N ARG A 79 6.55 -9.48 -10.26
CA ARG A 79 5.90 -10.18 -9.16
C ARG A 79 4.45 -9.74 -9.02
N LYS A 80 3.59 -10.71 -8.78
CA LYS A 80 2.15 -10.45 -8.66
C LYS A 80 1.85 -9.96 -7.26
N VAL A 81 1.44 -8.71 -7.14
CA VAL A 81 1.29 -8.10 -5.83
C VAL A 81 -0.16 -8.10 -5.39
N PHE A 82 -0.33 -8.20 -4.09
CA PHE A 82 -1.65 -8.22 -3.50
C PHE A 82 -1.91 -6.89 -2.81
N VAL A 83 -2.94 -6.19 -3.25
CA VAL A 83 -3.31 -4.93 -2.62
C VAL A 83 -4.67 -5.09 -1.98
N GLY A 84 -4.75 -4.78 -0.70
CA GLY A 84 -6.00 -4.91 0.01
C GLY A 84 -6.19 -3.83 1.04
N ARG A 85 -7.22 -3.97 1.85
CA ARG A 85 -7.54 -2.98 2.87
C ARG A 85 -6.50 -3.03 3.98
N PHE A 86 -5.84 -1.91 4.23
CA PHE A 86 -4.84 -1.83 5.28
C PHE A 86 -5.47 -2.17 6.63
N LYS A 87 -4.85 -3.10 7.34
CA LYS A 87 -5.41 -3.59 8.58
C LYS A 87 -5.23 -2.56 9.69
N SER A 88 -6.21 -1.68 9.82
CA SER A 88 -6.24 -0.67 10.86
C SER A 88 -7.13 -1.14 12.01
N ARG A 89 -7.19 -2.44 12.19
CA ARG A 89 -8.05 -3.03 13.20
C ARG A 89 -7.44 -2.88 14.59
N LYS A 90 -7.61 -1.71 15.18
CA LYS A 90 -7.13 -1.44 16.53
C LYS A 90 -8.22 -1.81 17.54
N GLU A 91 -9.33 -2.33 17.02
CA GLU A 91 -10.50 -2.61 17.83
C GLU A 91 -11.44 -3.54 17.07
N ARG A 92 -12.34 -4.21 17.79
CA ARG A 92 -13.27 -5.17 17.18
C ARG A 92 -14.15 -4.52 16.11
N GLU A 93 -14.52 -3.26 16.33
CA GLU A 93 -15.44 -2.58 15.41
C GLU A 93 -14.69 -1.95 14.24
N ALA A 94 -13.42 -2.33 14.08
CA ALA A 94 -12.64 -1.91 12.93
C ALA A 94 -12.36 -3.11 12.05
N GLU A 95 -13.43 -3.71 11.53
CA GLU A 95 -13.31 -4.93 10.74
C GLU A 95 -12.81 -4.62 9.33
N GLY A 1 -23.93 -3.46 9.77
CA GLY A 1 -22.85 -3.34 8.77
C GLY A 1 -21.81 -2.33 9.19
N ALA A 2 -20.63 -2.80 9.56
CA ALA A 2 -19.57 -1.92 10.05
C ALA A 2 -18.78 -1.34 8.89
N ASP A 3 -17.98 -0.31 9.18
CA ASP A 3 -17.13 0.30 8.16
C ASP A 3 -15.67 0.15 8.54
N PRO A 4 -14.98 -0.81 7.91
CA PRO A 4 -13.58 -1.12 8.22
C PRO A 4 -12.66 0.10 8.05
N SER A 5 -13.03 0.98 7.13
CA SER A 5 -12.22 2.16 6.82
C SER A 5 -12.05 3.08 8.03
N LEU A 6 -12.98 3.01 8.99
CA LEU A 6 -12.85 3.79 10.22
C LEU A 6 -11.65 3.33 11.05
N ARG A 7 -11.17 2.12 10.76
CA ARG A 7 -10.01 1.57 11.46
C ARG A 7 -8.73 1.99 10.75
N LYS A 8 -8.88 2.65 9.61
CA LYS A 8 -7.76 3.20 8.87
C LYS A 8 -7.83 4.73 8.93
N SER A 9 -7.57 5.31 10.11
CA SER A 9 -7.69 6.75 10.32
C SER A 9 -6.73 7.54 9.43
N GLY A 10 -5.77 6.86 8.82
CA GLY A 10 -4.87 7.50 7.89
C GLY A 10 -5.58 7.90 6.60
N VAL A 11 -6.73 7.26 6.34
CA VAL A 11 -7.52 7.44 5.11
C VAL A 11 -6.77 7.00 3.86
N GLY A 12 -7.38 6.08 3.13
CA GLY A 12 -6.79 5.62 1.90
C GLY A 12 -5.62 4.70 2.13
N ASN A 13 -5.59 4.07 3.29
CA ASN A 13 -4.47 3.24 3.71
C ASN A 13 -4.67 1.83 3.17
N ILE A 14 -3.68 1.36 2.42
CA ILE A 14 -3.70 0.00 1.89
C ILE A 14 -2.34 -0.64 2.07
N PHE A 15 -2.29 -1.96 1.98
CA PHE A 15 -1.02 -2.66 2.07
C PHE A 15 -0.84 -3.56 0.84
N ILE A 16 0.40 -3.66 0.39
CA ILE A 16 0.73 -4.42 -0.79
C ILE A 16 1.69 -5.55 -0.44
N LYS A 17 1.38 -6.76 -0.88
CA LYS A 17 2.19 -7.92 -0.58
C LYS A 17 2.92 -8.41 -1.84
N ASN A 18 4.08 -9.03 -1.63
CA ASN A 18 4.79 -9.76 -2.69
C ASN A 18 5.44 -8.80 -3.69
N LEU A 19 5.88 -7.65 -3.22
CA LEU A 19 6.54 -6.67 -4.08
C LEU A 19 7.93 -7.12 -4.47
N ASP A 20 8.41 -6.61 -5.59
CA ASP A 20 9.76 -6.88 -6.04
C ASP A 20 10.75 -6.09 -5.21
N LYS A 21 11.92 -6.67 -5.00
CA LYS A 21 12.94 -6.05 -4.15
C LYS A 21 13.38 -4.69 -4.70
N SER A 22 13.35 -4.55 -6.02
CA SER A 22 13.82 -3.33 -6.66
C SER A 22 12.77 -2.22 -6.59
N ILE A 23 11.60 -2.53 -6.04
CA ILE A 23 10.55 -1.54 -5.90
C ILE A 23 10.90 -0.55 -4.79
N ASP A 24 10.85 0.73 -5.12
CA ASP A 24 11.19 1.79 -4.17
C ASP A 24 9.92 2.56 -3.81
N ASN A 25 10.06 3.60 -3.00
CA ASN A 25 8.90 4.38 -2.57
C ASN A 25 8.41 5.20 -3.74
N LYS A 26 9.37 5.59 -4.58
CA LYS A 26 9.10 6.30 -5.79
C LYS A 26 8.31 5.42 -6.72
N ALA A 27 8.82 4.20 -6.85
CA ALA A 27 8.25 3.21 -7.74
C ALA A 27 6.82 2.87 -7.35
N LEU A 28 6.62 2.70 -6.05
CA LEU A 28 5.30 2.40 -5.52
C LEU A 28 4.39 3.62 -5.74
N TYR A 29 4.89 4.79 -5.41
CA TYR A 29 4.16 6.03 -5.64
C TYR A 29 3.87 6.21 -7.12
N ASP A 30 4.88 6.01 -7.95
CA ASP A 30 4.75 6.24 -9.39
C ASP A 30 3.60 5.43 -9.98
N THR A 31 3.46 4.20 -9.51
CA THR A 31 2.42 3.32 -10.00
C THR A 31 1.05 3.67 -9.41
N PHE A 32 0.96 3.71 -8.07
CA PHE A 32 -0.32 3.89 -7.39
C PHE A 32 -0.86 5.32 -7.52
N SER A 33 0.02 6.30 -7.69
CA SER A 33 -0.38 7.70 -7.79
C SER A 33 -1.35 7.89 -8.97
N ALA A 34 -1.22 7.04 -9.98
CA ALA A 34 -2.12 7.07 -11.14
C ALA A 34 -3.59 6.92 -10.73
N PHE A 35 -3.82 6.35 -9.55
CA PHE A 35 -5.17 6.13 -9.06
C PHE A 35 -5.64 7.34 -8.25
N GLY A 36 -4.71 7.98 -7.59
CA GLY A 36 -5.03 9.16 -6.80
C GLY A 36 -3.79 9.73 -6.14
N ASN A 37 -3.90 10.96 -5.65
CA ASN A 37 -2.79 11.61 -4.97
C ASN A 37 -2.41 10.82 -3.72
N ILE A 38 -1.12 10.73 -3.48
CA ILE A 38 -0.61 9.96 -2.36
C ILE A 38 0.04 10.86 -1.34
N LEU A 39 -0.27 10.64 -0.07
CA LEU A 39 0.29 11.45 1.00
C LEU A 39 1.58 10.81 1.50
N SER A 40 1.56 9.48 1.54
CA SER A 40 2.70 8.70 2.04
C SER A 40 2.66 7.26 1.54
N CYS A 41 3.59 6.91 0.67
CA CYS A 41 3.77 5.50 0.30
C CYS A 41 5.07 4.99 0.89
N LYS A 42 5.07 3.72 1.28
CA LYS A 42 6.22 3.15 1.96
C LYS A 42 6.54 1.77 1.41
N VAL A 43 7.81 1.57 1.11
CA VAL A 43 8.35 0.26 0.81
C VAL A 43 9.32 -0.07 1.92
N VAL A 44 8.94 -1.02 2.73
CA VAL A 44 9.69 -1.32 3.93
C VAL A 44 10.91 -2.16 3.59
N CYS A 45 12.03 -1.81 4.18
CA CYS A 45 13.30 -2.38 3.76
C CYS A 45 13.69 -3.56 4.62
N ASP A 46 14.12 -4.62 3.94
CA ASP A 46 14.57 -5.82 4.60
C ASP A 46 16.05 -5.70 4.91
N GLU A 47 16.57 -6.58 5.76
CA GLU A 47 18.01 -6.65 5.98
C GLU A 47 18.72 -6.95 4.65
N ASN A 48 17.99 -7.60 3.74
CA ASN A 48 18.51 -7.91 2.41
C ASN A 48 18.12 -6.83 1.41
N GLY A 49 17.50 -5.77 1.89
CA GLY A 49 17.09 -4.70 1.01
C GLY A 49 15.61 -4.33 1.11
N SER A 50 14.73 -5.27 0.79
CA SER A 50 13.29 -4.99 0.73
C SER A 50 12.47 -6.10 1.36
N LYS A 51 11.56 -5.72 2.26
CA LYS A 51 10.82 -6.70 3.07
C LYS A 51 9.89 -7.55 2.22
N GLY A 52 9.32 -6.94 1.21
CA GLY A 52 8.39 -7.65 0.35
C GLY A 52 7.02 -7.02 0.34
N TYR A 53 6.75 -6.11 1.26
CA TYR A 53 5.44 -5.50 1.38
C TYR A 53 5.56 -3.98 1.52
N GLY A 54 4.52 -3.29 1.09
CA GLY A 54 4.52 -1.85 1.13
C GLY A 54 3.16 -1.28 1.49
N PHE A 55 3.09 0.03 1.68
CA PHE A 55 1.85 0.67 2.11
C PHE A 55 1.60 1.94 1.30
N VAL A 56 0.33 2.23 1.00
CA VAL A 56 -0.03 3.49 0.35
C VAL A 56 -0.98 4.30 1.24
N HIS A 57 -0.71 5.59 1.34
CA HIS A 57 -1.67 6.51 1.89
C HIS A 57 -2.27 7.34 0.78
N PHE A 58 -3.52 7.06 0.44
CA PHE A 58 -4.19 7.79 -0.60
C PHE A 58 -4.90 9.01 -0.06
N GLU A 59 -4.76 10.09 -0.80
CA GLU A 59 -5.40 11.37 -0.48
C GLU A 59 -6.87 11.18 -0.15
N THR A 60 -7.51 10.31 -0.89
CA THR A 60 -8.90 9.99 -0.68
C THR A 60 -9.07 8.50 -0.39
N GLN A 61 -10.12 8.18 0.35
CA GLN A 61 -10.41 6.80 0.72
C GLN A 61 -10.79 5.97 -0.53
N GLU A 62 -11.48 6.62 -1.46
CA GLU A 62 -11.92 5.94 -2.69
C GLU A 62 -10.75 5.61 -3.61
N ALA A 63 -9.72 6.48 -3.63
CA ALA A 63 -8.55 6.27 -4.47
C ALA A 63 -7.82 5.00 -4.06
N ALA A 64 -7.84 4.72 -2.76
CA ALA A 64 -7.23 3.52 -2.22
C ALA A 64 -7.93 2.28 -2.74
N GLU A 65 -9.25 2.31 -2.71
CA GLU A 65 -10.06 1.22 -3.24
C GLU A 65 -9.78 1.00 -4.71
N ARG A 66 -9.56 2.09 -5.46
CA ARG A 66 -9.19 1.98 -6.88
C ARG A 66 -7.88 1.21 -7.03
N ALA A 67 -6.91 1.54 -6.19
CA ALA A 67 -5.63 0.87 -6.21
C ALA A 67 -5.79 -0.60 -5.85
N ILE A 68 -6.70 -0.88 -4.91
CA ILE A 68 -6.96 -2.26 -4.51
C ILE A 68 -7.52 -3.07 -5.68
N GLU A 69 -8.59 -2.58 -6.31
CA GLU A 69 -9.19 -3.29 -7.42
C GLU A 69 -8.22 -3.45 -8.57
N LYS A 70 -7.50 -2.39 -8.87
CA LYS A 70 -6.68 -2.34 -10.07
C LYS A 70 -5.32 -3.01 -9.89
N MET A 71 -4.69 -2.84 -8.73
CA MET A 71 -3.33 -3.33 -8.55
C MET A 71 -3.29 -4.74 -7.95
N ASN A 72 -4.34 -5.14 -7.26
CA ASN A 72 -4.36 -6.47 -6.67
C ASN A 72 -4.38 -7.52 -7.78
N GLY A 73 -3.41 -8.42 -7.75
CA GLY A 73 -3.33 -9.46 -8.75
C GLY A 73 -2.53 -9.03 -9.97
N MET A 74 -1.89 -7.88 -9.89
CA MET A 74 -1.08 -7.37 -10.98
C MET A 74 0.38 -7.71 -10.78
N LEU A 75 1.17 -7.45 -11.82
CA LEU A 75 2.58 -7.69 -11.77
C LEU A 75 3.31 -6.38 -11.64
N LEU A 76 4.16 -6.29 -10.65
CA LEU A 76 5.07 -5.20 -10.60
C LEU A 76 6.47 -5.72 -10.86
N ASN A 77 6.98 -5.37 -12.05
CA ASN A 77 8.35 -5.71 -12.46
C ASN A 77 8.45 -7.16 -12.93
N ASP A 78 7.66 -8.01 -12.29
CA ASP A 78 7.64 -9.46 -12.55
C ASP A 78 6.84 -10.22 -11.49
N ARG A 79 6.65 -9.60 -10.32
CA ARG A 79 6.00 -10.26 -9.19
C ARG A 79 4.56 -9.81 -9.09
N LYS A 80 3.66 -10.75 -8.80
CA LYS A 80 2.25 -10.44 -8.67
C LYS A 80 1.98 -9.94 -7.25
N VAL A 81 1.47 -8.74 -7.14
CA VAL A 81 1.28 -8.12 -5.84
C VAL A 81 -0.17 -8.17 -5.41
N PHE A 82 -0.35 -8.25 -4.10
CA PHE A 82 -1.67 -8.24 -3.51
C PHE A 82 -1.90 -6.91 -2.82
N VAL A 83 -2.95 -6.21 -3.21
CA VAL A 83 -3.29 -4.93 -2.59
C VAL A 83 -4.63 -5.07 -1.88
N GLY A 84 -4.65 -4.74 -0.61
CA GLY A 84 -5.86 -4.84 0.15
C GLY A 84 -5.95 -3.78 1.22
N ARG A 85 -6.95 -3.90 2.08
CA ARG A 85 -7.17 -2.91 3.13
C ARG A 85 -6.04 -2.99 4.16
N PHE A 86 -5.53 -1.84 4.57
CA PHE A 86 -4.45 -1.79 5.55
C PHE A 86 -4.88 -2.45 6.86
N LYS A 87 -4.40 -3.66 7.08
CA LYS A 87 -4.67 -4.38 8.32
C LYS A 87 -3.38 -4.80 8.99
N SER A 88 -2.27 -4.28 8.49
CA SER A 88 -0.96 -4.68 8.96
C SER A 88 -0.22 -3.54 9.64
N ARG A 89 -0.43 -3.40 10.94
CA ARG A 89 0.26 -2.38 11.72
C ARG A 89 0.81 -2.98 13.01
N LYS A 90 1.85 -2.37 13.54
CA LYS A 90 2.41 -2.78 14.83
C LYS A 90 2.35 -1.60 15.78
N GLU A 91 2.62 -0.42 15.24
CA GLU A 91 2.53 0.83 15.97
C GLU A 91 1.87 1.85 15.06
N ARG A 92 1.29 2.90 15.62
CA ARG A 92 0.62 3.90 14.81
C ARG A 92 1.46 5.16 14.64
N GLU A 93 2.59 5.03 13.97
CA GLU A 93 3.37 6.18 13.55
C GLU A 93 3.41 6.21 12.03
N ALA A 94 3.68 7.39 11.45
CA ALA A 94 3.70 7.57 9.99
C ALA A 94 2.32 7.31 9.39
N GLU A 95 1.28 7.49 10.20
CA GLU A 95 -0.08 7.31 9.76
C GLU A 95 -0.85 8.60 9.98
N GLY A 1 -17.98 4.64 0.25
CA GLY A 1 -19.24 4.26 -0.44
C GLY A 1 -19.69 2.87 -0.05
N ALA A 2 -18.79 1.91 -0.17
CA ALA A 2 -19.09 0.53 0.20
C ALA A 2 -18.56 0.25 1.61
N ASP A 3 -18.43 1.31 2.39
CA ASP A 3 -17.88 1.22 3.72
C ASP A 3 -18.98 1.27 4.78
N PRO A 4 -18.98 0.31 5.71
CA PRO A 4 -19.85 0.35 6.88
C PRO A 4 -19.36 1.40 7.87
N SER A 5 -18.19 1.15 8.45
CA SER A 5 -17.50 2.11 9.31
C SER A 5 -16.00 1.79 9.32
N LEU A 6 -15.26 2.38 8.40
CA LEU A 6 -13.83 2.12 8.30
C LEU A 6 -13.08 2.90 9.38
N ARG A 7 -12.24 2.22 10.15
CA ARG A 7 -11.47 2.88 11.19
C ARG A 7 -10.01 2.99 10.78
N LYS A 8 -9.79 3.05 9.46
CA LYS A 8 -8.47 3.35 8.92
C LYS A 8 -8.25 4.87 9.00
N SER A 9 -7.87 5.37 10.18
CA SER A 9 -7.81 6.80 10.44
C SER A 9 -6.83 7.53 9.52
N GLY A 10 -5.92 6.80 8.89
CA GLY A 10 -5.02 7.40 7.94
C GLY A 10 -5.74 7.84 6.67
N VAL A 11 -6.87 7.17 6.37
CA VAL A 11 -7.66 7.40 5.15
C VAL A 11 -6.90 7.01 3.89
N GLY A 12 -7.51 6.16 3.09
CA GLY A 12 -6.88 5.78 1.83
C GLY A 12 -5.70 4.88 2.05
N ASN A 13 -5.71 4.20 3.18
CA ASN A 13 -4.58 3.37 3.59
C ASN A 13 -4.76 1.97 3.00
N ILE A 14 -3.76 1.49 2.28
CA ILE A 14 -3.78 0.13 1.73
C ILE A 14 -2.44 -0.53 1.97
N PHE A 15 -2.40 -1.86 1.87
CA PHE A 15 -1.15 -2.59 2.01
C PHE A 15 -0.94 -3.49 0.80
N ILE A 16 0.31 -3.56 0.35
CA ILE A 16 0.67 -4.33 -0.83
C ILE A 16 1.59 -5.47 -0.43
N LYS A 17 1.42 -6.63 -1.06
CA LYS A 17 2.20 -7.81 -0.73
C LYS A 17 2.92 -8.34 -1.97
N ASN A 18 4.10 -8.93 -1.75
CA ASN A 18 4.88 -9.59 -2.80
C ASN A 18 5.52 -8.57 -3.76
N LEU A 19 6.16 -7.56 -3.20
CA LEU A 19 6.89 -6.58 -4.00
C LEU A 19 8.34 -7.01 -4.19
N ASP A 20 8.98 -6.43 -5.19
CA ASP A 20 10.37 -6.75 -5.49
C ASP A 20 11.29 -5.76 -4.80
N LYS A 21 12.53 -6.17 -4.55
CA LYS A 21 13.51 -5.32 -3.90
C LYS A 21 13.78 -4.04 -4.68
N SER A 22 13.61 -4.10 -6.00
CA SER A 22 13.81 -2.94 -6.85
C SER A 22 12.70 -1.90 -6.69
N ILE A 23 11.64 -2.25 -5.96
CA ILE A 23 10.54 -1.34 -5.72
C ILE A 23 10.86 -0.43 -4.56
N ASP A 24 10.92 0.87 -4.83
CA ASP A 24 11.17 1.88 -3.81
C ASP A 24 9.89 2.66 -3.58
N ASN A 25 9.93 3.68 -2.74
CA ASN A 25 8.73 4.45 -2.42
C ASN A 25 8.27 5.19 -3.66
N LYS A 26 9.25 5.53 -4.47
CA LYS A 26 9.04 6.23 -5.70
C LYS A 26 8.31 5.33 -6.67
N ALA A 27 8.85 4.13 -6.80
CA ALA A 27 8.32 3.13 -7.71
C ALA A 27 6.89 2.76 -7.33
N LEU A 28 6.66 2.66 -6.03
CA LEU A 28 5.35 2.37 -5.51
C LEU A 28 4.42 3.56 -5.78
N TYR A 29 4.91 4.75 -5.47
CA TYR A 29 4.18 5.98 -5.76
C TYR A 29 3.91 6.11 -7.25
N ASP A 30 4.94 5.87 -8.06
CA ASP A 30 4.83 6.04 -9.49
C ASP A 30 3.69 5.21 -10.08
N THR A 31 3.53 4.01 -9.55
CA THR A 31 2.49 3.12 -10.03
C THR A 31 1.10 3.48 -9.47
N PHE A 32 1.00 3.57 -8.15
CA PHE A 32 -0.30 3.77 -7.47
C PHE A 32 -0.84 5.20 -7.64
N SER A 33 0.05 6.18 -7.83
CA SER A 33 -0.34 7.60 -7.91
C SER A 33 -1.38 7.84 -9.01
N ALA A 34 -1.36 7.01 -10.05
CA ALA A 34 -2.33 7.13 -11.13
C ALA A 34 -3.78 7.01 -10.62
N PHE A 35 -3.95 6.41 -9.45
CA PHE A 35 -5.29 6.18 -8.90
C PHE A 35 -5.71 7.33 -7.98
N GLY A 36 -4.77 8.18 -7.62
CA GLY A 36 -5.06 9.31 -6.76
C GLY A 36 -3.82 9.85 -6.10
N ASN A 37 -3.94 10.97 -5.40
CA ASN A 37 -2.79 11.58 -4.73
C ASN A 37 -2.38 10.74 -3.52
N ILE A 38 -1.08 10.58 -3.35
CA ILE A 38 -0.55 9.81 -2.25
C ILE A 38 0.17 10.73 -1.27
N LEU A 39 -0.16 10.61 0.01
CA LEU A 39 0.45 11.46 1.02
C LEU A 39 1.73 10.82 1.51
N SER A 40 1.69 9.50 1.64
CA SER A 40 2.81 8.76 2.18
C SER A 40 2.84 7.33 1.64
N CYS A 41 3.75 7.07 0.72
CA CYS A 41 3.94 5.71 0.22
C CYS A 41 5.20 5.12 0.83
N LYS A 42 5.16 3.84 1.15
CA LYS A 42 6.29 3.22 1.82
C LYS A 42 6.51 1.79 1.35
N VAL A 43 7.75 1.49 1.02
CA VAL A 43 8.20 0.14 0.73
C VAL A 43 9.18 -0.23 1.81
N VAL A 44 8.78 -1.14 2.66
CA VAL A 44 9.56 -1.49 3.81
C VAL A 44 10.73 -2.35 3.39
N CYS A 45 11.94 -1.89 3.66
CA CYS A 45 13.13 -2.45 3.04
C CYS A 45 13.82 -3.48 3.92
N ASP A 46 14.17 -4.58 3.28
CA ASP A 46 14.96 -5.63 3.92
C ASP A 46 16.43 -5.29 3.73
N GLU A 47 17.31 -5.97 4.45
CA GLU A 47 18.75 -5.82 4.21
C GLU A 47 19.09 -6.18 2.77
N ASN A 48 18.25 -7.02 2.16
CA ASN A 48 18.44 -7.48 0.79
C ASN A 48 17.72 -6.59 -0.19
N GLY A 49 17.01 -5.58 0.31
CA GLY A 49 16.26 -4.69 -0.56
C GLY A 49 14.88 -4.36 -0.04
N SER A 50 13.98 -5.34 0.00
CA SER A 50 12.60 -5.09 0.43
C SER A 50 12.07 -6.26 1.26
N LYS A 51 11.19 -5.96 2.20
CA LYS A 51 10.62 -6.99 3.06
C LYS A 51 9.46 -7.69 2.37
N GLY A 52 9.11 -7.17 1.21
CA GLY A 52 8.08 -7.81 0.41
C GLY A 52 6.78 -7.04 0.37
N TYR A 53 6.55 -6.18 1.35
CA TYR A 53 5.27 -5.51 1.46
C TYR A 53 5.43 -3.99 1.58
N GLY A 54 4.43 -3.27 1.11
CA GLY A 54 4.47 -1.82 1.15
C GLY A 54 3.11 -1.25 1.48
N PHE A 55 3.05 0.06 1.70
CA PHE A 55 1.81 0.72 2.10
C PHE A 55 1.60 2.00 1.31
N VAL A 56 0.36 2.25 0.88
CA VAL A 56 0.01 3.52 0.26
C VAL A 56 -0.90 4.32 1.17
N HIS A 57 -0.60 5.59 1.33
CA HIS A 57 -1.52 6.52 1.94
C HIS A 57 -2.14 7.37 0.86
N PHE A 58 -3.39 7.11 0.53
CA PHE A 58 -4.09 7.89 -0.48
C PHE A 58 -4.79 9.06 0.16
N GLU A 59 -4.71 10.18 -0.54
CA GLU A 59 -5.38 11.42 -0.10
C GLU A 59 -6.84 11.15 0.20
N THR A 60 -7.46 10.42 -0.70
CA THR A 60 -8.86 10.08 -0.58
C THR A 60 -9.05 8.60 -0.30
N GLN A 61 -10.13 8.26 0.39
CA GLN A 61 -10.43 6.88 0.73
C GLN A 61 -10.81 6.10 -0.53
N GLU A 62 -11.48 6.77 -1.46
CA GLU A 62 -11.97 6.12 -2.67
C GLU A 62 -10.82 5.74 -3.62
N ALA A 63 -9.77 6.57 -3.64
CA ALA A 63 -8.62 6.31 -4.51
C ALA A 63 -7.91 5.04 -4.11
N ALA A 64 -7.88 4.79 -2.81
CA ALA A 64 -7.26 3.59 -2.26
C ALA A 64 -7.97 2.35 -2.75
N GLU A 65 -9.30 2.38 -2.72
CA GLU A 65 -10.11 1.26 -3.18
C GLU A 65 -9.83 0.96 -4.65
N ARG A 66 -9.61 2.01 -5.44
CA ARG A 66 -9.26 1.86 -6.85
C ARG A 66 -7.93 1.11 -6.99
N ALA A 67 -6.95 1.53 -6.19
CA ALA A 67 -5.65 0.88 -6.20
C ALA A 67 -5.76 -0.59 -5.81
N ILE A 68 -6.66 -0.87 -4.88
CA ILE A 68 -6.89 -2.23 -4.43
C ILE A 68 -7.38 -3.12 -5.58
N GLU A 69 -8.45 -2.72 -6.24
CA GLU A 69 -9.00 -3.50 -7.34
C GLU A 69 -8.03 -3.61 -8.50
N LYS A 70 -7.41 -2.50 -8.82
CA LYS A 70 -6.63 -2.38 -10.03
C LYS A 70 -5.25 -3.01 -9.89
N MET A 71 -4.63 -2.87 -8.74
CA MET A 71 -3.25 -3.34 -8.56
C MET A 71 -3.20 -4.75 -8.01
N ASN A 72 -4.25 -5.17 -7.31
CA ASN A 72 -4.27 -6.51 -6.73
C ASN A 72 -4.26 -7.55 -7.84
N GLY A 73 -3.28 -8.45 -7.80
CA GLY A 73 -3.20 -9.49 -8.80
C GLY A 73 -2.41 -9.07 -10.02
N MET A 74 -1.67 -7.99 -9.92
CA MET A 74 -0.87 -7.50 -11.04
C MET A 74 0.62 -7.74 -10.82
N LEU A 75 1.38 -7.68 -11.89
CA LEU A 75 2.81 -7.94 -11.84
C LEU A 75 3.56 -6.64 -11.77
N LEU A 76 4.13 -6.34 -10.64
CA LEU A 76 5.00 -5.20 -10.55
C LEU A 76 6.43 -5.66 -10.77
N ASN A 77 6.98 -5.26 -11.90
CA ASN A 77 8.32 -5.68 -12.33
C ASN A 77 8.31 -7.13 -12.77
N ASP A 78 8.10 -8.02 -11.83
CA ASP A 78 8.08 -9.45 -12.10
C ASP A 78 7.39 -10.22 -10.96
N ARG A 79 6.68 -9.51 -10.10
CA ARG A 79 6.05 -10.15 -8.95
C ARG A 79 4.60 -9.71 -8.86
N LYS A 80 3.71 -10.67 -8.65
CA LYS A 80 2.29 -10.37 -8.55
C LYS A 80 1.99 -9.83 -7.17
N VAL A 81 1.49 -8.62 -7.12
CA VAL A 81 1.29 -7.95 -5.85
C VAL A 81 -0.17 -8.01 -5.42
N PHE A 82 -0.37 -8.19 -4.13
CA PHE A 82 -1.70 -8.22 -3.57
C PHE A 82 -1.94 -6.94 -2.79
N VAL A 83 -2.98 -6.22 -3.18
CA VAL A 83 -3.33 -4.99 -2.52
C VAL A 83 -4.70 -5.13 -1.86
N GLY A 84 -4.76 -4.84 -0.58
CA GLY A 84 -6.01 -4.95 0.15
C GLY A 84 -6.20 -3.82 1.13
N ARG A 85 -7.16 -3.98 2.03
CA ARG A 85 -7.48 -2.94 2.99
C ARG A 85 -6.44 -2.93 4.11
N PHE A 86 -6.03 -1.74 4.51
CA PHE A 86 -5.02 -1.59 5.54
C PHE A 86 -5.63 -1.87 6.90
N LYS A 87 -4.96 -2.70 7.70
CA LYS A 87 -5.49 -3.13 8.99
C LYS A 87 -5.89 -1.95 9.87
N SER A 88 -4.95 -1.02 10.04
CA SER A 88 -5.15 0.15 10.90
C SER A 88 -5.12 -0.26 12.37
N ARG A 89 -5.02 0.71 13.25
CA ARG A 89 -5.01 0.43 14.68
C ARG A 89 -6.44 0.25 15.17
N LYS A 90 -7.35 1.11 14.69
CA LYS A 90 -8.78 1.01 15.00
C LYS A 90 -9.09 1.47 16.42
N GLU A 91 -8.21 1.16 17.37
CA GLU A 91 -8.38 1.58 18.76
C GLU A 91 -8.06 3.07 18.94
N ARG A 92 -8.29 3.84 17.89
CA ARG A 92 -8.15 5.29 17.96
C ARG A 92 -9.49 5.89 18.39
N GLU A 93 -10.52 5.04 18.37
CA GLU A 93 -11.87 5.44 18.71
C GLU A 93 -12.71 4.19 18.97
N ALA A 94 -13.02 3.94 20.24
CA ALA A 94 -13.69 2.71 20.64
C ALA A 94 -15.19 2.79 20.43
N GLU A 95 -15.69 1.88 19.60
CA GLU A 95 -17.12 1.77 19.35
C GLU A 95 -17.44 0.37 18.85
N GLY A 1 -0.59 5.85 16.39
CA GLY A 1 0.27 5.41 17.51
C GLY A 1 -0.51 5.26 18.79
N ALA A 2 -1.17 6.32 19.23
CA ALA A 2 -2.02 6.27 20.41
C ALA A 2 -3.38 5.71 20.05
N ASP A 3 -3.38 4.48 19.59
CA ASP A 3 -4.59 3.83 19.10
C ASP A 3 -4.38 2.32 19.12
N PRO A 4 -5.45 1.55 19.39
CA PRO A 4 -5.40 0.09 19.28
C PRO A 4 -5.12 -0.36 17.86
N SER A 5 -6.03 -0.03 16.94
CA SER A 5 -5.89 -0.45 15.55
C SER A 5 -6.45 0.60 14.58
N LEU A 6 -6.09 1.87 14.78
CA LEU A 6 -6.61 2.94 13.93
C LEU A 6 -5.57 3.36 12.91
N ARG A 7 -4.61 2.49 12.63
CA ARG A 7 -3.59 2.75 11.61
C ARG A 7 -4.21 2.84 10.22
N LYS A 8 -5.47 2.43 10.11
CA LYS A 8 -6.20 2.46 8.85
C LYS A 8 -6.91 3.80 8.67
N SER A 9 -6.99 4.56 9.75
CA SER A 9 -7.74 5.81 9.77
C SER A 9 -6.89 6.97 9.23
N GLY A 10 -5.86 6.63 8.47
CA GLY A 10 -5.06 7.66 7.83
C GLY A 10 -5.68 8.09 6.50
N VAL A 11 -6.85 7.52 6.20
CA VAL A 11 -7.57 7.73 4.95
C VAL A 11 -6.79 7.21 3.75
N GLY A 12 -7.39 6.27 3.06
CA GLY A 12 -6.78 5.77 1.85
C GLY A 12 -5.63 4.83 2.14
N ASN A 13 -5.67 4.20 3.31
CA ASN A 13 -4.55 3.39 3.77
C ASN A 13 -4.72 1.96 3.27
N ILE A 14 -3.72 1.46 2.56
CA ILE A 14 -3.75 0.10 2.04
C ILE A 14 -2.40 -0.57 2.25
N PHE A 15 -2.36 -1.89 2.12
CA PHE A 15 -1.10 -2.61 2.20
C PHE A 15 -0.94 -3.49 0.96
N ILE A 16 0.31 -3.68 0.55
CA ILE A 16 0.63 -4.44 -0.65
C ILE A 16 1.57 -5.59 -0.29
N LYS A 17 1.31 -6.77 -0.84
CA LYS A 17 2.12 -7.95 -0.57
C LYS A 17 2.82 -8.44 -1.84
N ASN A 18 3.98 -9.06 -1.66
CA ASN A 18 4.70 -9.75 -2.73
C ASN A 18 5.35 -8.76 -3.71
N LEU A 19 5.88 -7.67 -3.17
CA LEU A 19 6.58 -6.69 -3.98
C LEU A 19 7.99 -7.15 -4.33
N ASP A 20 8.53 -6.58 -5.40
CA ASP A 20 9.87 -6.91 -5.86
C ASP A 20 10.91 -6.09 -5.11
N LYS A 21 12.10 -6.66 -4.97
CA LYS A 21 13.20 -6.03 -4.22
C LYS A 21 13.58 -4.66 -4.79
N SER A 22 13.40 -4.47 -6.09
CA SER A 22 13.80 -3.22 -6.73
C SER A 22 12.74 -2.13 -6.58
N ILE A 23 11.60 -2.46 -5.98
CA ILE A 23 10.54 -1.48 -5.80
C ILE A 23 10.91 -0.48 -4.71
N ASP A 24 10.81 0.80 -5.04
CA ASP A 24 11.09 1.88 -4.11
C ASP A 24 9.81 2.63 -3.81
N ASN A 25 9.89 3.68 -3.00
CA ASN A 25 8.71 4.44 -2.62
C ASN A 25 8.23 5.23 -3.81
N LYS A 26 9.18 5.62 -4.64
CA LYS A 26 8.91 6.36 -5.83
C LYS A 26 8.17 5.47 -6.79
N ALA A 27 8.70 4.27 -6.93
CA ALA A 27 8.14 3.28 -7.85
C ALA A 27 6.73 2.91 -7.45
N LEU A 28 6.53 2.70 -6.16
CA LEU A 28 5.21 2.41 -5.64
C LEU A 28 4.30 3.62 -5.85
N TYR A 29 4.81 4.79 -5.51
CA TYR A 29 4.08 6.03 -5.70
C TYR A 29 3.75 6.24 -7.16
N ASP A 30 4.73 6.10 -8.03
CA ASP A 30 4.55 6.40 -9.45
C ASP A 30 3.42 5.55 -10.04
N THR A 31 3.35 4.31 -9.60
CA THR A 31 2.35 3.38 -10.11
C THR A 31 0.97 3.66 -9.49
N PHE A 32 0.90 3.70 -8.17
CA PHE A 32 -0.38 3.85 -7.46
C PHE A 32 -0.95 5.27 -7.60
N SER A 33 -0.07 6.26 -7.77
CA SER A 33 -0.49 7.67 -7.87
C SER A 33 -1.47 7.88 -9.01
N ALA A 34 -1.37 7.06 -10.05
CA ALA A 34 -2.30 7.12 -11.18
C ALA A 34 -3.75 6.95 -10.73
N PHE A 35 -3.94 6.32 -9.57
CA PHE A 35 -5.27 6.08 -9.02
C PHE A 35 -5.70 7.24 -8.14
N GLY A 36 -4.72 8.01 -7.67
CA GLY A 36 -4.97 9.14 -6.82
C GLY A 36 -3.71 9.63 -6.17
N ASN A 37 -3.71 10.85 -5.67
CA ASN A 37 -2.54 11.40 -5.01
C ASN A 37 -2.23 10.62 -3.75
N ILE A 38 -0.96 10.44 -3.48
CA ILE A 38 -0.51 9.69 -2.33
C ILE A 38 0.19 10.62 -1.34
N LEU A 39 -0.13 10.51 -0.07
CA LEU A 39 0.45 11.37 0.94
C LEU A 39 1.73 10.73 1.45
N SER A 40 1.64 9.46 1.78
CA SER A 40 2.75 8.72 2.35
C SER A 40 2.77 7.29 1.85
N CYS A 41 3.65 7.01 0.90
CA CYS A 41 3.86 5.65 0.44
C CYS A 41 5.12 5.08 1.06
N LYS A 42 5.15 3.76 1.22
CA LYS A 42 6.29 3.11 1.85
C LYS A 42 6.48 1.70 1.31
N VAL A 43 7.72 1.39 0.94
CA VAL A 43 8.13 0.06 0.58
C VAL A 43 9.12 -0.40 1.63
N VAL A 44 8.72 -1.33 2.44
CA VAL A 44 9.54 -1.77 3.55
C VAL A 44 10.64 -2.67 3.03
N CYS A 45 11.88 -2.22 3.18
CA CYS A 45 12.99 -2.79 2.45
C CYS A 45 13.82 -3.78 3.27
N ASP A 46 14.16 -4.88 2.64
CA ASP A 46 15.10 -5.83 3.18
C ASP A 46 16.49 -5.39 2.77
N GLU A 47 17.54 -5.92 3.39
CA GLU A 47 18.90 -5.58 2.98
C GLU A 47 19.17 -6.06 1.55
N ASN A 48 18.37 -7.04 1.11
CA ASN A 48 18.49 -7.58 -0.23
C ASN A 48 17.59 -6.83 -1.20
N GLY A 49 16.86 -5.84 -0.69
CA GLY A 49 16.02 -5.02 -1.53
C GLY A 49 14.70 -4.64 -0.86
N SER A 50 13.79 -5.58 -0.73
CA SER A 50 12.47 -5.29 -0.16
C SER A 50 12.02 -6.46 0.69
N LYS A 51 11.21 -6.17 1.72
CA LYS A 51 10.71 -7.21 2.59
C LYS A 51 9.50 -7.88 1.96
N GLY A 52 9.01 -7.28 0.89
CA GLY A 52 7.93 -7.88 0.15
C GLY A 52 6.62 -7.13 0.31
N TYR A 53 6.54 -6.24 1.28
CA TYR A 53 5.29 -5.57 1.56
C TYR A 53 5.46 -4.06 1.65
N GLY A 54 4.41 -3.35 1.25
CA GLY A 54 4.43 -1.91 1.27
C GLY A 54 3.08 -1.35 1.68
N PHE A 55 3.01 -0.04 1.84
CA PHE A 55 1.77 0.62 2.27
C PHE A 55 1.55 1.90 1.50
N VAL A 56 0.29 2.21 1.18
CA VAL A 56 -0.04 3.48 0.53
C VAL A 56 -0.98 4.31 1.39
N HIS A 57 -0.68 5.58 1.50
CA HIS A 57 -1.62 6.55 2.04
C HIS A 57 -2.20 7.36 0.89
N PHE A 58 -3.44 7.10 0.53
CA PHE A 58 -4.06 7.83 -0.56
C PHE A 58 -4.75 9.08 -0.07
N GLU A 59 -4.52 10.15 -0.81
CA GLU A 59 -5.15 11.46 -0.56
C GLU A 59 -6.64 11.29 -0.34
N THR A 60 -7.23 10.48 -1.19
CA THR A 60 -8.65 10.18 -1.11
C THR A 60 -8.87 8.71 -0.79
N GLN A 61 -9.89 8.46 0.03
CA GLN A 61 -10.24 7.11 0.46
C GLN A 61 -10.61 6.24 -0.72
N GLU A 62 -11.33 6.81 -1.69
CA GLU A 62 -11.76 6.06 -2.87
C GLU A 62 -10.58 5.68 -3.76
N ALA A 63 -9.56 6.52 -3.81
CA ALA A 63 -8.39 6.24 -4.63
C ALA A 63 -7.69 4.98 -4.15
N ALA A 64 -7.72 4.78 -2.84
CA ALA A 64 -7.16 3.58 -2.23
C ALA A 64 -7.86 2.34 -2.73
N GLU A 65 -9.18 2.38 -2.73
CA GLU A 65 -10.00 1.29 -3.24
C GLU A 65 -9.68 1.02 -4.70
N ARG A 66 -9.48 2.09 -5.48
CA ARG A 66 -9.09 1.95 -6.89
C ARG A 66 -7.77 1.20 -7.01
N ALA A 67 -6.81 1.53 -6.14
CA ALA A 67 -5.53 0.87 -6.14
C ALA A 67 -5.68 -0.61 -5.78
N ILE A 68 -6.58 -0.88 -4.85
CA ILE A 68 -6.85 -2.25 -4.41
C ILE A 68 -7.38 -3.10 -5.57
N GLU A 69 -8.40 -2.60 -6.26
CA GLU A 69 -8.97 -3.33 -7.39
C GLU A 69 -7.98 -3.47 -8.53
N LYS A 70 -7.28 -2.39 -8.82
CA LYS A 70 -6.47 -2.30 -10.02
C LYS A 70 -5.10 -2.97 -9.85
N MET A 71 -4.48 -2.81 -8.70
CA MET A 71 -3.11 -3.29 -8.53
C MET A 71 -3.07 -4.72 -8.00
N ASN A 72 -4.16 -5.16 -7.39
CA ASN A 72 -4.22 -6.52 -6.89
C ASN A 72 -4.15 -7.49 -8.07
N GLY A 73 -3.20 -8.39 -8.04
CA GLY A 73 -3.07 -9.38 -9.10
C GLY A 73 -2.31 -8.85 -10.30
N MET A 74 -1.43 -7.89 -10.09
CA MET A 74 -0.60 -7.35 -11.14
C MET A 74 0.86 -7.67 -10.89
N LEU A 75 1.67 -7.69 -11.96
CA LEU A 75 3.07 -7.99 -11.84
C LEU A 75 3.86 -6.73 -11.74
N LEU A 76 4.43 -6.48 -10.60
CA LEU A 76 5.32 -5.36 -10.47
C LEU A 76 6.75 -5.82 -10.62
N ASN A 77 7.29 -5.61 -11.83
CA ASN A 77 8.67 -5.95 -12.19
C ASN A 77 8.89 -7.43 -12.45
N ASP A 78 8.04 -8.25 -11.85
CA ASP A 78 8.16 -9.71 -11.94
C ASP A 78 7.21 -10.41 -10.97
N ARG A 79 6.81 -9.72 -9.92
CA ARG A 79 6.06 -10.33 -8.84
C ARG A 79 4.62 -9.83 -8.81
N LYS A 80 3.69 -10.75 -8.64
CA LYS A 80 2.28 -10.42 -8.60
C LYS A 80 1.91 -9.93 -7.22
N VAL A 81 1.48 -8.69 -7.13
CA VAL A 81 1.28 -8.07 -5.82
C VAL A 81 -0.17 -8.09 -5.41
N PHE A 82 -0.37 -8.20 -4.11
CA PHE A 82 -1.68 -8.23 -3.52
C PHE A 82 -1.93 -6.89 -2.83
N VAL A 83 -2.96 -6.19 -3.27
CA VAL A 83 -3.32 -4.94 -2.66
C VAL A 83 -4.67 -5.08 -2.00
N GLY A 84 -4.73 -4.77 -0.72
CA GLY A 84 -5.97 -4.89 0.01
C GLY A 84 -6.09 -3.81 1.05
N ARG A 85 -7.09 -3.94 1.91
CA ARG A 85 -7.32 -2.96 2.96
C ARG A 85 -6.20 -3.07 3.98
N PHE A 86 -5.81 -1.93 4.56
CA PHE A 86 -4.69 -1.88 5.49
C PHE A 86 -4.87 -2.89 6.63
N LYS A 87 -3.77 -3.53 7.01
CA LYS A 87 -3.77 -4.71 7.87
C LYS A 87 -4.02 -4.39 9.35
N SER A 88 -4.46 -3.18 9.66
CA SER A 88 -4.68 -2.81 11.06
C SER A 88 -6.02 -3.35 11.55
N ARG A 89 -6.71 -4.09 10.70
CA ARG A 89 -7.97 -4.73 11.07
C ARG A 89 -7.70 -5.98 11.91
N LYS A 90 -6.43 -6.28 12.11
CA LYS A 90 -6.04 -7.47 12.86
C LYS A 90 -6.00 -7.16 14.36
N GLU A 91 -7.16 -7.17 14.98
CA GLU A 91 -7.28 -7.08 16.43
C GLU A 91 -8.39 -8.04 16.86
N ARG A 92 -9.41 -8.10 16.03
CA ARG A 92 -10.47 -9.08 16.16
C ARG A 92 -10.58 -9.84 14.85
N GLU A 93 -10.10 -11.07 14.83
CA GLU A 93 -10.07 -11.83 13.59
C GLU A 93 -10.98 -13.05 13.68
N ALA A 94 -12.22 -12.86 13.24
CA ALA A 94 -13.18 -13.93 13.16
C ALA A 94 -13.62 -14.11 11.71
N GLU A 95 -12.69 -13.85 10.80
CA GLU A 95 -12.97 -13.89 9.37
C GLU A 95 -12.16 -15.01 8.72
N GLY A 1 -9.17 -7.53 6.82
CA GLY A 1 -9.55 -8.92 6.46
C GLY A 1 -10.29 -9.63 7.59
N ALA A 2 -10.43 -8.94 8.70
CA ALA A 2 -11.20 -9.46 9.83
C ALA A 2 -12.20 -8.38 10.26
N ASP A 3 -12.65 -7.64 9.26
CA ASP A 3 -13.44 -6.44 9.47
C ASP A 3 -14.31 -6.18 8.25
N PRO A 4 -15.52 -5.67 8.45
CA PRO A 4 -16.37 -5.22 7.35
C PRO A 4 -15.70 -4.09 6.58
N SER A 5 -15.37 -3.03 7.31
CA SER A 5 -14.62 -1.92 6.76
C SER A 5 -14.12 -1.02 7.88
N LEU A 6 -12.92 -1.28 8.38
CA LEU A 6 -12.29 -0.42 9.38
C LEU A 6 -12.19 1.00 8.82
N ARG A 7 -12.44 2.00 9.66
CA ARG A 7 -12.54 3.39 9.19
C ARG A 7 -11.18 3.92 8.73
N LYS A 8 -10.10 3.42 9.34
CA LYS A 8 -8.74 3.79 8.92
C LYS A 8 -8.48 5.29 9.11
N SER A 9 -8.00 5.71 10.29
CA SER A 9 -7.75 7.12 10.57
C SER A 9 -6.64 7.68 9.68
N GLY A 10 -5.89 6.81 9.03
CA GLY A 10 -4.88 7.24 8.08
C GLY A 10 -5.52 7.71 6.77
N VAL A 11 -6.68 7.11 6.44
CA VAL A 11 -7.41 7.38 5.19
C VAL A 11 -6.62 6.99 3.95
N GLY A 12 -7.23 6.14 3.13
CA GLY A 12 -6.61 5.74 1.88
C GLY A 12 -5.47 4.77 2.11
N ASN A 13 -5.50 4.09 3.23
CA ASN A 13 -4.42 3.19 3.63
C ASN A 13 -4.66 1.83 3.00
N ILE A 14 -3.66 1.35 2.26
CA ILE A 14 -3.72 0.02 1.67
C ILE A 14 -2.39 -0.67 1.86
N PHE A 15 -2.41 -1.99 1.92
CA PHE A 15 -1.18 -2.75 2.10
C PHE A 15 -0.93 -3.63 0.88
N ILE A 16 0.31 -3.64 0.45
CA ILE A 16 0.71 -4.39 -0.74
C ILE A 16 1.68 -5.50 -0.36
N LYS A 17 1.46 -6.69 -0.90
CA LYS A 17 2.31 -7.83 -0.60
C LYS A 17 2.99 -8.35 -1.86
N ASN A 18 4.16 -8.95 -1.68
CA ASN A 18 4.85 -9.69 -2.74
C ASN A 18 5.52 -8.73 -3.73
N LEU A 19 6.01 -7.61 -3.23
CA LEU A 19 6.72 -6.64 -4.05
C LEU A 19 8.13 -7.11 -4.36
N ASP A 20 8.75 -6.52 -5.37
CA ASP A 20 10.11 -6.87 -5.76
C ASP A 20 11.10 -5.94 -5.06
N LYS A 21 12.31 -6.44 -4.85
CA LYS A 21 13.38 -5.68 -4.18
C LYS A 21 13.68 -4.36 -4.91
N SER A 22 13.47 -4.36 -6.22
CA SER A 22 13.74 -3.17 -7.03
C SER A 22 12.71 -2.07 -6.78
N ILE A 23 11.60 -2.41 -6.15
CA ILE A 23 10.52 -1.45 -5.94
C ILE A 23 10.86 -0.49 -4.80
N ASP A 24 10.84 0.80 -5.11
CA ASP A 24 11.13 1.84 -4.15
C ASP A 24 9.83 2.59 -3.83
N ASN A 25 9.92 3.62 -3.00
CA ASN A 25 8.74 4.37 -2.59
C ASN A 25 8.24 5.18 -3.76
N LYS A 26 9.20 5.62 -4.56
CA LYS A 26 8.92 6.36 -5.74
C LYS A 26 8.21 5.50 -6.72
N ALA A 27 8.74 4.30 -6.88
CA ALA A 27 8.21 3.31 -7.80
C ALA A 27 6.78 2.94 -7.40
N LEU A 28 6.58 2.73 -6.11
CA LEU A 28 5.27 2.41 -5.59
C LEU A 28 4.34 3.60 -5.81
N TYR A 29 4.83 4.80 -5.49
CA TYR A 29 4.09 6.02 -5.72
C TYR A 29 3.78 6.18 -7.20
N ASP A 30 4.80 6.02 -8.04
CA ASP A 30 4.67 6.24 -9.48
C ASP A 30 3.56 5.37 -10.07
N THR A 31 3.45 4.16 -9.57
CA THR A 31 2.46 3.23 -10.06
C THR A 31 1.06 3.54 -9.50
N PHE A 32 0.96 3.62 -8.18
CA PHE A 32 -0.33 3.81 -7.50
C PHE A 32 -0.89 5.23 -7.67
N SER A 33 -0.01 6.21 -7.86
CA SER A 33 -0.42 7.62 -7.94
C SER A 33 -1.45 7.84 -9.06
N ALA A 34 -1.40 7.01 -10.10
CA ALA A 34 -2.35 7.10 -11.19
C ALA A 34 -3.80 6.99 -10.69
N PHE A 35 -3.97 6.38 -9.52
CA PHE A 35 -5.29 6.16 -8.95
C PHE A 35 -5.69 7.32 -8.03
N GLY A 36 -4.73 8.17 -7.72
CA GLY A 36 -4.98 9.30 -6.85
C GLY A 36 -3.72 9.79 -6.18
N ASN A 37 -3.79 10.95 -5.55
CA ASN A 37 -2.64 11.51 -4.85
C ASN A 37 -2.31 10.69 -3.62
N ILE A 38 -1.03 10.47 -3.41
CA ILE A 38 -0.57 9.70 -2.27
C ILE A 38 0.14 10.60 -1.27
N LEU A 39 -0.20 10.47 0.01
CA LEU A 39 0.40 11.31 1.04
C LEU A 39 1.70 10.66 1.49
N SER A 40 1.62 9.35 1.72
CA SER A 40 2.75 8.58 2.20
C SER A 40 2.75 7.19 1.59
N CYS A 41 3.69 6.92 0.69
CA CYS A 41 3.88 5.57 0.18
C CYS A 41 5.12 4.97 0.83
N LYS A 42 5.03 3.71 1.19
CA LYS A 42 6.12 3.05 1.88
C LYS A 42 6.37 1.66 1.32
N VAL A 43 7.61 1.42 0.96
CA VAL A 43 8.09 0.09 0.63
C VAL A 43 9.03 -0.29 1.73
N VAL A 44 8.62 -1.22 2.53
CA VAL A 44 9.39 -1.58 3.69
C VAL A 44 10.59 -2.39 3.26
N CYS A 45 11.77 -1.83 3.47
CA CYS A 45 12.99 -2.38 2.90
C CYS A 45 13.74 -3.22 3.90
N ASP A 46 14.20 -4.37 3.46
CA ASP A 46 15.00 -5.24 4.29
C ASP A 46 16.45 -4.80 4.19
N GLU A 47 17.29 -5.24 5.11
CA GLU A 47 18.72 -4.97 5.03
C GLU A 47 19.29 -5.51 3.71
N ASN A 48 18.62 -6.53 3.17
CA ASN A 48 19.06 -7.14 1.92
C ASN A 48 18.36 -6.49 0.73
N GLY A 49 17.47 -5.55 1.01
CA GLY A 49 16.74 -4.88 -0.07
C GLY A 49 15.30 -4.56 0.29
N SER A 50 14.41 -5.55 0.31
CA SER A 50 12.99 -5.30 0.53
C SER A 50 12.39 -6.36 1.44
N LYS A 51 11.41 -5.96 2.24
CA LYS A 51 10.73 -6.89 3.14
C LYS A 51 9.63 -7.62 2.42
N GLY A 52 9.28 -7.12 1.25
CA GLY A 52 8.30 -7.79 0.43
C GLY A 52 6.94 -7.11 0.42
N TYR A 53 6.72 -6.19 1.34
CA TYR A 53 5.42 -5.56 1.47
C TYR A 53 5.54 -4.04 1.60
N GLY A 54 4.46 -3.36 1.28
CA GLY A 54 4.44 -1.91 1.32
C GLY A 54 3.07 -1.36 1.67
N PHE A 55 2.97 -0.05 1.85
CA PHE A 55 1.72 0.60 2.24
C PHE A 55 1.52 1.90 1.46
N VAL A 56 0.29 2.16 1.03
CA VAL A 56 -0.03 3.44 0.40
C VAL A 56 -0.96 4.25 1.29
N HIS A 57 -0.68 5.53 1.41
CA HIS A 57 -1.64 6.47 1.97
C HIS A 57 -2.21 7.31 0.86
N PHE A 58 -3.45 7.04 0.49
CA PHE A 58 -4.09 7.82 -0.55
C PHE A 58 -4.80 9.02 0.04
N GLU A 59 -4.64 10.14 -0.65
CA GLU A 59 -5.26 11.42 -0.27
C GLU A 59 -6.73 11.21 0.03
N THR A 60 -7.37 10.45 -0.82
CA THR A 60 -8.77 10.10 -0.66
C THR A 60 -8.94 8.61 -0.40
N GLN A 61 -9.94 8.27 0.40
CA GLN A 61 -10.22 6.88 0.76
C GLN A 61 -10.60 6.07 -0.48
N GLU A 62 -11.33 6.68 -1.40
CA GLU A 62 -11.79 5.99 -2.60
C GLU A 62 -10.64 5.68 -3.56
N ALA A 63 -9.65 6.56 -3.62
CA ALA A 63 -8.49 6.36 -4.49
C ALA A 63 -7.75 5.10 -4.09
N ALA A 64 -7.73 4.84 -2.79
CA ALA A 64 -7.12 3.63 -2.25
C ALA A 64 -7.84 2.39 -2.74
N GLU A 65 -9.16 2.46 -2.73
CA GLU A 65 -9.98 1.36 -3.21
C GLU A 65 -9.67 1.10 -4.68
N ARG A 66 -9.57 2.17 -5.47
CA ARG A 66 -9.26 2.04 -6.89
C ARG A 66 -7.93 1.33 -7.09
N ALA A 67 -6.96 1.64 -6.23
CA ALA A 67 -5.66 0.99 -6.29
C ALA A 67 -5.80 -0.49 -5.94
N ILE A 68 -6.69 -0.80 -5.01
CA ILE A 68 -6.93 -2.18 -4.61
C ILE A 68 -7.42 -3.02 -5.78
N GLU A 69 -8.52 -2.61 -6.40
CA GLU A 69 -9.10 -3.34 -7.53
C GLU A 69 -8.08 -3.52 -8.63
N LYS A 70 -7.35 -2.46 -8.91
CA LYS A 70 -6.52 -2.42 -10.09
C LYS A 70 -5.16 -3.09 -9.86
N MET A 71 -4.56 -2.89 -8.69
CA MET A 71 -3.20 -3.35 -8.46
C MET A 71 -3.17 -4.75 -7.87
N ASN A 72 -4.23 -5.14 -7.20
CA ASN A 72 -4.28 -6.47 -6.62
C ASN A 72 -4.31 -7.51 -7.74
N GLY A 73 -3.35 -8.43 -7.71
CA GLY A 73 -3.29 -9.47 -8.72
C GLY A 73 -2.56 -9.02 -9.97
N MET A 74 -1.78 -7.95 -9.86
CA MET A 74 -0.99 -7.45 -10.98
C MET A 74 0.48 -7.76 -10.80
N LEU A 75 1.24 -7.61 -11.87
CA LEU A 75 2.66 -7.85 -11.83
C LEU A 75 3.40 -6.55 -11.74
N LEU A 76 4.18 -6.40 -10.71
CA LEU A 76 5.08 -5.29 -10.65
C LEU A 76 6.50 -5.77 -10.90
N ASN A 77 6.98 -5.55 -12.12
CA ASN A 77 8.34 -5.91 -12.54
C ASN A 77 8.45 -7.40 -12.87
N ASP A 78 7.60 -8.21 -12.26
CA ASP A 78 7.61 -9.67 -12.40
C ASP A 78 6.76 -10.34 -11.33
N ARG A 79 6.58 -9.66 -10.22
CA ARG A 79 5.93 -10.25 -9.05
C ARG A 79 4.50 -9.80 -8.95
N LYS A 80 3.59 -10.73 -8.70
CA LYS A 80 2.19 -10.42 -8.57
C LYS A 80 1.92 -9.91 -7.17
N VAL A 81 1.45 -8.68 -7.07
CA VAL A 81 1.30 -8.03 -5.77
C VAL A 81 -0.14 -8.05 -5.31
N PHE A 82 -0.29 -8.14 -4.00
CA PHE A 82 -1.59 -8.18 -3.39
C PHE A 82 -1.86 -6.85 -2.71
N VAL A 83 -2.92 -6.17 -3.11
CA VAL A 83 -3.27 -4.90 -2.49
C VAL A 83 -4.62 -5.04 -1.80
N GLY A 84 -4.65 -4.72 -0.52
CA GLY A 84 -5.88 -4.87 0.25
C GLY A 84 -6.07 -3.75 1.25
N ARG A 85 -7.05 -3.91 2.11
CA ARG A 85 -7.41 -2.89 3.09
C ARG A 85 -6.43 -2.87 4.26
N PHE A 86 -5.78 -1.74 4.46
CA PHE A 86 -4.84 -1.56 5.55
C PHE A 86 -5.30 -0.41 6.43
N LYS A 87 -5.08 -0.50 7.73
CA LYS A 87 -5.46 0.56 8.65
C LYS A 87 -4.31 1.54 8.85
N SER A 88 -4.42 2.40 9.86
CA SER A 88 -3.44 3.44 10.08
C SER A 88 -2.25 2.90 10.87
N ARG A 89 -2.52 2.01 11.79
CA ARG A 89 -1.47 1.40 12.59
C ARG A 89 -1.31 -0.07 12.21
N LYS A 90 -0.16 -0.45 11.66
CA LYS A 90 0.07 -1.86 11.33
C LYS A 90 0.05 -2.70 12.62
N GLU A 91 -0.46 -3.93 12.51
CA GLU A 91 -0.65 -4.76 13.69
C GLU A 91 -0.78 -6.21 13.26
N ARG A 92 0.21 -7.03 13.62
CA ARG A 92 0.23 -8.43 13.22
C ARG A 92 -1.07 -9.16 13.60
N GLU A 93 -1.84 -9.50 12.58
CA GLU A 93 -3.06 -10.27 12.76
C GLU A 93 -3.03 -11.44 11.79
N ALA A 94 -3.13 -12.66 12.33
CA ALA A 94 -3.00 -13.88 11.53
C ALA A 94 -1.59 -14.01 10.96
N GLU A 95 -0.62 -13.46 11.66
CA GLU A 95 0.77 -13.50 11.25
C GLU A 95 1.57 -14.34 12.24
N GLY A 1 -9.18 -6.06 13.03
CA GLY A 1 -9.27 -4.64 12.64
C GLY A 1 -8.29 -3.78 13.41
N ALA A 2 -8.76 -2.66 13.93
CA ALA A 2 -7.93 -1.73 14.68
C ALA A 2 -8.78 -0.81 15.54
N ASP A 3 -9.80 -0.24 14.92
CA ASP A 3 -10.72 0.66 15.62
C ASP A 3 -12.01 0.79 14.84
N PRO A 4 -13.12 0.26 15.37
CA PRO A 4 -14.40 0.30 14.67
C PRO A 4 -15.00 1.70 14.61
N SER A 5 -14.67 2.55 15.57
CA SER A 5 -15.21 3.91 15.61
C SER A 5 -14.47 4.88 14.68
N LEU A 6 -13.14 4.82 14.65
CA LEU A 6 -12.36 5.76 13.85
C LEU A 6 -11.98 5.15 12.51
N ARG A 7 -12.12 3.82 12.43
CA ARG A 7 -11.74 3.05 11.24
C ARG A 7 -10.25 3.24 10.95
N LYS A 8 -9.96 4.22 10.10
CA LYS A 8 -8.59 4.54 9.73
C LYS A 8 -8.41 6.06 9.69
N SER A 9 -7.67 6.64 10.64
CA SER A 9 -7.46 8.07 10.65
C SER A 9 -6.53 8.50 9.52
N GLY A 10 -5.73 7.55 9.04
CA GLY A 10 -4.85 7.80 7.92
C GLY A 10 -5.62 8.10 6.64
N VAL A 11 -6.71 7.35 6.42
CA VAL A 11 -7.53 7.47 5.21
C VAL A 11 -6.78 7.04 3.95
N GLY A 12 -7.39 6.13 3.20
CA GLY A 12 -6.79 5.68 1.97
C GLY A 12 -5.60 4.76 2.22
N ASN A 13 -5.58 4.14 3.39
CA ASN A 13 -4.47 3.30 3.80
C ASN A 13 -4.68 1.89 3.25
N ILE A 14 -3.70 1.40 2.50
CA ILE A 14 -3.73 0.04 1.97
C ILE A 14 -2.38 -0.61 2.15
N PHE A 15 -2.32 -1.93 2.05
CA PHE A 15 -1.06 -2.62 2.12
C PHE A 15 -0.88 -3.51 0.89
N ILE A 16 0.35 -3.62 0.45
CA ILE A 16 0.69 -4.38 -0.75
C ILE A 16 1.62 -5.52 -0.38
N LYS A 17 1.31 -6.72 -0.84
CA LYS A 17 2.10 -7.90 -0.53
C LYS A 17 2.87 -8.37 -1.75
N ASN A 18 4.04 -8.96 -1.51
CA ASN A 18 4.83 -9.64 -2.55
C ASN A 18 5.42 -8.66 -3.56
N LEU A 19 5.90 -7.53 -3.08
CA LEU A 19 6.55 -6.54 -3.94
C LEU A 19 7.93 -7.00 -4.36
N ASP A 20 8.39 -6.45 -5.47
CA ASP A 20 9.70 -6.78 -6.01
C ASP A 20 10.80 -6.02 -5.29
N LYS A 21 11.96 -6.66 -5.22
CA LYS A 21 13.14 -6.10 -4.55
C LYS A 21 13.48 -4.70 -5.05
N SER A 22 13.32 -4.47 -6.34
CA SER A 22 13.69 -3.21 -6.95
C SER A 22 12.62 -2.13 -6.76
N ILE A 23 11.49 -2.50 -6.16
CA ILE A 23 10.41 -1.55 -5.95
C ILE A 23 10.76 -0.60 -4.79
N ASP A 24 10.80 0.68 -5.11
CA ASP A 24 11.13 1.71 -4.14
C ASP A 24 9.87 2.52 -3.82
N ASN A 25 10.00 3.56 -3.00
CA ASN A 25 8.84 4.36 -2.62
C ASN A 25 8.36 5.13 -3.82
N LYS A 26 9.32 5.51 -4.64
CA LYS A 26 9.07 6.25 -5.84
C LYS A 26 8.32 5.37 -6.81
N ALA A 27 8.83 4.16 -6.93
CA ALA A 27 8.29 3.17 -7.82
C ALA A 27 6.86 2.83 -7.45
N LEU A 28 6.62 2.68 -6.15
CA LEU A 28 5.30 2.40 -5.65
C LEU A 28 4.39 3.62 -5.90
N TYR A 29 4.90 4.79 -5.56
CA TYR A 29 4.19 6.03 -5.82
C TYR A 29 3.90 6.20 -7.31
N ASP A 30 4.91 5.96 -8.14
CA ASP A 30 4.80 6.19 -9.58
C ASP A 30 3.64 5.37 -10.16
N THR A 31 3.48 4.15 -9.69
CA THR A 31 2.41 3.29 -10.17
C THR A 31 1.05 3.64 -9.54
N PHE A 32 1.00 3.68 -8.21
CA PHE A 32 -0.26 3.86 -7.49
C PHE A 32 -0.83 5.28 -7.62
N SER A 33 0.06 6.27 -7.80
CA SER A 33 -0.36 7.68 -7.86
C SER A 33 -1.38 7.90 -8.98
N ALA A 34 -1.31 7.10 -10.03
CA ALA A 34 -2.25 7.18 -11.13
C ALA A 34 -3.70 7.01 -10.66
N PHE A 35 -3.88 6.39 -9.50
CA PHE A 35 -5.21 6.14 -8.96
C PHE A 35 -5.66 7.29 -8.08
N GLY A 36 -4.71 8.07 -7.60
CA GLY A 36 -5.02 9.20 -6.75
C GLY A 36 -3.78 9.76 -6.09
N ASN A 37 -3.92 10.92 -5.47
CA ASN A 37 -2.79 11.55 -4.80
C ASN A 37 -2.40 10.75 -3.57
N ILE A 38 -1.10 10.51 -3.44
CA ILE A 38 -0.58 9.74 -2.32
C ILE A 38 0.09 10.68 -1.32
N LEU A 39 -0.33 10.59 -0.06
CA LEU A 39 0.22 11.46 0.96
C LEU A 39 1.53 10.87 1.46
N SER A 40 1.58 9.55 1.51
CA SER A 40 2.74 8.83 2.00
C SER A 40 2.72 7.39 1.48
N CYS A 41 3.75 7.02 0.73
CA CYS A 41 3.89 5.66 0.25
C CYS A 41 5.17 5.05 0.80
N LYS A 42 5.11 3.78 1.14
CA LYS A 42 6.23 3.14 1.80
C LYS A 42 6.45 1.73 1.28
N VAL A 43 7.69 1.44 0.96
CA VAL A 43 8.13 0.08 0.67
C VAL A 43 9.08 -0.31 1.77
N VAL A 44 8.65 -1.21 2.61
CA VAL A 44 9.41 -1.57 3.78
C VAL A 44 10.55 -2.48 3.36
N CYS A 45 11.75 -2.00 3.59
CA CYS A 45 12.94 -2.60 2.98
C CYS A 45 13.68 -3.49 3.96
N ASP A 46 14.11 -4.64 3.45
CA ASP A 46 14.95 -5.55 4.20
C ASP A 46 16.39 -5.11 4.03
N GLU A 47 17.29 -5.56 4.88
CA GLU A 47 18.70 -5.23 4.74
C GLU A 47 19.25 -5.81 3.44
N ASN A 48 18.55 -6.81 2.90
CA ASN A 48 18.92 -7.42 1.64
C ASN A 48 18.20 -6.74 0.47
N GLY A 49 17.31 -5.81 0.79
CA GLY A 49 16.57 -5.12 -0.25
C GLY A 49 15.16 -4.72 0.16
N SER A 50 14.25 -5.69 0.26
CA SER A 50 12.84 -5.39 0.51
C SER A 50 12.22 -6.45 1.42
N LYS A 51 11.28 -6.05 2.26
CA LYS A 51 10.63 -7.00 3.16
C LYS A 51 9.44 -7.65 2.47
N GLY A 52 9.12 -7.16 1.29
CA GLY A 52 8.08 -7.78 0.50
C GLY A 52 6.78 -7.02 0.50
N TYR A 53 6.57 -6.17 1.48
CA TYR A 53 5.29 -5.49 1.63
C TYR A 53 5.46 -3.98 1.68
N GLY A 54 4.44 -3.28 1.21
CA GLY A 54 4.44 -1.84 1.21
C GLY A 54 3.10 -1.27 1.58
N PHE A 55 3.03 0.04 1.79
CA PHE A 55 1.80 0.69 2.21
C PHE A 55 1.56 1.97 1.43
N VAL A 56 0.31 2.25 1.06
CA VAL A 56 -0.03 3.51 0.42
C VAL A 56 -0.97 4.32 1.31
N HIS A 57 -0.69 5.60 1.43
CA HIS A 57 -1.64 6.54 1.99
C HIS A 57 -2.26 7.34 0.87
N PHE A 58 -3.51 7.05 0.56
CA PHE A 58 -4.19 7.76 -0.50
C PHE A 58 -4.94 8.94 0.05
N GLU A 59 -4.83 10.04 -0.68
CA GLU A 59 -5.48 11.30 -0.36
C GLU A 59 -6.94 11.08 0.04
N THR A 60 -7.59 10.23 -0.71
CA THR A 60 -8.98 9.90 -0.44
C THR A 60 -9.14 8.42 -0.18
N GLN A 61 -10.19 8.06 0.54
CA GLN A 61 -10.48 6.68 0.86
C GLN A 61 -10.84 5.90 -0.40
N GLU A 62 -11.47 6.58 -1.36
CA GLU A 62 -11.86 5.96 -2.63
C GLU A 62 -10.64 5.64 -3.52
N ALA A 63 -9.62 6.49 -3.47
CA ALA A 63 -8.41 6.28 -4.28
C ALA A 63 -7.74 4.98 -3.88
N ALA A 64 -7.81 4.67 -2.58
CA ALA A 64 -7.30 3.41 -2.06
C ALA A 64 -8.08 2.24 -2.66
N GLU A 65 -9.39 2.42 -2.75
CA GLU A 65 -10.27 1.43 -3.34
C GLU A 65 -9.87 1.11 -4.78
N ARG A 66 -9.56 2.17 -5.54
CA ARG A 66 -9.15 2.02 -6.92
C ARG A 66 -7.83 1.27 -7.03
N ALA A 67 -6.92 1.54 -6.12
CA ALA A 67 -5.62 0.86 -6.11
C ALA A 67 -5.80 -0.61 -5.77
N ILE A 68 -6.71 -0.89 -4.84
CA ILE A 68 -6.99 -2.26 -4.43
C ILE A 68 -7.49 -3.08 -5.61
N GLU A 69 -8.49 -2.60 -6.32
CA GLU A 69 -9.05 -3.32 -7.46
C GLU A 69 -8.02 -3.49 -8.57
N LYS A 70 -7.32 -2.42 -8.87
CA LYS A 70 -6.49 -2.36 -10.04
C LYS A 70 -5.12 -3.02 -9.85
N MET A 71 -4.52 -2.83 -8.69
CA MET A 71 -3.16 -3.29 -8.47
C MET A 71 -3.12 -4.71 -7.91
N ASN A 72 -4.22 -5.15 -7.33
CA ASN A 72 -4.25 -6.50 -6.79
C ASN A 72 -4.24 -7.50 -7.93
N GLY A 73 -3.26 -8.40 -7.92
CA GLY A 73 -3.16 -9.38 -8.98
C GLY A 73 -2.39 -8.86 -10.19
N MET A 74 -1.65 -7.79 -9.99
CA MET A 74 -0.82 -7.21 -11.05
C MET A 74 0.63 -7.59 -10.80
N LEU A 75 1.46 -7.42 -11.81
CA LEU A 75 2.87 -7.71 -11.68
C LEU A 75 3.62 -6.42 -11.53
N LEU A 76 4.51 -6.37 -10.57
CA LEU A 76 5.40 -5.26 -10.46
C LEU A 76 6.83 -5.74 -10.64
N ASN A 77 7.37 -5.46 -11.83
CA ASN A 77 8.76 -5.81 -12.21
C ASN A 77 8.92 -7.28 -12.55
N ASP A 78 8.08 -8.10 -11.96
CA ASP A 78 8.19 -9.57 -12.06
C ASP A 78 7.28 -10.28 -11.05
N ARG A 79 6.94 -9.59 -9.97
CA ARG A 79 6.24 -10.21 -8.86
C ARG A 79 4.79 -9.75 -8.82
N LYS A 80 3.90 -10.70 -8.60
CA LYS A 80 2.49 -10.41 -8.56
C LYS A 80 2.11 -9.95 -7.16
N VAL A 81 1.60 -8.74 -7.07
CA VAL A 81 1.36 -8.13 -5.78
C VAL A 81 -0.11 -8.21 -5.39
N PHE A 82 -0.33 -8.25 -4.10
CA PHE A 82 -1.67 -8.24 -3.56
C PHE A 82 -1.92 -6.92 -2.86
N VAL A 83 -2.92 -6.20 -3.32
CA VAL A 83 -3.28 -4.94 -2.70
C VAL A 83 -4.66 -5.06 -2.10
N GLY A 84 -4.76 -4.74 -0.82
CA GLY A 84 -6.03 -4.81 -0.15
C GLY A 84 -6.14 -3.77 0.93
N ARG A 85 -7.26 -3.80 1.66
CA ARG A 85 -7.44 -2.90 2.78
C ARG A 85 -6.32 -3.13 3.79
N PHE A 86 -5.85 -2.04 4.39
CA PHE A 86 -4.73 -2.10 5.32
C PHE A 86 -5.02 -3.05 6.50
N LYS A 87 -6.30 -3.29 6.76
CA LYS A 87 -6.77 -4.18 7.84
C LYS A 87 -6.68 -3.47 9.19
N SER A 88 -5.51 -2.93 9.49
CA SER A 88 -5.30 -2.18 10.71
C SER A 88 -5.20 -0.69 10.38
N ARG A 89 -4.68 0.09 11.31
CA ARG A 89 -4.34 1.47 11.05
C ARG A 89 -3.00 1.81 11.73
N LYS A 90 -1.90 1.64 11.00
CA LYS A 90 -0.57 1.79 11.57
C LYS A 90 -0.08 3.22 11.37
N GLU A 91 -1.01 4.17 11.46
CA GLU A 91 -0.70 5.58 11.30
C GLU A 91 0.39 6.02 12.28
N ARG A 92 1.43 6.62 11.75
CA ARG A 92 2.52 7.11 12.56
C ARG A 92 2.43 8.62 12.67
N GLU A 93 2.25 9.11 13.88
CA GLU A 93 2.09 10.54 14.13
C GLU A 93 3.04 10.97 15.23
N ALA A 94 4.33 10.97 14.91
CA ALA A 94 5.37 11.30 15.88
C ALA A 94 5.61 12.80 15.93
N GLU A 95 4.62 13.56 15.50
CA GLU A 95 4.70 15.02 15.52
C GLU A 95 4.11 15.54 16.82
N GLY A 1 -14.04 -11.56 18.40
CA GLY A 1 -12.72 -10.89 18.42
C GLY A 1 -12.85 -9.39 18.23
N ALA A 2 -11.74 -8.68 18.38
CA ALA A 2 -11.74 -7.23 18.19
C ALA A 2 -11.53 -6.89 16.72
N ASP A 3 -11.82 -5.65 16.35
CA ASP A 3 -11.66 -5.22 14.97
C ASP A 3 -10.87 -3.92 14.91
N PRO A 4 -9.59 -3.99 14.53
CA PRO A 4 -8.77 -2.79 14.36
C PRO A 4 -9.30 -1.93 13.21
N SER A 5 -9.98 -2.58 12.27
CA SER A 5 -10.54 -1.92 11.11
C SER A 5 -11.97 -1.49 11.37
N LEU A 6 -12.29 -1.27 12.65
CA LEU A 6 -13.61 -0.78 13.04
C LEU A 6 -13.75 0.67 12.57
N ARG A 7 -12.61 1.34 12.47
CA ARG A 7 -12.56 2.69 11.94
C ARG A 7 -11.54 2.75 10.80
N LYS A 8 -11.33 3.92 10.22
CA LYS A 8 -10.38 4.05 9.13
C LYS A 8 -9.68 5.41 9.17
N SER A 9 -8.81 5.60 10.15
CA SER A 9 -7.96 6.77 10.16
C SER A 9 -6.86 6.62 9.11
N GLY A 10 -6.05 7.65 8.91
CA GLY A 10 -5.08 7.63 7.82
C GLY A 10 -5.73 7.98 6.51
N VAL A 11 -6.87 7.33 6.23
CA VAL A 11 -7.65 7.51 5.00
C VAL A 11 -6.88 7.04 3.78
N GLY A 12 -7.51 6.18 2.99
CA GLY A 12 -6.90 5.73 1.77
C GLY A 12 -5.75 4.80 2.04
N ASN A 13 -5.79 4.15 3.20
CA ASN A 13 -4.68 3.32 3.64
C ASN A 13 -4.82 1.93 3.04
N ILE A 14 -3.79 1.47 2.34
CA ILE A 14 -3.78 0.14 1.79
C ILE A 14 -2.42 -0.52 2.02
N PHE A 15 -2.37 -1.83 1.95
CA PHE A 15 -1.12 -2.54 2.09
C PHE A 15 -0.91 -3.43 0.87
N ILE A 16 0.35 -3.53 0.45
CA ILE A 16 0.71 -4.30 -0.73
C ILE A 16 1.65 -5.43 -0.36
N LYS A 17 1.37 -6.62 -0.87
CA LYS A 17 2.19 -7.78 -0.59
C LYS A 17 2.88 -8.27 -1.86
N ASN A 18 4.05 -8.86 -1.71
CA ASN A 18 4.74 -9.56 -2.79
C ASN A 18 5.22 -8.60 -3.88
N LEU A 19 5.98 -7.60 -3.47
CA LEU A 19 6.55 -6.62 -4.39
C LEU A 19 7.91 -7.06 -4.90
N ASP A 20 8.33 -6.48 -6.02
CA ASP A 20 9.64 -6.77 -6.58
C ASP A 20 10.70 -5.99 -5.81
N LYS A 21 11.89 -6.55 -5.77
CA LYS A 21 12.99 -5.98 -5.01
C LYS A 21 13.39 -4.60 -5.53
N SER A 22 13.24 -4.39 -6.84
CA SER A 22 13.63 -3.14 -7.47
C SER A 22 12.62 -2.03 -7.19
N ILE A 23 11.53 -2.38 -6.53
CA ILE A 23 10.48 -1.41 -6.23
C ILE A 23 10.89 -0.52 -5.06
N ASP A 24 10.92 0.77 -5.32
CA ASP A 24 11.25 1.76 -4.29
C ASP A 24 9.98 2.53 -3.93
N ASN A 25 10.10 3.48 -3.03
CA ASN A 25 8.96 4.28 -2.60
C ASN A 25 8.45 5.07 -3.78
N LYS A 26 9.39 5.55 -4.59
CA LYS A 26 9.09 6.28 -5.78
C LYS A 26 8.28 5.43 -6.73
N ALA A 27 8.79 4.24 -6.94
CA ALA A 27 8.20 3.28 -7.85
C ALA A 27 6.79 2.89 -7.41
N LEU A 28 6.64 2.66 -6.12
CA LEU A 28 5.34 2.33 -5.56
C LEU A 28 4.41 3.52 -5.72
N TYR A 29 4.90 4.70 -5.36
CA TYR A 29 4.14 5.93 -5.54
C TYR A 29 3.80 6.14 -7.00
N ASP A 30 4.79 5.97 -7.86
CA ASP A 30 4.64 6.22 -9.29
C ASP A 30 3.50 5.40 -9.87
N THR A 31 3.40 4.16 -9.41
CA THR A 31 2.38 3.26 -9.92
C THR A 31 1.00 3.58 -9.34
N PHE A 32 0.91 3.63 -8.02
CA PHE A 32 -0.37 3.82 -7.33
C PHE A 32 -0.91 5.25 -7.48
N SER A 33 -0.01 6.22 -7.62
CA SER A 33 -0.39 7.63 -7.76
C SER A 33 -1.31 7.83 -8.96
N ALA A 34 -1.18 6.98 -9.96
CA ALA A 34 -2.05 7.02 -11.14
C ALA A 34 -3.51 6.90 -10.74
N PHE A 35 -3.77 6.32 -9.57
CA PHE A 35 -5.14 6.13 -9.08
C PHE A 35 -5.57 7.31 -8.22
N GLY A 36 -4.62 8.12 -7.80
CA GLY A 36 -4.93 9.25 -6.96
C GLY A 36 -3.71 9.76 -6.22
N ASN A 37 -3.85 10.92 -5.60
CA ASN A 37 -2.77 11.53 -4.84
C ASN A 37 -2.43 10.69 -3.62
N ILE A 38 -1.14 10.54 -3.36
CA ILE A 38 -0.66 9.77 -2.23
C ILE A 38 0.03 10.70 -1.24
N LEU A 39 -0.30 10.57 0.05
CA LEU A 39 0.29 11.43 1.06
C LEU A 39 1.61 10.83 1.51
N SER A 40 1.57 9.52 1.70
CA SER A 40 2.72 8.78 2.19
C SER A 40 2.72 7.36 1.62
N CYS A 41 3.81 6.99 0.98
CA CYS A 41 3.97 5.62 0.50
C CYS A 41 5.23 5.02 1.11
N LYS A 42 5.24 3.71 1.27
CA LYS A 42 6.36 3.06 1.94
C LYS A 42 6.68 1.72 1.31
N VAL A 43 7.96 1.53 0.99
CA VAL A 43 8.48 0.23 0.61
C VAL A 43 9.46 -0.17 1.68
N VAL A 44 9.08 -1.16 2.45
CA VAL A 44 9.87 -1.55 3.59
C VAL A 44 11.06 -2.37 3.12
N CYS A 45 12.24 -1.95 3.54
CA CYS A 45 13.46 -2.47 2.98
C CYS A 45 14.04 -3.59 3.82
N ASP A 46 14.47 -4.64 3.15
CA ASP A 46 15.07 -5.78 3.83
C ASP A 46 16.55 -5.50 4.04
N GLU A 47 17.21 -6.29 4.89
CA GLU A 47 18.64 -6.15 5.04
C GLU A 47 19.32 -6.47 3.71
N ASN A 48 18.65 -7.28 2.90
CA ASN A 48 19.15 -7.63 1.58
C ASN A 48 18.58 -6.69 0.52
N GLY A 49 17.83 -5.69 0.94
CA GLY A 49 17.25 -4.75 0.00
C GLY A 49 15.77 -4.45 0.24
N SER A 50 14.91 -5.45 0.07
CA SER A 50 13.46 -5.23 0.08
C SER A 50 12.72 -6.32 0.85
N LYS A 51 11.82 -5.92 1.76
CA LYS A 51 11.10 -6.87 2.61
C LYS A 51 10.11 -7.69 1.80
N GLY A 52 9.50 -7.03 0.84
CA GLY A 52 8.51 -7.69 0.01
C GLY A 52 7.14 -7.05 0.06
N TYR A 53 6.92 -6.15 1.00
CA TYR A 53 5.61 -5.54 1.19
C TYR A 53 5.72 -4.03 1.33
N GLY A 54 4.64 -3.34 1.02
CA GLY A 54 4.64 -1.88 1.07
C GLY A 54 3.28 -1.33 1.44
N PHE A 55 3.17 -0.01 1.56
CA PHE A 55 1.93 0.63 2.00
C PHE A 55 1.67 1.92 1.23
N VAL A 56 0.40 2.20 0.94
CA VAL A 56 0.01 3.48 0.34
C VAL A 56 -0.96 4.24 1.25
N HIS A 57 -0.68 5.51 1.45
CA HIS A 57 -1.66 6.42 2.02
C HIS A 57 -2.25 7.28 0.92
N PHE A 58 -3.48 7.00 0.53
CA PHE A 58 -4.13 7.78 -0.50
C PHE A 58 -4.83 8.98 0.08
N GLU A 59 -4.69 10.11 -0.62
CA GLU A 59 -5.35 11.35 -0.23
C GLU A 59 -6.82 11.12 0.07
N THR A 60 -7.45 10.40 -0.83
CA THR A 60 -8.86 10.09 -0.71
C THR A 60 -9.05 8.61 -0.42
N GLN A 61 -10.13 8.30 0.26
CA GLN A 61 -10.46 6.93 0.59
C GLN A 61 -10.80 6.13 -0.67
N GLU A 62 -11.46 6.78 -1.61
CA GLU A 62 -11.92 6.12 -2.83
C GLU A 62 -10.77 5.74 -3.76
N ALA A 63 -9.74 6.58 -3.81
CA ALA A 63 -8.57 6.29 -4.66
C ALA A 63 -7.89 5.01 -4.21
N ALA A 64 -7.90 4.78 -2.91
CA ALA A 64 -7.34 3.57 -2.34
C ALA A 64 -8.11 2.35 -2.83
N GLU A 65 -9.43 2.46 -2.82
CA GLU A 65 -10.29 1.39 -3.30
C GLU A 65 -9.98 1.05 -4.76
N ARG A 66 -9.68 2.08 -5.56
CA ARG A 66 -9.32 1.87 -6.96
C ARG A 66 -7.99 1.15 -7.06
N ALA A 67 -7.01 1.56 -6.25
CA ALA A 67 -5.70 0.93 -6.24
C ALA A 67 -5.81 -0.53 -5.84
N ILE A 68 -6.68 -0.81 -4.87
CA ILE A 68 -6.90 -2.17 -4.39
C ILE A 68 -7.37 -3.09 -5.51
N GLU A 69 -8.42 -2.71 -6.21
CA GLU A 69 -8.95 -3.54 -7.28
C GLU A 69 -7.97 -3.67 -8.42
N LYS A 70 -7.39 -2.54 -8.80
CA LYS A 70 -6.61 -2.45 -10.01
C LYS A 70 -5.22 -3.06 -9.86
N MET A 71 -4.59 -2.87 -8.71
CA MET A 71 -3.23 -3.34 -8.54
C MET A 71 -3.16 -4.73 -7.91
N ASN A 72 -4.25 -5.16 -7.29
CA ASN A 72 -4.26 -6.50 -6.72
C ASN A 72 -4.26 -7.52 -7.84
N GLY A 73 -3.28 -8.40 -7.83
CA GLY A 73 -3.17 -9.40 -8.88
C GLY A 73 -2.42 -8.87 -10.09
N MET A 74 -1.83 -7.69 -9.94
CA MET A 74 -1.05 -7.08 -11.01
C MET A 74 0.41 -7.48 -10.89
N LEU A 75 1.14 -7.36 -11.98
CA LEU A 75 2.55 -7.71 -12.00
C LEU A 75 3.38 -6.45 -11.99
N LEU A 76 4.02 -6.18 -10.87
CA LEU A 76 4.94 -5.08 -10.84
C LEU A 76 6.33 -5.58 -11.13
N ASN A 77 6.80 -5.27 -12.34
CA ASN A 77 8.12 -5.68 -12.83
C ASN A 77 8.18 -7.16 -13.15
N ASP A 78 7.90 -7.99 -12.17
CA ASP A 78 7.92 -9.43 -12.37
C ASP A 78 7.26 -10.16 -11.20
N ARG A 79 6.54 -9.44 -10.37
CA ARG A 79 5.96 -10.04 -9.18
C ARG A 79 4.52 -9.59 -9.02
N LYS A 80 3.65 -10.54 -8.72
CA LYS A 80 2.24 -10.28 -8.58
C LYS A 80 1.97 -9.72 -7.19
N VAL A 81 1.41 -8.54 -7.13
CA VAL A 81 1.23 -7.87 -5.86
C VAL A 81 -0.21 -7.98 -5.38
N PHE A 82 -0.35 -8.12 -4.08
CA PHE A 82 -1.66 -8.19 -3.47
C PHE A 82 -1.92 -6.89 -2.73
N VAL A 83 -2.97 -6.20 -3.13
CA VAL A 83 -3.34 -4.94 -2.50
C VAL A 83 -4.68 -5.10 -1.82
N GLY A 84 -4.72 -4.75 -0.55
CA GLY A 84 -5.96 -4.88 0.20
C GLY A 84 -6.11 -3.78 1.24
N ARG A 85 -7.19 -3.84 1.99
CA ARG A 85 -7.50 -2.83 2.99
C ARG A 85 -6.49 -2.92 4.13
N PHE A 86 -5.87 -1.79 4.44
CA PHE A 86 -4.98 -1.70 5.58
C PHE A 86 -5.80 -1.89 6.86
N LYS A 87 -5.28 -2.64 7.80
CA LYS A 87 -6.02 -3.02 9.01
C LYS A 87 -6.27 -1.83 9.94
N SER A 88 -5.60 -0.72 9.68
CA SER A 88 -5.70 0.48 10.52
C SER A 88 -5.24 0.20 11.94
N ARG A 89 -3.95 0.37 12.18
CA ARG A 89 -3.37 0.13 13.48
C ARG A 89 -2.23 1.11 13.74
N LYS A 90 -1.16 0.97 12.96
CA LYS A 90 -0.01 1.84 13.11
C LYS A 90 -0.12 3.02 12.14
N GLU A 91 0.06 4.23 12.66
CA GLU A 91 0.04 5.43 11.85
C GLU A 91 0.62 6.60 12.65
N ARG A 92 1.84 6.99 12.34
CA ARG A 92 2.53 8.00 13.13
C ARG A 92 2.90 9.21 12.29
N GLU A 93 3.93 9.06 11.47
CA GLU A 93 4.49 10.17 10.73
C GLU A 93 4.98 9.71 9.37
N ALA A 94 4.23 10.06 8.32
CA ALA A 94 4.53 9.60 6.96
C ALA A 94 4.58 8.08 6.89
N GLU A 95 3.91 7.45 7.84
CA GLU A 95 3.92 6.01 7.98
C GLU A 95 2.75 5.59 8.87
N GLY A 1 6.08 -7.19 17.54
CA GLY A 1 4.64 -6.88 17.33
C GLY A 1 4.34 -6.63 15.87
N ALA A 2 3.07 -6.72 15.52
CA ALA A 2 2.65 -6.53 14.14
C ALA A 2 2.51 -5.04 13.81
N ASP A 3 1.93 -4.29 14.75
CA ASP A 3 1.76 -2.85 14.57
C ASP A 3 1.82 -2.15 15.92
N PRO A 4 2.50 -0.99 15.97
CA PRO A 4 2.55 -0.16 17.17
C PRO A 4 1.33 0.76 17.26
N SER A 5 0.16 0.19 17.00
CA SER A 5 -1.12 0.91 16.98
C SER A 5 -1.18 1.86 15.79
N LEU A 6 -1.41 1.29 14.62
CA LEU A 6 -1.51 2.07 13.39
C LEU A 6 -2.97 2.40 13.09
N ARG A 7 -3.85 1.41 13.28
CA ARG A 7 -5.27 1.55 12.96
C ARG A 7 -5.49 2.00 11.52
N LYS A 8 -6.70 2.41 11.21
CA LYS A 8 -7.05 2.80 9.85
C LYS A 8 -7.43 4.29 9.82
N SER A 9 -6.97 5.01 10.84
CA SER A 9 -7.29 6.42 11.01
C SER A 9 -6.62 7.27 9.92
N GLY A 10 -5.69 6.67 9.19
CA GLY A 10 -5.02 7.37 8.11
C GLY A 10 -5.97 7.68 6.95
N VAL A 11 -6.95 6.80 6.74
CA VAL A 11 -7.90 6.86 5.61
C VAL A 11 -7.20 6.79 4.25
N GLY A 12 -7.75 6.00 3.36
CA GLY A 12 -7.10 5.81 2.08
C GLY A 12 -5.85 4.96 2.22
N ASN A 13 -5.82 4.19 3.30
CA ASN A 13 -4.67 3.39 3.67
C ASN A 13 -4.82 1.98 3.09
N ILE A 14 -3.82 1.52 2.37
CA ILE A 14 -3.84 0.16 1.83
C ILE A 14 -2.50 -0.52 2.06
N PHE A 15 -2.47 -1.84 1.98
CA PHE A 15 -1.24 -2.57 2.12
C PHE A 15 -0.99 -3.43 0.88
N ILE A 16 0.26 -3.54 0.48
CA ILE A 16 0.65 -4.28 -0.69
C ILE A 16 1.54 -5.45 -0.30
N LYS A 17 1.42 -6.54 -1.03
CA LYS A 17 2.13 -7.77 -0.71
C LYS A 17 2.87 -8.30 -1.93
N ASN A 18 4.01 -8.95 -1.70
CA ASN A 18 4.81 -9.57 -2.75
C ASN A 18 5.39 -8.54 -3.72
N LEU A 19 5.96 -7.48 -3.18
CA LEU A 19 6.62 -6.46 -4.01
C LEU A 19 8.01 -6.90 -4.44
N ASP A 20 8.44 -6.40 -5.59
CA ASP A 20 9.75 -6.72 -6.13
C ASP A 20 10.85 -5.93 -5.41
N LYS A 21 12.04 -6.53 -5.37
CA LYS A 21 13.21 -5.96 -4.69
C LYS A 21 13.50 -4.52 -5.12
N SER A 22 13.32 -4.22 -6.40
CA SER A 22 13.71 -2.91 -6.92
C SER A 22 12.61 -1.88 -6.73
N ILE A 23 11.46 -2.29 -6.21
CA ILE A 23 10.36 -1.37 -5.99
C ILE A 23 10.68 -0.44 -4.82
N ASP A 24 10.79 0.84 -5.11
CA ASP A 24 11.07 1.85 -4.10
C ASP A 24 9.79 2.59 -3.79
N ASN A 25 9.86 3.56 -2.89
CA ASN A 25 8.70 4.35 -2.54
C ASN A 25 8.26 5.14 -3.76
N LYS A 26 9.25 5.59 -4.53
CA LYS A 26 9.00 6.31 -5.74
C LYS A 26 8.24 5.45 -6.73
N ALA A 27 8.75 4.26 -6.91
CA ALA A 27 8.19 3.29 -7.85
C ALA A 27 6.77 2.92 -7.45
N LEU A 28 6.57 2.71 -6.18
CA LEU A 28 5.25 2.41 -5.65
C LEU A 28 4.35 3.61 -5.86
N TYR A 29 4.84 4.79 -5.51
CA TYR A 29 4.11 6.03 -5.73
C TYR A 29 3.79 6.22 -7.19
N ASP A 30 4.79 6.06 -8.05
CA ASP A 30 4.63 6.31 -9.47
C ASP A 30 3.51 5.47 -10.04
N THR A 31 3.41 4.23 -9.59
CA THR A 31 2.40 3.33 -10.09
C THR A 31 1.01 3.63 -9.50
N PHE A 32 0.91 3.67 -8.17
CA PHE A 32 -0.37 3.83 -7.49
C PHE A 32 -0.94 5.25 -7.63
N SER A 33 -0.06 6.23 -7.79
CA SER A 33 -0.48 7.64 -7.90
C SER A 33 -1.46 7.85 -9.04
N ALA A 34 -1.36 7.02 -10.08
CA ALA A 34 -2.30 7.09 -11.21
C ALA A 34 -3.74 6.94 -10.75
N PHE A 35 -3.93 6.33 -9.59
CA PHE A 35 -5.26 6.12 -9.03
C PHE A 35 -5.67 7.29 -8.15
N GLY A 36 -4.69 8.03 -7.67
CA GLY A 36 -4.96 9.17 -6.81
C GLY A 36 -3.69 9.70 -6.18
N ASN A 37 -3.78 10.86 -5.56
CA ASN A 37 -2.63 11.47 -4.91
C ASN A 37 -2.28 10.69 -3.65
N ILE A 38 -0.99 10.51 -3.43
CA ILE A 38 -0.51 9.74 -2.29
C ILE A 38 0.21 10.66 -1.32
N LEU A 39 -0.12 10.54 -0.04
CA LEU A 39 0.48 11.42 0.96
C LEU A 39 1.76 10.76 1.47
N SER A 40 1.69 9.46 1.66
CA SER A 40 2.82 8.69 2.16
C SER A 40 2.80 7.29 1.57
N CYS A 41 3.84 6.93 0.84
CA CYS A 41 3.98 5.57 0.34
C CYS A 41 5.23 4.93 0.93
N LYS A 42 5.17 3.63 1.19
CA LYS A 42 6.28 2.96 1.83
C LYS A 42 6.49 1.57 1.26
N VAL A 43 7.72 1.28 0.88
CA VAL A 43 8.14 -0.05 0.51
C VAL A 43 9.17 -0.49 1.52
N VAL A 44 8.81 -1.44 2.34
CA VAL A 44 9.69 -1.85 3.40
C VAL A 44 10.74 -2.79 2.83
N CYS A 45 11.99 -2.34 2.89
CA CYS A 45 13.05 -2.95 2.10
C CYS A 45 13.90 -3.93 2.90
N ASP A 46 14.17 -5.07 2.28
CA ASP A 46 15.06 -6.07 2.83
C ASP A 46 16.48 -5.74 2.41
N GLU A 47 17.47 -6.34 3.08
CA GLU A 47 18.86 -6.19 2.67
C GLU A 47 19.06 -6.60 1.21
N ASN A 48 18.24 -7.54 0.73
CA ASN A 48 18.36 -8.03 -0.65
C ASN A 48 17.51 -7.18 -1.59
N GLY A 49 16.75 -6.26 -1.03
CA GLY A 49 15.92 -5.39 -1.85
C GLY A 49 14.64 -4.97 -1.14
N SER A 50 13.68 -5.87 -1.03
CA SER A 50 12.39 -5.54 -0.44
C SER A 50 11.92 -6.66 0.47
N LYS A 51 11.22 -6.31 1.56
CA LYS A 51 10.72 -7.31 2.48
C LYS A 51 9.48 -7.97 1.90
N GLY A 52 8.97 -7.36 0.84
CA GLY A 52 7.85 -7.94 0.14
C GLY A 52 6.58 -7.14 0.29
N TYR A 53 6.49 -6.29 1.28
CA TYR A 53 5.25 -5.60 1.56
C TYR A 53 5.44 -4.09 1.61
N GLY A 54 4.39 -3.38 1.23
CA GLY A 54 4.41 -1.94 1.23
C GLY A 54 3.07 -1.36 1.63
N PHE A 55 2.99 -0.05 1.77
CA PHE A 55 1.77 0.61 2.20
C PHE A 55 1.55 1.91 1.45
N VAL A 56 0.32 2.18 1.03
CA VAL A 56 -0.02 3.46 0.42
C VAL A 56 -0.96 4.26 1.30
N HIS A 57 -0.65 5.53 1.46
CA HIS A 57 -1.59 6.48 2.01
C HIS A 57 -2.16 7.32 0.89
N PHE A 58 -3.40 7.05 0.53
CA PHE A 58 -4.04 7.82 -0.51
C PHE A 58 -4.73 9.04 0.05
N GLU A 59 -4.64 10.11 -0.71
CA GLU A 59 -5.27 11.39 -0.36
C GLU A 59 -6.74 11.18 -0.02
N THR A 60 -7.37 10.29 -0.77
CA THR A 60 -8.78 9.98 -0.56
C THR A 60 -8.99 8.49 -0.34
N GLN A 61 -10.01 8.15 0.42
CA GLN A 61 -10.38 6.77 0.69
C GLN A 61 -10.73 6.03 -0.61
N GLU A 62 -11.40 6.72 -1.53
CA GLU A 62 -11.83 6.11 -2.78
C GLU A 62 -10.64 5.75 -3.68
N ALA A 63 -9.60 6.59 -3.66
CA ALA A 63 -8.43 6.35 -4.49
C ALA A 63 -7.72 5.07 -4.06
N ALA A 64 -7.75 4.82 -2.76
CA ALA A 64 -7.17 3.62 -2.19
C ALA A 64 -7.89 2.38 -2.70
N GLU A 65 -9.21 2.43 -2.68
CA GLU A 65 -10.04 1.33 -3.18
C GLU A 65 -9.72 1.05 -4.64
N ARG A 66 -9.53 2.12 -5.43
CA ARG A 66 -9.17 2.00 -6.83
C ARG A 66 -7.86 1.24 -6.99
N ALA A 67 -6.88 1.58 -6.16
CA ALA A 67 -5.58 0.93 -6.20
C ALA A 67 -5.70 -0.53 -5.83
N ILE A 68 -6.56 -0.82 -4.86
CA ILE A 68 -6.79 -2.19 -4.41
C ILE A 68 -7.30 -3.07 -5.55
N GLU A 69 -8.37 -2.63 -6.21
CA GLU A 69 -8.95 -3.40 -7.29
C GLU A 69 -7.99 -3.55 -8.47
N LYS A 70 -7.31 -2.46 -8.78
CA LYS A 70 -6.53 -2.41 -9.99
C LYS A 70 -5.16 -3.07 -9.85
N MET A 71 -4.51 -2.87 -8.72
CA MET A 71 -3.14 -3.33 -8.56
C MET A 71 -3.07 -4.74 -7.99
N ASN A 72 -4.14 -5.19 -7.37
CA ASN A 72 -4.16 -6.53 -6.80
C ASN A 72 -4.09 -7.57 -7.92
N GLY A 73 -3.07 -8.42 -7.86
CA GLY A 73 -2.92 -9.46 -8.86
C GLY A 73 -2.18 -8.97 -10.09
N MET A 74 -1.33 -7.96 -9.94
CA MET A 74 -0.52 -7.49 -11.03
C MET A 74 0.95 -7.77 -10.77
N LEU A 75 1.74 -7.83 -11.84
CA LEU A 75 3.16 -8.10 -11.71
C LEU A 75 3.90 -6.79 -11.66
N LEU A 76 4.31 -6.39 -10.48
CA LEU A 76 5.15 -5.25 -10.39
C LEU A 76 6.59 -5.68 -10.63
N ASN A 77 7.06 -5.42 -11.84
CA ASN A 77 8.39 -5.84 -12.30
C ASN A 77 8.42 -7.33 -12.57
N ASP A 78 8.38 -8.10 -11.53
CA ASP A 78 8.55 -9.54 -11.61
C ASP A 78 7.72 -10.28 -10.56
N ARG A 79 6.98 -9.54 -9.74
CA ARG A 79 6.26 -10.15 -8.63
C ARG A 79 4.83 -9.65 -8.60
N LYS A 80 3.89 -10.59 -8.53
CA LYS A 80 2.48 -10.25 -8.50
C LYS A 80 2.12 -9.77 -7.11
N VAL A 81 1.60 -8.55 -7.04
CA VAL A 81 1.34 -7.93 -5.76
C VAL A 81 -0.13 -8.02 -5.39
N PHE A 82 -0.37 -8.28 -4.13
CA PHE A 82 -1.71 -8.33 -3.61
C PHE A 82 -1.96 -7.07 -2.79
N VAL A 83 -2.97 -6.33 -3.17
CA VAL A 83 -3.31 -5.11 -2.48
C VAL A 83 -4.69 -5.24 -1.85
N GLY A 84 -4.79 -4.90 -0.58
CA GLY A 84 -6.05 -4.98 0.12
C GLY A 84 -6.23 -3.85 1.10
N ARG A 85 -7.20 -3.98 1.99
CA ARG A 85 -7.50 -2.95 2.97
C ARG A 85 -6.45 -2.96 4.07
N PHE A 86 -5.96 -1.78 4.44
CA PHE A 86 -4.86 -1.67 5.40
C PHE A 86 -5.27 -2.18 6.77
N LYS A 87 -6.29 -1.55 7.36
CA LYS A 87 -6.83 -1.92 8.68
C LYS A 87 -5.83 -1.59 9.78
N SER A 88 -4.64 -2.16 9.68
CA SER A 88 -3.54 -2.00 10.63
C SER A 88 -2.48 -3.03 10.29
N ARG A 89 -2.86 -4.27 10.54
CA ARG A 89 -2.10 -5.46 10.16
C ARG A 89 -3.04 -6.65 10.17
N LYS A 90 -4.33 -6.33 10.17
CA LYS A 90 -5.38 -7.31 10.41
C LYS A 90 -5.71 -8.09 9.13
N GLU A 91 -4.67 -8.65 8.53
CA GLU A 91 -4.84 -9.57 7.41
C GLU A 91 -3.56 -10.39 7.27
N ARG A 92 -2.71 -10.32 8.28
CA ARG A 92 -1.49 -11.10 8.34
C ARG A 92 -1.82 -12.53 8.76
N GLU A 93 -2.00 -13.40 7.77
CA GLU A 93 -2.44 -14.79 7.98
C GLU A 93 -3.91 -14.85 8.40
N ALA A 94 -4.29 -13.99 9.32
CA ALA A 94 -5.66 -13.88 9.77
C ALA A 94 -6.16 -12.46 9.57
N GLU A 95 -7.29 -12.33 8.91
CA GLU A 95 -7.88 -11.02 8.65
C GLU A 95 -8.98 -10.70 9.66
N GLY A 1 2.77 10.54 6.81
CA GLY A 1 2.70 11.99 6.55
C GLY A 1 2.74 12.82 7.81
N ALA A 2 1.65 13.54 8.08
CA ALA A 2 1.57 14.40 9.26
C ALA A 2 1.37 13.57 10.51
N ASP A 3 0.91 12.34 10.33
CA ASP A 3 0.71 11.40 11.42
C ASP A 3 1.95 10.54 11.59
N PRO A 4 2.33 10.20 12.83
CA PRO A 4 3.42 9.26 13.10
C PRO A 4 3.12 7.90 12.47
N SER A 5 1.97 7.34 12.83
CA SER A 5 1.53 6.08 12.27
C SER A 5 0.08 5.79 12.70
N LEU A 6 -0.87 6.30 11.94
CA LEU A 6 -2.28 5.99 12.19
C LEU A 6 -2.58 4.57 11.70
N ARG A 7 -3.19 3.74 12.56
CA ARG A 7 -3.46 2.35 12.20
C ARG A 7 -4.34 2.26 10.95
N LYS A 8 -5.45 3.01 10.93
CA LYS A 8 -6.35 2.96 9.79
C LYS A 8 -7.08 4.30 9.64
N SER A 9 -6.78 5.23 10.54
CA SER A 9 -7.39 6.56 10.51
C SER A 9 -6.67 7.44 9.49
N GLY A 10 -5.67 6.88 8.84
CA GLY A 10 -4.91 7.60 7.84
C GLY A 10 -5.76 7.96 6.62
N VAL A 11 -6.80 7.16 6.38
CA VAL A 11 -7.68 7.32 5.21
C VAL A 11 -6.98 6.97 3.92
N GLY A 12 -7.56 6.05 3.17
CA GLY A 12 -6.98 5.64 1.91
C GLY A 12 -5.75 4.79 2.12
N ASN A 13 -5.64 4.17 3.28
CA ASN A 13 -4.47 3.38 3.63
C ASN A 13 -4.65 1.96 3.16
N ILE A 14 -3.69 1.47 2.40
CA ILE A 14 -3.70 0.11 1.89
C ILE A 14 -2.34 -0.52 2.08
N PHE A 15 -2.27 -1.83 1.98
CA PHE A 15 -0.99 -2.50 2.07
C PHE A 15 -0.82 -3.42 0.87
N ILE A 16 0.42 -3.55 0.43
CA ILE A 16 0.76 -4.35 -0.74
C ILE A 16 1.68 -5.49 -0.34
N LYS A 17 1.44 -6.67 -0.87
CA LYS A 17 2.24 -7.83 -0.54
C LYS A 17 2.90 -8.40 -1.79
N ASN A 18 4.04 -9.06 -1.60
CA ASN A 18 4.72 -9.80 -2.66
C ASN A 18 5.34 -8.87 -3.70
N LEU A 19 5.94 -7.77 -3.23
CA LEU A 19 6.62 -6.82 -4.10
C LEU A 19 8.02 -7.30 -4.49
N ASP A 20 8.57 -6.66 -5.52
CA ASP A 20 9.92 -6.96 -5.99
C ASP A 20 10.95 -6.12 -5.24
N LYS A 21 12.19 -6.61 -5.19
CA LYS A 21 13.27 -5.95 -4.46
C LYS A 21 13.53 -4.54 -4.99
N SER A 22 13.41 -4.38 -6.30
CA SER A 22 13.78 -3.12 -6.95
C SER A 22 12.67 -2.07 -6.82
N ILE A 23 11.55 -2.45 -6.23
CA ILE A 23 10.45 -1.51 -6.01
C ILE A 23 10.78 -0.58 -4.85
N ASP A 24 10.85 0.72 -5.15
CA ASP A 24 11.17 1.72 -4.14
C ASP A 24 9.91 2.53 -3.83
N ASN A 25 10.03 3.56 -3.00
CA ASN A 25 8.87 4.34 -2.59
C ASN A 25 8.36 5.14 -3.77
N LYS A 26 9.30 5.53 -4.61
CA LYS A 26 9.03 6.26 -5.80
C LYS A 26 8.27 5.38 -6.76
N ALA A 27 8.79 4.19 -6.93
CA ALA A 27 8.24 3.21 -7.84
C ALA A 27 6.81 2.84 -7.44
N LEU A 28 6.61 2.68 -6.13
CA LEU A 28 5.31 2.37 -5.59
C LEU A 28 4.39 3.58 -5.81
N TYR A 29 4.89 4.76 -5.45
CA TYR A 29 4.15 5.99 -5.67
C TYR A 29 3.84 6.18 -7.15
N ASP A 30 4.84 5.98 -8.00
CA ASP A 30 4.68 6.20 -9.43
C ASP A 30 3.53 5.40 -9.99
N THR A 31 3.43 4.16 -9.53
CA THR A 31 2.40 3.26 -10.03
C THR A 31 1.03 3.58 -9.43
N PHE A 32 0.96 3.65 -8.11
CA PHE A 32 -0.31 3.84 -7.40
C PHE A 32 -0.85 5.27 -7.55
N SER A 33 0.04 6.26 -7.74
CA SER A 33 -0.37 7.66 -7.85
C SER A 33 -1.36 7.87 -8.98
N ALA A 34 -1.29 7.03 -10.01
CA ALA A 34 -2.21 7.11 -11.13
C ALA A 34 -3.66 6.98 -10.65
N PHE A 35 -3.84 6.36 -9.50
CA PHE A 35 -5.18 6.13 -8.95
C PHE A 35 -5.65 7.29 -8.09
N GLY A 36 -4.70 8.12 -7.66
CA GLY A 36 -5.03 9.25 -6.83
C GLY A 36 -3.81 9.82 -6.13
N ASN A 37 -3.99 10.94 -5.45
CA ASN A 37 -2.90 11.59 -4.72
C ASN A 37 -2.49 10.74 -3.52
N ILE A 38 -1.20 10.58 -3.33
CA ILE A 38 -0.68 9.77 -2.24
C ILE A 38 0.00 10.65 -1.19
N LEU A 39 -0.44 10.55 0.05
CA LEU A 39 0.09 11.39 1.12
C LEU A 39 1.42 10.82 1.59
N SER A 40 1.48 9.50 1.59
CA SER A 40 2.66 8.77 2.02
C SER A 40 2.67 7.39 1.37
N CYS A 41 3.85 6.95 0.98
CA CYS A 41 3.99 5.64 0.35
C CYS A 41 5.30 5.00 0.79
N LYS A 42 5.24 3.72 1.14
CA LYS A 42 6.39 3.07 1.72
C LYS A 42 6.57 1.64 1.20
N VAL A 43 7.80 1.33 0.85
CA VAL A 43 8.20 -0.03 0.53
C VAL A 43 9.19 -0.45 1.58
N VAL A 44 8.84 -1.45 2.33
CA VAL A 44 9.68 -1.89 3.41
C VAL A 44 10.71 -2.86 2.88
N CYS A 45 11.97 -2.46 2.96
CA CYS A 45 13.02 -3.12 2.21
C CYS A 45 13.97 -3.93 3.09
N ASP A 46 14.34 -5.09 2.58
CA ASP A 46 15.37 -5.90 3.19
C ASP A 46 16.72 -5.44 2.69
N GLU A 47 17.78 -5.77 3.41
CA GLU A 47 19.13 -5.46 2.95
C GLU A 47 19.41 -6.10 1.59
N ASN A 48 18.66 -7.15 1.27
CA ASN A 48 18.80 -7.85 0.00
C ASN A 48 17.85 -7.28 -1.04
N GLY A 49 17.14 -6.23 -0.66
CA GLY A 49 16.24 -5.57 -1.60
C GLY A 49 14.93 -5.14 -0.97
N SER A 50 14.02 -6.07 -0.72
CA SER A 50 12.71 -5.73 -0.19
C SER A 50 12.24 -6.80 0.78
N LYS A 51 11.34 -6.43 1.69
CA LYS A 51 10.76 -7.40 2.61
C LYS A 51 9.52 -8.00 2.00
N GLY A 52 9.08 -7.40 0.90
CA GLY A 52 7.96 -7.95 0.16
C GLY A 52 6.71 -7.11 0.24
N TYR A 53 6.59 -6.28 1.26
CA TYR A 53 5.35 -5.56 1.49
C TYR A 53 5.56 -4.06 1.51
N GLY A 54 4.51 -3.35 1.15
CA GLY A 54 4.53 -1.89 1.11
C GLY A 54 3.19 -1.31 1.52
N PHE A 55 3.12 0.01 1.62
CA PHE A 55 1.90 0.68 2.08
C PHE A 55 1.65 1.96 1.28
N VAL A 56 0.37 2.23 0.99
CA VAL A 56 -0.01 3.50 0.37
C VAL A 56 -0.98 4.27 1.27
N HIS A 57 -0.73 5.55 1.41
CA HIS A 57 -1.71 6.45 1.97
C HIS A 57 -2.33 7.28 0.86
N PHE A 58 -3.56 6.98 0.51
CA PHE A 58 -4.24 7.73 -0.52
C PHE A 58 -4.99 8.90 0.06
N GLU A 59 -4.88 10.02 -0.64
CA GLU A 59 -5.55 11.27 -0.26
C GLU A 59 -7.00 11.02 0.10
N THR A 60 -7.65 10.20 -0.71
CA THR A 60 -9.03 9.87 -0.49
C THR A 60 -9.18 8.38 -0.21
N GLN A 61 -10.23 8.03 0.51
CA GLN A 61 -10.51 6.64 0.82
C GLN A 61 -10.83 5.86 -0.46
N GLU A 62 -11.53 6.52 -1.39
CA GLU A 62 -11.93 5.89 -2.64
C GLU A 62 -10.75 5.64 -3.58
N ALA A 63 -9.75 6.53 -3.56
CA ALA A 63 -8.54 6.34 -4.38
C ALA A 63 -7.83 5.06 -3.99
N ALA A 64 -7.86 4.75 -2.70
CA ALA A 64 -7.28 3.52 -2.19
C ALA A 64 -8.02 2.32 -2.76
N GLU A 65 -9.34 2.41 -2.80
CA GLU A 65 -10.16 1.35 -3.36
C GLU A 65 -9.80 1.10 -4.82
N ARG A 66 -9.56 2.19 -5.56
CA ARG A 66 -9.16 2.10 -6.95
C ARG A 66 -7.85 1.33 -7.10
N ALA A 67 -6.91 1.59 -6.20
CA ALA A 67 -5.62 0.93 -6.23
C ALA A 67 -5.78 -0.56 -5.89
N ILE A 68 -6.66 -0.84 -4.93
CA ILE A 68 -6.92 -2.22 -4.53
C ILE A 68 -7.43 -3.04 -5.71
N GLU A 69 -8.48 -2.56 -6.38
CA GLU A 69 -9.05 -3.28 -7.51
C GLU A 69 -8.05 -3.48 -8.63
N LYS A 70 -7.33 -2.42 -8.94
CA LYS A 70 -6.50 -2.40 -10.12
C LYS A 70 -5.16 -3.09 -9.92
N MET A 71 -4.56 -2.92 -8.76
CA MET A 71 -3.19 -3.39 -8.54
C MET A 71 -3.15 -4.76 -7.89
N ASN A 72 -4.24 -5.20 -7.29
CA ASN A 72 -4.25 -6.52 -6.67
C ASN A 72 -4.23 -7.57 -7.77
N GLY A 73 -3.23 -8.44 -7.75
CA GLY A 73 -3.07 -9.43 -8.79
C GLY A 73 -2.36 -8.87 -10.00
N MET A 74 -1.59 -7.81 -9.80
CA MET A 74 -0.81 -7.20 -10.88
C MET A 74 0.65 -7.61 -10.76
N LEU A 75 1.38 -7.50 -11.86
CA LEU A 75 2.78 -7.89 -11.89
C LEU A 75 3.65 -6.66 -11.85
N LEU A 76 4.14 -6.34 -10.68
CA LEU A 76 5.07 -5.25 -10.56
C LEU A 76 6.47 -5.76 -10.82
N ASN A 77 7.00 -5.38 -11.98
CA ASN A 77 8.32 -5.83 -12.44
C ASN A 77 8.29 -7.27 -12.91
N ASP A 78 7.97 -8.16 -11.99
CA ASP A 78 7.87 -9.58 -12.28
C ASP A 78 7.30 -10.33 -11.08
N ARG A 79 6.53 -9.63 -10.26
CA ARG A 79 5.96 -10.23 -9.07
C ARG A 79 4.52 -9.78 -8.90
N LYS A 80 3.64 -10.74 -8.70
CA LYS A 80 2.23 -10.45 -8.55
C LYS A 80 1.96 -9.97 -7.14
N VAL A 81 1.46 -8.76 -7.01
CA VAL A 81 1.29 -8.15 -5.70
C VAL A 81 -0.15 -8.19 -5.25
N PHE A 82 -0.33 -8.24 -3.95
CA PHE A 82 -1.65 -8.22 -3.36
C PHE A 82 -1.89 -6.87 -2.73
N VAL A 83 -2.92 -6.16 -3.18
CA VAL A 83 -3.29 -4.89 -2.59
C VAL A 83 -4.66 -5.01 -1.96
N GLY A 84 -4.74 -4.64 -0.70
CA GLY A 84 -5.99 -4.69 0.00
C GLY A 84 -6.08 -3.62 1.05
N ARG A 85 -7.14 -3.64 1.84
CA ARG A 85 -7.32 -2.67 2.91
C ARG A 85 -6.17 -2.83 3.90
N PHE A 86 -5.64 -1.70 4.38
CA PHE A 86 -4.55 -1.73 5.36
C PHE A 86 -4.92 -2.67 6.50
N LYS A 87 -4.20 -3.78 6.59
CA LYS A 87 -4.55 -4.84 7.52
C LYS A 87 -4.08 -4.49 8.93
N SER A 88 -4.87 -3.68 9.62
CA SER A 88 -4.58 -3.28 10.98
C SER A 88 -5.79 -3.48 11.86
N ARG A 89 -5.96 -4.69 12.36
CA ARG A 89 -7.12 -5.02 13.16
C ARG A 89 -6.71 -5.69 14.47
N LYS A 90 -7.39 -5.33 15.55
CA LYS A 90 -7.17 -5.95 16.84
C LYS A 90 -8.53 -6.23 17.49
N GLU A 91 -8.56 -7.09 18.51
CA GLU A 91 -9.81 -7.39 19.18
C GLU A 91 -10.07 -6.35 20.28
N ARG A 92 -9.80 -5.09 19.95
CA ARG A 92 -9.97 -4.01 20.91
C ARG A 92 -11.45 -3.81 21.20
N GLU A 93 -11.84 -4.09 22.43
CA GLU A 93 -13.24 -4.05 22.82
C GLU A 93 -13.55 -2.72 23.50
N ALA A 94 -12.51 -2.08 24.02
CA ALA A 94 -12.65 -0.79 24.68
C ALA A 94 -12.50 0.34 23.66
N GLU A 95 -13.42 1.30 23.72
CA GLU A 95 -13.39 2.43 22.81
C GLU A 95 -13.40 3.72 23.62
N GLY A 1 -4.57 11.16 11.70
CA GLY A 1 -4.28 12.33 12.58
C GLY A 1 -3.15 12.03 13.54
N ALA A 2 -3.39 12.29 14.82
CA ALA A 2 -2.41 12.00 15.86
C ALA A 2 -2.48 10.52 16.24
N ASP A 3 -2.19 9.66 15.28
CA ASP A 3 -2.23 8.23 15.48
C ASP A 3 -1.14 7.55 14.67
N PRO A 4 -0.45 6.55 15.25
CA PRO A 4 0.51 5.73 14.52
C PRO A 4 -0.19 4.73 13.60
N SER A 5 -0.95 5.26 12.64
CA SER A 5 -1.77 4.45 11.72
C SER A 5 -2.62 3.45 12.49
N LEU A 6 -3.61 3.95 13.20
CA LEU A 6 -4.49 3.10 13.99
C LEU A 6 -5.85 2.94 13.31
N ARG A 7 -6.35 1.70 13.25
CA ARG A 7 -7.60 1.37 12.56
C ARG A 7 -7.42 1.60 11.05
N LYS A 8 -7.51 2.85 10.64
CA LYS A 8 -7.18 3.28 9.28
C LYS A 8 -7.45 4.77 9.14
N SER A 9 -7.25 5.49 10.24
CA SER A 9 -7.54 6.92 10.31
C SER A 9 -6.68 7.71 9.33
N GLY A 10 -5.62 7.08 8.84
CA GLY A 10 -4.78 7.70 7.82
C GLY A 10 -5.58 8.02 6.55
N VAL A 11 -6.67 7.27 6.35
CA VAL A 11 -7.55 7.41 5.18
C VAL A 11 -6.84 7.08 3.88
N GLY A 12 -7.45 6.21 3.09
CA GLY A 12 -6.85 5.81 1.84
C GLY A 12 -5.68 4.90 2.08
N ASN A 13 -5.68 4.24 3.22
CA ASN A 13 -4.56 3.42 3.66
C ASN A 13 -4.76 2.01 3.13
N ILE A 14 -3.77 1.50 2.41
CA ILE A 14 -3.80 0.14 1.88
C ILE A 14 -2.48 -0.55 2.10
N PHE A 15 -2.47 -1.87 1.98
CA PHE A 15 -1.24 -2.61 2.11
C PHE A 15 -1.02 -3.47 0.86
N ILE A 16 0.24 -3.65 0.49
CA ILE A 16 0.62 -4.41 -0.69
C ILE A 16 1.59 -5.52 -0.31
N LYS A 17 1.50 -6.66 -0.98
CA LYS A 17 2.40 -7.77 -0.71
C LYS A 17 3.02 -8.31 -1.99
N ASN A 18 4.17 -8.96 -1.84
CA ASN A 18 4.91 -9.60 -2.93
C ASN A 18 5.54 -8.56 -3.87
N LEU A 19 6.00 -7.47 -3.29
CA LEU A 19 6.72 -6.45 -4.05
C LEU A 19 8.13 -6.90 -4.36
N ASP A 20 8.61 -6.54 -5.54
CA ASP A 20 9.93 -6.92 -5.98
C ASP A 20 11.01 -6.13 -5.26
N LYS A 21 12.17 -6.74 -5.10
CA LYS A 21 13.32 -6.13 -4.44
C LYS A 21 13.66 -4.76 -5.02
N SER A 22 13.44 -4.59 -6.32
CA SER A 22 13.81 -3.37 -7.01
C SER A 22 12.78 -2.25 -6.80
N ILE A 23 11.66 -2.57 -6.17
CA ILE A 23 10.62 -1.59 -5.93
C ILE A 23 10.99 -0.64 -4.79
N ASP A 24 10.92 0.64 -5.07
CA ASP A 24 11.22 1.67 -4.07
C ASP A 24 9.95 2.47 -3.79
N ASN A 25 10.06 3.46 -2.92
CA ASN A 25 8.90 4.27 -2.55
C ASN A 25 8.43 5.07 -3.76
N LYS A 26 9.39 5.50 -4.56
CA LYS A 26 9.12 6.23 -5.77
C LYS A 26 8.30 5.38 -6.71
N ALA A 27 8.79 4.18 -6.88
CA ALA A 27 8.21 3.21 -7.79
C ALA A 27 6.79 2.85 -7.37
N LEU A 28 6.60 2.64 -6.08
CA LEU A 28 5.29 2.35 -5.54
C LEU A 28 4.39 3.56 -5.74
N TYR A 29 4.89 4.74 -5.40
CA TYR A 29 4.17 5.98 -5.61
C TYR A 29 3.83 6.17 -7.08
N ASP A 30 4.82 6.00 -7.94
CA ASP A 30 4.65 6.27 -9.37
C ASP A 30 3.53 5.43 -9.94
N THR A 31 3.42 4.20 -9.47
CA THR A 31 2.41 3.28 -9.97
C THR A 31 1.03 3.59 -9.38
N PHE A 32 0.94 3.63 -8.05
CA PHE A 32 -0.34 3.78 -7.36
C PHE A 32 -0.92 5.20 -7.51
N SER A 33 -0.05 6.20 -7.67
CA SER A 33 -0.48 7.60 -7.77
C SER A 33 -1.45 7.80 -8.92
N ALA A 34 -1.36 6.96 -9.95
CA ALA A 34 -2.28 7.03 -11.08
C ALA A 34 -3.74 6.90 -10.64
N PHE A 35 -3.96 6.31 -9.46
CA PHE A 35 -5.30 6.11 -8.94
C PHE A 35 -5.73 7.27 -8.04
N GLY A 36 -4.76 8.13 -7.73
CA GLY A 36 -5.02 9.27 -6.88
C GLY A 36 -3.75 9.77 -6.22
N ASN A 37 -3.79 11.00 -5.73
CA ASN A 37 -2.64 11.58 -5.04
C ASN A 37 -2.30 10.76 -3.80
N ILE A 38 -1.03 10.46 -3.65
CA ILE A 38 -0.54 9.71 -2.51
C ILE A 38 0.09 10.67 -1.51
N LEU A 39 -0.25 10.48 -0.25
CA LEU A 39 0.22 11.35 0.82
C LEU A 39 1.54 10.81 1.34
N SER A 40 1.59 9.50 1.44
CA SER A 40 2.76 8.79 1.93
C SER A 40 2.77 7.38 1.38
N CYS A 41 3.86 6.96 0.79
CA CYS A 41 4.00 5.61 0.29
C CYS A 41 5.22 4.96 0.93
N LYS A 42 5.18 3.65 1.11
CA LYS A 42 6.28 2.98 1.76
C LYS A 42 6.45 1.56 1.23
N VAL A 43 7.67 1.26 0.83
CA VAL A 43 8.09 -0.08 0.50
C VAL A 43 9.05 -0.50 1.57
N VAL A 44 8.63 -1.41 2.39
CA VAL A 44 9.41 -1.81 3.53
C VAL A 44 10.56 -2.68 3.04
N CYS A 45 11.77 -2.19 3.24
CA CYS A 45 12.92 -2.76 2.57
C CYS A 45 13.65 -3.75 3.46
N ASP A 46 14.02 -4.88 2.86
CA ASP A 46 14.78 -5.89 3.54
C ASP A 46 16.25 -5.55 3.41
N GLU A 47 17.07 -6.12 4.26
CA GLU A 47 18.52 -5.95 4.13
C GLU A 47 18.98 -6.40 2.74
N ASN A 48 18.24 -7.35 2.16
CA ASN A 48 18.55 -7.88 0.85
C ASN A 48 17.81 -7.12 -0.25
N GLY A 49 17.05 -6.11 0.16
CA GLY A 49 16.29 -5.33 -0.81
C GLY A 49 14.88 -4.99 -0.35
N SER A 50 13.98 -5.95 -0.32
CA SER A 50 12.58 -5.66 0.00
C SER A 50 11.99 -6.71 0.94
N LYS A 51 11.19 -6.25 1.89
CA LYS A 51 10.53 -7.15 2.83
C LYS A 51 9.33 -7.80 2.18
N GLY A 52 8.98 -7.30 1.01
CA GLY A 52 7.91 -7.89 0.25
C GLY A 52 6.61 -7.10 0.32
N TYR A 53 6.46 -6.28 1.35
CA TYR A 53 5.19 -5.60 1.55
C TYR A 53 5.37 -4.10 1.67
N GLY A 54 4.32 -3.38 1.31
CA GLY A 54 4.35 -1.93 1.33
C GLY A 54 3.00 -1.35 1.68
N PHE A 55 2.93 -0.04 1.85
CA PHE A 55 1.69 0.63 2.26
C PHE A 55 1.50 1.94 1.51
N VAL A 56 0.27 2.20 1.05
CA VAL A 56 -0.05 3.48 0.42
C VAL A 56 -0.99 4.30 1.29
N HIS A 57 -0.67 5.57 1.43
CA HIS A 57 -1.62 6.52 1.96
C HIS A 57 -2.18 7.34 0.83
N PHE A 58 -3.43 7.10 0.48
CA PHE A 58 -4.07 7.88 -0.55
C PHE A 58 -4.70 9.12 0.05
N GLU A 59 -4.61 10.19 -0.71
CA GLU A 59 -5.20 11.48 -0.33
C GLU A 59 -6.66 11.33 0.02
N THR A 60 -7.30 10.43 -0.68
CA THR A 60 -8.72 10.16 -0.50
C THR A 60 -8.97 8.65 -0.33
N GLN A 61 -10.02 8.34 0.41
CA GLN A 61 -10.39 6.95 0.69
C GLN A 61 -10.76 6.21 -0.60
N GLU A 62 -11.45 6.92 -1.50
CA GLU A 62 -11.90 6.34 -2.77
C GLU A 62 -10.74 5.94 -3.68
N ALA A 63 -9.64 6.69 -3.64
CA ALA A 63 -8.50 6.41 -4.50
C ALA A 63 -7.85 5.10 -4.10
N ALA A 64 -7.86 4.82 -2.80
CA ALA A 64 -7.30 3.61 -2.26
C ALA A 64 -8.06 2.37 -2.74
N GLU A 65 -9.38 2.48 -2.76
CA GLU A 65 -10.23 1.40 -3.22
C GLU A 65 -9.89 1.04 -4.68
N ARG A 66 -9.65 2.06 -5.49
CA ARG A 66 -9.28 1.85 -6.89
C ARG A 66 -7.93 1.14 -6.99
N ALA A 67 -6.99 1.55 -6.16
CA ALA A 67 -5.67 0.94 -6.14
C ALA A 67 -5.77 -0.54 -5.77
N ILE A 68 -6.63 -0.83 -4.80
CA ILE A 68 -6.84 -2.21 -4.36
C ILE A 68 -7.30 -3.09 -5.51
N GLU A 69 -8.38 -2.69 -6.17
CA GLU A 69 -8.93 -3.49 -7.26
C GLU A 69 -7.96 -3.59 -8.43
N LYS A 70 -7.38 -2.47 -8.79
CA LYS A 70 -6.60 -2.36 -10.00
C LYS A 70 -5.20 -2.97 -9.85
N MET A 71 -4.59 -2.80 -8.70
CA MET A 71 -3.22 -3.23 -8.50
C MET A 71 -3.13 -4.65 -7.98
N ASN A 72 -4.17 -5.11 -7.30
CA ASN A 72 -4.17 -6.48 -6.80
C ASN A 72 -4.19 -7.44 -7.98
N GLY A 73 -3.21 -8.32 -8.04
CA GLY A 73 -3.15 -9.28 -9.13
C GLY A 73 -2.36 -8.74 -10.32
N MET A 74 -1.65 -7.64 -10.13
CA MET A 74 -0.84 -7.07 -11.18
C MET A 74 0.63 -7.41 -10.98
N LEU A 75 1.40 -7.35 -12.07
CA LEU A 75 2.81 -7.65 -12.01
C LEU A 75 3.59 -6.38 -11.91
N LEU A 76 4.14 -6.11 -10.76
CA LEU A 76 5.04 -5.00 -10.64
C LEU A 76 6.45 -5.48 -10.91
N ASN A 77 6.97 -5.10 -12.07
CA ASN A 77 8.28 -5.53 -12.55
C ASN A 77 8.25 -6.98 -13.00
N ASP A 78 8.07 -7.86 -12.04
CA ASP A 78 8.11 -9.29 -12.28
C ASP A 78 7.33 -10.07 -11.21
N ARG A 79 6.62 -9.37 -10.35
CA ARG A 79 5.94 -10.02 -9.24
C ARG A 79 4.50 -9.56 -9.15
N LYS A 80 3.60 -10.52 -8.97
CA LYS A 80 2.19 -10.21 -8.82
C LYS A 80 1.94 -9.73 -7.41
N VAL A 81 1.46 -8.51 -7.27
CA VAL A 81 1.34 -7.91 -5.96
C VAL A 81 -0.09 -7.99 -5.46
N PHE A 82 -0.21 -8.12 -4.16
CA PHE A 82 -1.49 -8.23 -3.51
C PHE A 82 -1.79 -6.93 -2.79
N VAL A 83 -2.85 -6.26 -3.19
CA VAL A 83 -3.23 -5.01 -2.56
C VAL A 83 -4.59 -5.18 -1.89
N GLY A 84 -4.67 -4.76 -0.64
CA GLY A 84 -5.92 -4.88 0.10
C GLY A 84 -6.06 -3.82 1.15
N ARG A 85 -7.15 -3.90 1.92
CA ARG A 85 -7.40 -2.93 2.98
C ARG A 85 -6.33 -3.04 4.06
N PHE A 86 -5.96 -1.89 4.61
CA PHE A 86 -4.85 -1.80 5.57
C PHE A 86 -5.26 -2.44 6.89
N LYS A 87 -4.34 -3.18 7.51
CA LYS A 87 -4.63 -3.88 8.76
C LYS A 87 -4.66 -2.90 9.93
N SER A 88 -3.48 -2.42 10.31
CA SER A 88 -3.28 -1.63 11.52
C SER A 88 -3.46 -2.52 12.76
N ARG A 89 -4.68 -3.02 12.94
CA ARG A 89 -4.97 -3.92 14.04
C ARG A 89 -5.11 -5.34 13.51
N LYS A 90 -4.11 -6.18 13.78
CA LYS A 90 -4.20 -7.59 13.41
C LYS A 90 -5.01 -8.32 14.46
N GLU A 91 -5.13 -7.68 15.61
CA GLU A 91 -5.88 -8.21 16.73
C GLU A 91 -6.69 -7.06 17.32
N ARG A 92 -7.96 -7.31 17.60
CA ARG A 92 -8.86 -6.28 18.12
C ARG A 92 -8.26 -5.59 19.35
N GLU A 93 -8.33 -4.25 19.35
CA GLU A 93 -7.83 -3.45 20.46
C GLU A 93 -8.79 -2.30 20.74
N ALA A 94 -8.74 -1.80 21.97
CA ALA A 94 -9.44 -0.57 22.37
C ALA A 94 -10.96 -0.69 22.28
N GLU A 95 -11.56 -1.13 23.39
CA GLU A 95 -13.01 -1.14 23.52
C GLU A 95 -13.45 0.08 24.31
N GLY A 1 0.47 -7.94 17.63
CA GLY A 1 1.15 -7.15 16.57
C GLY A 1 0.87 -5.68 16.71
N ALA A 2 1.75 -4.97 17.41
CA ALA A 2 1.61 -3.54 17.59
C ALA A 2 2.29 -2.81 16.43
N ASP A 3 1.96 -1.54 16.25
CA ASP A 3 2.49 -0.76 15.15
C ASP A 3 2.26 0.72 15.41
N PRO A 4 3.24 1.59 15.07
CA PRO A 4 3.08 3.04 15.21
C PRO A 4 1.84 3.57 14.50
N SER A 5 1.43 2.89 13.43
CA SER A 5 0.28 3.30 12.66
C SER A 5 -0.85 2.29 12.77
N LEU A 6 -1.19 1.92 14.00
CA LEU A 6 -2.33 1.02 14.24
C LEU A 6 -3.61 1.65 13.70
N ARG A 7 -4.56 0.80 13.29
CA ARG A 7 -5.79 1.26 12.63
C ARG A 7 -5.42 1.87 11.28
N LYS A 8 -6.39 2.41 10.54
CA LYS A 8 -6.10 3.00 9.25
C LYS A 8 -6.86 4.31 9.08
N SER A 9 -6.82 5.13 10.12
CA SER A 9 -7.48 6.43 10.11
C SER A 9 -6.68 7.43 9.27
N GLY A 10 -5.63 6.94 8.62
CA GLY A 10 -4.83 7.77 7.75
C GLY A 10 -5.57 8.12 6.47
N VAL A 11 -6.70 7.44 6.24
CA VAL A 11 -7.52 7.62 5.03
C VAL A 11 -6.79 7.19 3.77
N GLY A 12 -7.42 6.30 3.01
CA GLY A 12 -6.83 5.86 1.78
C GLY A 12 -5.66 4.92 2.03
N ASN A 13 -5.68 4.29 3.20
CA ASN A 13 -4.56 3.46 3.63
C ASN A 13 -4.75 2.04 3.11
N ILE A 14 -3.76 1.52 2.40
CA ILE A 14 -3.81 0.16 1.88
C ILE A 14 -2.48 -0.54 2.11
N PHE A 15 -2.47 -1.85 2.00
CA PHE A 15 -1.24 -2.61 2.12
C PHE A 15 -1.03 -3.48 0.89
N ILE A 16 0.24 -3.64 0.50
CA ILE A 16 0.59 -4.39 -0.69
C ILE A 16 1.57 -5.51 -0.33
N LYS A 17 1.43 -6.65 -0.97
CA LYS A 17 2.29 -7.80 -0.68
C LYS A 17 2.94 -8.35 -1.94
N ASN A 18 4.08 -9.02 -1.77
CA ASN A 18 4.78 -9.73 -2.85
C ASN A 18 5.40 -8.75 -3.85
N LEU A 19 5.93 -7.65 -3.32
CA LEU A 19 6.64 -6.66 -4.13
C LEU A 19 8.07 -7.12 -4.42
N ASP A 20 8.70 -6.49 -5.40
CA ASP A 20 10.08 -6.80 -5.75
C ASP A 20 11.03 -5.81 -5.09
N LYS A 21 12.27 -6.21 -4.93
CA LYS A 21 13.28 -5.34 -4.32
C LYS A 21 13.52 -4.09 -5.16
N SER A 22 13.30 -4.21 -6.45
CA SER A 22 13.44 -3.09 -7.37
C SER A 22 12.34 -2.04 -7.17
N ILE A 23 11.37 -2.35 -6.32
CA ILE A 23 10.29 -1.41 -6.04
C ILE A 23 10.67 -0.51 -4.87
N ASP A 24 10.83 0.77 -5.16
CA ASP A 24 11.14 1.76 -4.16
C ASP A 24 9.88 2.56 -3.84
N ASN A 25 10.01 3.61 -3.03
CA ASN A 25 8.83 4.37 -2.60
C ASN A 25 8.31 5.13 -3.80
N LYS A 26 9.25 5.52 -4.63
CA LYS A 26 8.99 6.23 -5.86
C LYS A 26 8.25 5.32 -6.81
N ALA A 27 8.78 4.13 -6.93
CA ALA A 27 8.25 3.13 -7.84
C ALA A 27 6.81 2.76 -7.46
N LEU A 28 6.60 2.59 -6.18
CA LEU A 28 5.28 2.28 -5.66
C LEU A 28 4.38 3.50 -5.86
N TYR A 29 4.88 4.67 -5.50
CA TYR A 29 4.16 5.92 -5.70
C TYR A 29 3.84 6.13 -7.17
N ASP A 30 4.83 5.93 -8.03
CA ASP A 30 4.67 6.19 -9.45
C ASP A 30 3.51 5.38 -10.02
N THR A 31 3.40 4.15 -9.56
CA THR A 31 2.35 3.27 -10.05
C THR A 31 0.99 3.59 -9.43
N PHE A 32 0.93 3.62 -8.10
CA PHE A 32 -0.33 3.80 -7.38
C PHE A 32 -0.88 5.23 -7.49
N SER A 33 0.00 6.22 -7.63
CA SER A 33 -0.42 7.62 -7.68
C SER A 33 -1.38 7.86 -8.85
N ALA A 34 -1.26 7.05 -9.90
CA ALA A 34 -2.17 7.14 -11.05
C ALA A 34 -3.63 6.96 -10.62
N PHE A 35 -3.84 6.33 -9.47
CA PHE A 35 -5.19 6.08 -8.95
C PHE A 35 -5.64 7.21 -8.03
N GLY A 36 -4.69 8.07 -7.66
CA GLY A 36 -5.00 9.18 -6.79
C GLY A 36 -3.75 9.73 -6.13
N ASN A 37 -3.82 10.96 -5.63
CA ASN A 37 -2.70 11.57 -4.94
C ASN A 37 -2.35 10.77 -3.70
N ILE A 38 -1.07 10.61 -3.45
CA ILE A 38 -0.59 9.86 -2.31
C ILE A 38 0.07 10.81 -1.31
N LEU A 39 -0.25 10.65 -0.02
CA LEU A 39 0.32 11.52 1.00
C LEU A 39 1.64 10.91 1.46
N SER A 40 1.61 9.61 1.65
CA SER A 40 2.78 8.86 2.12
C SER A 40 2.78 7.48 1.48
N CYS A 41 3.89 7.11 0.86
CA CYS A 41 4.04 5.77 0.30
C CYS A 41 5.27 5.11 0.88
N LYS A 42 5.16 3.85 1.24
CA LYS A 42 6.23 3.16 1.92
C LYS A 42 6.47 1.76 1.35
N VAL A 43 7.72 1.47 1.05
CA VAL A 43 8.15 0.13 0.69
C VAL A 43 9.11 -0.33 1.75
N VAL A 44 8.68 -1.30 2.53
CA VAL A 44 9.47 -1.75 3.64
C VAL A 44 10.55 -2.68 3.13
N CYS A 45 11.79 -2.26 3.29
CA CYS A 45 12.90 -2.89 2.60
C CYS A 45 13.66 -3.84 3.50
N ASP A 46 14.07 -4.97 2.93
CA ASP A 46 15.00 -5.86 3.57
C ASP A 46 16.41 -5.39 3.24
N GLU A 47 17.39 -5.80 4.03
CA GLU A 47 18.78 -5.44 3.74
C GLU A 47 19.19 -5.92 2.35
N ASN A 48 18.48 -6.92 1.84
CA ASN A 48 18.77 -7.50 0.52
C ASN A 48 17.99 -6.78 -0.56
N GLY A 49 17.09 -5.90 -0.15
CA GLY A 49 16.30 -5.14 -1.12
C GLY A 49 14.93 -4.74 -0.58
N SER A 50 14.02 -5.70 -0.43
CA SER A 50 12.67 -5.39 0.03
C SER A 50 12.13 -6.52 0.90
N LYS A 51 11.21 -6.19 1.80
CA LYS A 51 10.59 -7.20 2.65
C LYS A 51 9.39 -7.81 1.97
N GLY A 52 9.02 -7.24 0.85
CA GLY A 52 7.94 -7.79 0.07
C GLY A 52 6.64 -7.03 0.18
N TYR A 53 6.51 -6.21 1.20
CA TYR A 53 5.25 -5.53 1.44
C TYR A 53 5.42 -4.02 1.58
N GLY A 54 4.39 -3.30 1.21
CA GLY A 54 4.42 -1.85 1.28
C GLY A 54 3.05 -1.28 1.62
N PHE A 55 2.98 0.03 1.79
CA PHE A 55 1.73 0.68 2.19
C PHE A 55 1.54 1.98 1.44
N VAL A 56 0.30 2.27 1.02
CA VAL A 56 -0.02 3.54 0.39
C VAL A 56 -0.97 4.35 1.25
N HIS A 57 -0.68 5.64 1.38
CA HIS A 57 -1.63 6.58 1.94
C HIS A 57 -2.23 7.40 0.81
N PHE A 58 -3.47 7.13 0.47
CA PHE A 58 -4.13 7.87 -0.59
C PHE A 58 -4.85 9.08 -0.04
N GLU A 59 -4.69 10.18 -0.74
CA GLU A 59 -5.33 11.46 -0.39
C GLU A 59 -6.81 11.26 -0.11
N THR A 60 -7.42 10.43 -0.95
CA THR A 60 -8.83 10.13 -0.82
C THR A 60 -9.04 8.66 -0.54
N GLN A 61 -10.09 8.36 0.23
CA GLN A 61 -10.42 6.99 0.59
C GLN A 61 -10.77 6.16 -0.65
N GLU A 62 -11.39 6.81 -1.63
CA GLU A 62 -11.81 6.13 -2.86
C GLU A 62 -10.61 5.70 -3.70
N ALA A 63 -9.55 6.51 -3.69
CA ALA A 63 -8.36 6.21 -4.49
C ALA A 63 -7.71 4.93 -4.02
N ALA A 64 -7.77 4.69 -2.71
CA ALA A 64 -7.25 3.48 -2.12
C ALA A 64 -7.99 2.26 -2.66
N GLU A 65 -9.32 2.34 -2.65
CA GLU A 65 -10.15 1.26 -3.18
C GLU A 65 -9.83 1.00 -4.65
N ARG A 66 -9.55 2.07 -5.41
CA ARG A 66 -9.15 1.93 -6.82
C ARG A 66 -7.84 1.17 -6.94
N ALA A 67 -6.88 1.52 -6.09
CA ALA A 67 -5.58 0.86 -6.10
C ALA A 67 -5.73 -0.62 -5.76
N ILE A 68 -6.64 -0.93 -4.84
CA ILE A 68 -6.92 -2.30 -4.46
C ILE A 68 -7.40 -3.11 -5.65
N GLU A 69 -8.45 -2.62 -6.31
CA GLU A 69 -9.02 -3.33 -7.45
C GLU A 69 -8.05 -3.44 -8.60
N LYS A 70 -7.34 -2.37 -8.86
CA LYS A 70 -6.51 -2.29 -10.05
C LYS A 70 -5.16 -2.98 -9.88
N MET A 71 -4.55 -2.84 -8.71
CA MET A 71 -3.18 -3.32 -8.52
C MET A 71 -3.13 -4.73 -7.96
N ASN A 72 -4.20 -5.16 -7.31
CA ASN A 72 -4.22 -6.52 -6.77
C ASN A 72 -4.23 -7.51 -7.93
N GLY A 73 -3.26 -8.40 -7.95
CA GLY A 73 -3.17 -9.39 -9.01
C GLY A 73 -2.41 -8.87 -10.22
N MET A 74 -1.70 -7.75 -10.06
CA MET A 74 -0.89 -7.20 -11.12
C MET A 74 0.58 -7.53 -10.91
N LEU A 75 1.37 -7.36 -11.96
CA LEU A 75 2.80 -7.62 -11.90
C LEU A 75 3.53 -6.32 -11.71
N LEU A 76 4.41 -6.28 -10.76
CA LEU A 76 5.27 -5.14 -10.64
C LEU A 76 6.71 -5.57 -10.86
N ASN A 77 7.22 -5.31 -12.06
CA ASN A 77 8.60 -5.61 -12.45
C ASN A 77 8.81 -7.08 -12.79
N ASP A 78 7.97 -7.92 -12.22
CA ASP A 78 8.08 -9.38 -12.36
C ASP A 78 7.20 -10.10 -11.35
N ARG A 79 6.85 -9.42 -10.27
CA ARG A 79 6.17 -10.06 -9.15
C ARG A 79 4.74 -9.57 -9.04
N LYS A 80 3.83 -10.51 -8.90
CA LYS A 80 2.42 -10.20 -8.76
C LYS A 80 2.14 -9.72 -7.34
N VAL A 81 1.58 -8.54 -7.21
CA VAL A 81 1.38 -7.95 -5.89
C VAL A 81 -0.06 -8.06 -5.43
N PHE A 82 -0.23 -8.16 -4.13
CA PHE A 82 -1.56 -8.21 -3.53
C PHE A 82 -1.84 -6.89 -2.83
N VAL A 83 -2.90 -6.22 -3.25
CA VAL A 83 -3.29 -4.96 -2.62
C VAL A 83 -4.64 -5.14 -1.95
N GLY A 84 -4.70 -4.81 -0.67
CA GLY A 84 -5.93 -4.96 0.07
C GLY A 84 -6.11 -3.89 1.12
N ARG A 85 -7.14 -4.02 1.92
CA ARG A 85 -7.44 -3.06 2.97
C ARG A 85 -6.32 -3.08 4.01
N PHE A 86 -6.03 -1.92 4.57
CA PHE A 86 -4.88 -1.77 5.45
C PHE A 86 -5.11 -2.51 6.76
N LYS A 87 -4.10 -3.25 7.19
CA LYS A 87 -4.19 -4.04 8.41
C LYS A 87 -2.89 -4.00 9.19
N SER A 88 -2.67 -2.91 9.92
CA SER A 88 -1.51 -2.78 10.78
C SER A 88 -1.61 -3.78 11.92
N ARG A 89 -2.69 -3.70 12.67
CA ARG A 89 -2.98 -4.68 13.69
C ARG A 89 -3.77 -5.82 13.07
N LYS A 90 -3.59 -7.04 13.57
CA LYS A 90 -4.30 -8.18 13.00
C LYS A 90 -5.05 -8.92 14.11
N GLU A 91 -5.07 -8.34 15.29
CA GLU A 91 -5.76 -8.94 16.41
C GLU A 91 -7.09 -8.24 16.62
N ARG A 92 -8.09 -9.01 17.02
CA ARG A 92 -9.38 -8.46 17.37
C ARG A 92 -9.44 -8.22 18.88
N GLU A 93 -8.67 -9.03 19.62
CA GLU A 93 -8.58 -8.94 21.08
C GLU A 93 -9.87 -9.42 21.74
N ALA A 94 -9.76 -10.44 22.59
CA ALA A 94 -10.92 -10.99 23.26
C ALA A 94 -11.21 -10.21 24.54
N GLU A 95 -12.08 -9.21 24.41
CA GLU A 95 -12.42 -8.35 25.53
C GLU A 95 -13.92 -8.40 25.79
N GLY A 1 -23.68 12.92 13.76
CA GLY A 1 -22.38 13.38 13.22
C GLY A 1 -22.42 13.57 11.72
N ALA A 2 -21.37 14.18 11.17
CA ALA A 2 -21.29 14.40 9.74
C ALA A 2 -20.59 13.22 9.07
N ASP A 3 -19.68 12.60 9.80
CA ASP A 3 -18.94 11.45 9.28
C ASP A 3 -19.77 10.19 9.45
N PRO A 4 -20.04 9.46 8.36
CA PRO A 4 -20.84 8.24 8.40
C PRO A 4 -20.19 7.16 9.27
N SER A 5 -19.11 6.57 8.77
CA SER A 5 -18.38 5.54 9.50
C SER A 5 -16.93 5.46 9.01
N LEU A 6 -16.04 6.15 9.70
CA LEU A 6 -14.62 6.11 9.35
C LEU A 6 -13.89 5.14 10.28
N ARG A 7 -13.26 4.11 9.71
CA ARG A 7 -12.55 3.12 10.52
C ARG A 7 -11.05 3.38 10.45
N LYS A 8 -10.58 3.70 9.25
CA LYS A 8 -9.17 3.94 9.02
C LYS A 8 -8.87 5.44 9.09
N SER A 9 -8.46 5.96 10.26
CA SER A 9 -8.22 7.38 10.43
C SER A 9 -7.08 7.88 9.54
N GLY A 10 -6.30 6.96 8.97
CA GLY A 10 -5.27 7.32 8.03
C GLY A 10 -5.86 7.75 6.69
N VAL A 11 -7.03 7.20 6.36
CA VAL A 11 -7.72 7.44 5.07
C VAL A 11 -6.90 7.00 3.86
N GLY A 12 -7.51 6.19 3.02
CA GLY A 12 -6.86 5.79 1.80
C GLY A 12 -5.74 4.82 2.05
N ASN A 13 -5.83 4.11 3.17
CA ASN A 13 -4.75 3.24 3.62
C ASN A 13 -4.90 1.87 2.96
N ILE A 14 -3.85 1.42 2.28
CA ILE A 14 -3.83 0.08 1.70
C ILE A 14 -2.49 -0.60 1.99
N PHE A 15 -2.46 -1.91 1.89
CA PHE A 15 -1.22 -2.65 2.07
C PHE A 15 -0.97 -3.54 0.86
N ILE A 16 0.29 -3.65 0.49
CA ILE A 16 0.69 -4.41 -0.69
C ILE A 16 1.66 -5.51 -0.30
N LYS A 17 1.40 -6.72 -0.78
CA LYS A 17 2.24 -7.87 -0.46
C LYS A 17 2.90 -8.41 -1.74
N ASN A 18 4.08 -9.00 -1.57
CA ASN A 18 4.78 -9.71 -2.65
C ASN A 18 5.40 -8.75 -3.67
N LEU A 19 5.93 -7.64 -3.18
CA LEU A 19 6.61 -6.68 -4.04
C LEU A 19 8.01 -7.17 -4.40
N ASP A 20 8.54 -6.63 -5.49
CA ASP A 20 9.86 -6.99 -5.96
C ASP A 20 10.95 -6.18 -5.25
N LYS A 21 12.12 -6.79 -5.14
CA LYS A 21 13.28 -6.21 -4.45
C LYS A 21 13.61 -4.81 -4.95
N SER A 22 13.44 -4.59 -6.25
CA SER A 22 13.86 -3.36 -6.88
C SER A 22 12.78 -2.27 -6.82
N ILE A 23 11.62 -2.60 -6.28
CA ILE A 23 10.53 -1.64 -6.17
C ILE A 23 10.82 -0.61 -5.08
N ASP A 24 10.80 0.66 -5.46
CA ASP A 24 11.10 1.77 -4.56
C ASP A 24 9.83 2.48 -4.14
N ASN A 25 9.96 3.49 -3.29
CA ASN A 25 8.81 4.23 -2.79
C ASN A 25 8.30 5.07 -3.94
N LYS A 26 9.24 5.50 -4.75
CA LYS A 26 8.99 6.24 -5.94
C LYS A 26 8.22 5.37 -6.89
N ALA A 27 8.74 4.17 -7.06
CA ALA A 27 8.16 3.20 -7.99
C ALA A 27 6.74 2.85 -7.59
N LEU A 28 6.56 2.62 -6.30
CA LEU A 28 5.25 2.33 -5.75
C LEU A 28 4.34 3.54 -5.94
N TYR A 29 4.87 4.71 -5.59
CA TYR A 29 4.15 5.96 -5.79
C TYR A 29 3.81 6.18 -7.25
N ASP A 30 4.80 6.03 -8.12
CA ASP A 30 4.63 6.31 -9.54
C ASP A 30 3.51 5.47 -10.14
N THR A 31 3.38 4.24 -9.66
CA THR A 31 2.35 3.35 -10.15
C THR A 31 0.99 3.67 -9.53
N PHE A 32 0.92 3.69 -8.20
CA PHE A 32 -0.35 3.85 -7.48
C PHE A 32 -0.91 5.28 -7.57
N SER A 33 -0.05 6.28 -7.70
CA SER A 33 -0.47 7.68 -7.74
C SER A 33 -1.44 7.94 -8.90
N ALA A 34 -1.32 7.16 -9.96
CA ALA A 34 -2.23 7.25 -11.10
C ALA A 34 -3.68 7.06 -10.65
N PHE A 35 -3.88 6.40 -9.51
CA PHE A 35 -5.20 6.13 -8.98
C PHE A 35 -5.65 7.26 -8.06
N GLY A 36 -4.68 8.05 -7.58
CA GLY A 36 -5.00 9.15 -6.70
C GLY A 36 -3.75 9.72 -6.05
N ASN A 37 -3.89 10.87 -5.41
CA ASN A 37 -2.76 11.51 -4.75
C ASN A 37 -2.36 10.71 -3.52
N ILE A 38 -1.06 10.59 -3.30
CA ILE A 38 -0.55 9.83 -2.17
C ILE A 38 0.11 10.75 -1.15
N LEU A 39 -0.20 10.56 0.12
CA LEU A 39 0.36 11.39 1.17
C LEU A 39 1.64 10.75 1.71
N SER A 40 1.60 9.42 1.81
CA SER A 40 2.72 8.66 2.36
C SER A 40 2.71 7.23 1.84
N CYS A 41 3.59 6.94 0.90
CA CYS A 41 3.77 5.57 0.42
C CYS A 41 5.07 5.01 0.96
N LYS A 42 5.06 3.74 1.30
CA LYS A 42 6.19 3.10 1.95
C LYS A 42 6.47 1.75 1.32
N VAL A 43 7.73 1.51 0.98
CA VAL A 43 8.18 0.20 0.58
C VAL A 43 9.17 -0.26 1.61
N VAL A 44 8.77 -1.25 2.38
CA VAL A 44 9.60 -1.70 3.46
C VAL A 44 10.68 -2.60 2.91
N CYS A 45 11.92 -2.15 3.04
CA CYS A 45 13.02 -2.76 2.31
C CYS A 45 13.89 -3.66 3.19
N ASP A 46 14.22 -4.82 2.64
CA ASP A 46 15.10 -5.75 3.29
C ASP A 46 16.54 -5.40 2.93
N GLU A 47 17.51 -6.02 3.60
CA GLU A 47 18.91 -5.83 3.24
C GLU A 47 19.14 -6.30 1.81
N ASN A 48 18.35 -7.27 1.36
CA ASN A 48 18.47 -7.83 0.02
C ASN A 48 17.70 -6.99 -1.00
N GLY A 49 17.04 -5.95 -0.54
CA GLY A 49 16.30 -5.09 -1.43
C GLY A 49 14.96 -4.65 -0.87
N SER A 50 14.02 -5.58 -0.75
CA SER A 50 12.69 -5.24 -0.23
C SER A 50 12.20 -6.38 0.66
N LYS A 51 11.39 -6.04 1.66
CA LYS A 51 10.86 -7.05 2.56
C LYS A 51 9.67 -7.73 1.92
N GLY A 52 9.18 -7.13 0.85
CA GLY A 52 8.10 -7.74 0.10
C GLY A 52 6.78 -7.01 0.24
N TYR A 53 6.68 -6.13 1.22
CA TYR A 53 5.40 -5.48 1.49
C TYR A 53 5.56 -3.97 1.58
N GLY A 54 4.51 -3.28 1.17
CA GLY A 54 4.50 -1.84 1.17
C GLY A 54 3.13 -1.29 1.54
N PHE A 55 3.05 0.01 1.76
CA PHE A 55 1.81 0.63 2.20
C PHE A 55 1.57 1.95 1.46
N VAL A 56 0.34 2.19 1.03
CA VAL A 56 -0.01 3.47 0.41
C VAL A 56 -0.97 4.24 1.30
N HIS A 57 -0.66 5.50 1.52
CA HIS A 57 -1.63 6.43 2.08
C HIS A 57 -2.20 7.27 0.97
N PHE A 58 -3.44 7.01 0.60
CA PHE A 58 -4.09 7.77 -0.45
C PHE A 58 -4.82 8.97 0.12
N GLU A 59 -4.66 10.07 -0.59
CA GLU A 59 -5.32 11.33 -0.26
C GLU A 59 -6.80 11.10 0.01
N THR A 60 -7.40 10.38 -0.91
CA THR A 60 -8.82 10.07 -0.83
C THR A 60 -9.04 8.59 -0.56
N GLN A 61 -10.07 8.30 0.21
CA GLN A 61 -10.42 6.93 0.57
C GLN A 61 -10.75 6.10 -0.68
N GLU A 62 -11.43 6.73 -1.64
CA GLU A 62 -11.84 6.03 -2.86
C GLU A 62 -10.65 5.69 -3.75
N ALA A 63 -9.63 6.55 -3.77
CA ALA A 63 -8.43 6.32 -4.58
C ALA A 63 -7.74 5.04 -4.13
N ALA A 64 -7.77 4.79 -2.83
CA ALA A 64 -7.22 3.58 -2.26
C ALA A 64 -7.95 2.35 -2.78
N GLU A 65 -9.27 2.45 -2.82
CA GLU A 65 -10.11 1.38 -3.35
C GLU A 65 -9.76 1.10 -4.80
N ARG A 66 -9.53 2.16 -5.56
CA ARG A 66 -9.15 2.04 -6.96
C ARG A 66 -7.81 1.31 -7.10
N ALA A 67 -6.87 1.60 -6.20
CA ALA A 67 -5.58 0.94 -6.21
C ALA A 67 -5.74 -0.53 -5.86
N ILE A 68 -6.63 -0.82 -4.92
CA ILE A 68 -6.89 -2.20 -4.51
C ILE A 68 -7.36 -3.04 -5.70
N GLU A 69 -8.40 -2.58 -6.38
CA GLU A 69 -8.95 -3.33 -7.51
C GLU A 69 -7.93 -3.52 -8.62
N LYS A 70 -7.22 -2.45 -8.92
CA LYS A 70 -6.39 -2.40 -10.10
C LYS A 70 -5.03 -3.05 -9.88
N MET A 71 -4.45 -2.86 -8.71
CA MET A 71 -3.09 -3.32 -8.46
C MET A 71 -3.05 -4.73 -7.88
N ASN A 72 -4.13 -5.14 -7.24
CA ASN A 72 -4.16 -6.48 -6.67
C ASN A 72 -4.18 -7.51 -7.80
N GLY A 73 -3.20 -8.41 -7.77
CA GLY A 73 -3.13 -9.44 -8.80
C GLY A 73 -2.29 -9.03 -10.00
N MET A 74 -1.61 -7.89 -9.87
CA MET A 74 -0.73 -7.41 -10.94
C MET A 74 0.69 -7.89 -10.77
N LEU A 75 1.47 -7.79 -11.83
CA LEU A 75 2.87 -8.19 -11.79
C LEU A 75 3.74 -6.95 -11.77
N LEU A 76 4.33 -6.67 -10.64
CA LEU A 76 5.29 -5.60 -10.59
C LEU A 76 6.69 -6.18 -10.78
N ASN A 77 7.26 -5.90 -11.94
CA ASN A 77 8.58 -6.42 -12.34
C ASN A 77 8.54 -7.90 -12.66
N ASP A 78 8.20 -8.68 -11.67
CA ASP A 78 8.16 -10.13 -11.80
C ASP A 78 7.38 -10.78 -10.66
N ARG A 79 6.66 -9.98 -9.91
CA ARG A 79 5.99 -10.49 -8.72
C ARG A 79 4.56 -9.98 -8.66
N LYS A 80 3.63 -10.89 -8.46
CA LYS A 80 2.23 -10.55 -8.38
C LYS A 80 1.94 -9.98 -6.99
N VAL A 81 1.47 -8.76 -6.95
CA VAL A 81 1.31 -8.08 -5.67
C VAL A 81 -0.13 -8.11 -5.22
N PHE A 82 -0.29 -8.17 -3.91
CA PHE A 82 -1.59 -8.20 -3.30
C PHE A 82 -1.88 -6.87 -2.64
N VAL A 83 -2.91 -6.19 -3.09
CA VAL A 83 -3.29 -4.92 -2.51
C VAL A 83 -4.67 -5.06 -1.87
N GLY A 84 -4.76 -4.73 -0.61
CA GLY A 84 -6.02 -4.85 0.10
C GLY A 84 -6.19 -3.76 1.13
N ARG A 85 -7.26 -3.86 1.90
CA ARG A 85 -7.57 -2.88 2.93
C ARG A 85 -6.54 -2.95 4.05
N PHE A 86 -5.85 -1.84 4.26
CA PHE A 86 -4.81 -1.75 5.27
C PHE A 86 -5.34 -2.08 6.65
N LYS A 87 -4.67 -3.00 7.32
CA LYS A 87 -5.02 -3.36 8.69
C LYS A 87 -4.75 -2.17 9.60
N SER A 88 -5.79 -1.41 9.85
CA SER A 88 -5.66 -0.16 10.58
C SER A 88 -5.96 -0.39 12.05
N ARG A 89 -6.70 -1.47 12.33
CA ARG A 89 -7.06 -1.83 13.70
C ARG A 89 -7.96 -0.76 14.30
N LYS A 90 -7.35 0.21 14.97
CA LYS A 90 -8.03 1.37 15.52
C LYS A 90 -7.04 2.18 16.33
N GLU A 91 -6.17 1.47 17.03
CA GLU A 91 -5.13 2.09 17.83
C GLU A 91 -3.95 2.46 16.93
N ARG A 92 -3.43 3.66 17.13
CA ARG A 92 -2.30 4.15 16.35
C ARG A 92 -1.01 3.98 17.16
N GLU A 93 -1.15 3.28 18.29
CA GLU A 93 -0.03 2.91 19.17
C GLU A 93 0.48 4.10 19.97
N ALA A 94 0.56 5.25 19.34
CA ALA A 94 0.99 6.47 20.00
C ALA A 94 -0.18 7.41 20.19
N GLU A 95 -0.80 7.36 21.36
CA GLU A 95 -1.95 8.21 21.66
C GLU A 95 -1.84 8.73 23.09
N GLY A 1 -4.98 8.88 22.99
CA GLY A 1 -6.42 8.96 23.35
C GLY A 1 -7.21 7.80 22.80
N ALA A 2 -7.66 7.93 21.55
CA ALA A 2 -8.43 6.88 20.91
C ALA A 2 -7.52 5.75 20.43
N ASP A 3 -8.07 4.57 20.26
CA ASP A 3 -7.26 3.41 19.88
C ASP A 3 -7.08 3.37 18.37
N PRO A 4 -5.82 3.25 17.91
CA PRO A 4 -5.48 3.23 16.48
C PRO A 4 -6.02 2.00 15.75
N SER A 5 -6.52 1.03 16.51
CA SER A 5 -7.01 -0.21 15.94
C SER A 5 -8.54 -0.28 15.99
N LEU A 6 -9.18 0.59 15.23
CA LEU A 6 -10.63 0.61 15.12
C LEU A 6 -11.02 0.91 13.67
N ARG A 7 -11.55 -0.09 12.95
CA ARG A 7 -11.78 0.04 11.51
C ARG A 7 -10.47 0.44 10.83
N LYS A 8 -10.56 1.10 9.69
CA LYS A 8 -9.36 1.63 9.05
C LYS A 8 -9.13 3.08 9.50
N SER A 9 -7.96 3.61 9.18
CA SER A 9 -7.57 4.95 9.61
C SER A 9 -6.53 5.48 8.63
N GLY A 10 -6.04 6.71 8.85
CA GLY A 10 -5.05 7.29 7.94
C GLY A 10 -5.69 7.78 6.65
N VAL A 11 -6.82 7.15 6.29
CA VAL A 11 -7.55 7.41 5.06
C VAL A 11 -6.75 7.00 3.84
N GLY A 12 -7.35 6.15 3.02
CA GLY A 12 -6.72 5.73 1.81
C GLY A 12 -5.57 4.79 2.06
N ASN A 13 -5.61 4.10 3.19
CA ASN A 13 -4.50 3.25 3.61
C ASN A 13 -4.69 1.85 3.03
N ILE A 14 -3.69 1.37 2.33
CA ILE A 14 -3.72 0.01 1.78
C ILE A 14 -2.39 -0.67 2.02
N PHE A 15 -2.39 -1.98 1.97
CA PHE A 15 -1.15 -2.74 2.11
C PHE A 15 -0.94 -3.61 0.89
N ILE A 16 0.31 -3.65 0.43
CA ILE A 16 0.67 -4.40 -0.76
C ILE A 16 1.64 -5.51 -0.40
N LYS A 17 1.36 -6.71 -0.89
CA LYS A 17 2.20 -7.86 -0.60
C LYS A 17 2.88 -8.36 -1.87
N ASN A 18 4.05 -8.98 -1.70
CA ASN A 18 4.75 -9.68 -2.78
C ASN A 18 5.43 -8.72 -3.75
N LEU A 19 5.91 -7.60 -3.22
CA LEU A 19 6.61 -6.61 -4.04
C LEU A 19 8.03 -7.07 -4.38
N ASP A 20 8.56 -6.53 -5.46
CA ASP A 20 9.90 -6.86 -5.91
C ASP A 20 10.96 -6.04 -5.17
N LYS A 21 12.16 -6.60 -5.07
CA LYS A 21 13.27 -5.98 -4.35
C LYS A 21 13.57 -4.57 -4.83
N SER A 22 13.45 -4.34 -6.14
CA SER A 22 13.85 -3.07 -6.72
C SER A 22 12.79 -1.99 -6.54
N ILE A 23 11.62 -2.37 -6.05
CA ILE A 23 10.54 -1.42 -5.87
C ILE A 23 10.84 -0.48 -4.72
N ASP A 24 10.89 0.80 -5.02
CA ASP A 24 11.18 1.83 -4.03
C ASP A 24 9.92 2.64 -3.76
N ASN A 25 10.01 3.62 -2.88
CA ASN A 25 8.85 4.43 -2.52
C ASN A 25 8.37 5.17 -3.75
N LYS A 26 9.31 5.67 -4.53
CA LYS A 26 9.03 6.37 -5.75
C LYS A 26 8.27 5.48 -6.71
N ALA A 27 8.81 4.30 -6.88
CA ALA A 27 8.27 3.32 -7.81
C ALA A 27 6.85 2.92 -7.43
N LEU A 28 6.63 2.70 -6.14
CA LEU A 28 5.31 2.38 -5.64
C LEU A 28 4.38 3.57 -5.86
N TYR A 29 4.88 4.75 -5.49
CA TYR A 29 4.15 5.99 -5.71
C TYR A 29 3.82 6.18 -7.18
N ASP A 30 4.83 6.00 -8.03
CA ASP A 30 4.68 6.25 -9.46
C ASP A 30 3.56 5.41 -10.04
N THR A 31 3.43 4.18 -9.56
CA THR A 31 2.41 3.29 -10.04
C THR A 31 1.02 3.62 -9.44
N PHE A 32 0.95 3.68 -8.12
CA PHE A 32 -0.32 3.86 -7.42
C PHE A 32 -0.88 5.29 -7.54
N SER A 33 -0.01 6.28 -7.70
CA SER A 33 -0.42 7.68 -7.79
C SER A 33 -1.39 7.88 -8.96
N ALA A 34 -1.27 7.05 -9.98
CA ALA A 34 -2.17 7.08 -11.12
C ALA A 34 -3.63 6.93 -10.70
N PHE A 35 -3.85 6.36 -9.52
CA PHE A 35 -5.20 6.13 -9.01
C PHE A 35 -5.64 7.31 -8.12
N GLY A 36 -4.67 8.10 -7.68
CA GLY A 36 -4.96 9.23 -6.84
C GLY A 36 -3.71 9.75 -6.16
N ASN A 37 -3.77 10.98 -5.65
CA ASN A 37 -2.67 11.59 -4.93
C ASN A 37 -2.32 10.78 -3.69
N ILE A 38 -1.05 10.51 -3.51
CA ILE A 38 -0.57 9.75 -2.36
C ILE A 38 0.12 10.69 -1.38
N LEU A 39 -0.20 10.57 -0.10
CA LEU A 39 0.38 11.45 0.91
C LEU A 39 1.69 10.84 1.39
N SER A 40 1.66 9.53 1.57
CA SER A 40 2.82 8.78 2.03
C SER A 40 2.81 7.38 1.40
N CYS A 41 3.92 6.99 0.82
CA CYS A 41 4.04 5.67 0.22
C CYS A 41 5.31 5.01 0.74
N LYS A 42 5.17 3.83 1.31
CA LYS A 42 6.28 3.18 1.96
C LYS A 42 6.52 1.80 1.38
N VAL A 43 7.76 1.55 0.99
CA VAL A 43 8.20 0.22 0.62
C VAL A 43 9.22 -0.21 1.63
N VAL A 44 8.85 -1.15 2.45
CA VAL A 44 9.69 -1.57 3.54
C VAL A 44 10.81 -2.43 2.97
N CYS A 45 12.03 -1.95 3.10
CA CYS A 45 13.15 -2.49 2.36
C CYS A 45 13.96 -3.50 3.16
N ASP A 46 14.26 -4.60 2.52
CA ASP A 46 15.14 -5.61 3.09
C ASP A 46 16.57 -5.25 2.74
N GLU A 47 17.53 -5.84 3.43
CA GLU A 47 18.94 -5.65 3.08
C GLU A 47 19.19 -6.03 1.62
N ASN A 48 18.37 -6.94 1.10
CA ASN A 48 18.51 -7.41 -0.28
C ASN A 48 17.64 -6.59 -1.23
N GLY A 49 16.91 -5.63 -0.68
CA GLY A 49 16.08 -4.77 -1.52
C GLY A 49 14.75 -4.41 -0.89
N SER A 50 13.85 -5.38 -0.76
CA SER A 50 12.52 -5.13 -0.22
C SER A 50 12.07 -6.29 0.64
N LYS A 51 11.31 -5.98 1.69
CA LYS A 51 10.81 -7.00 2.60
C LYS A 51 9.66 -7.75 1.99
N GLY A 52 9.12 -7.16 0.92
CA GLY A 52 8.06 -7.82 0.20
C GLY A 52 6.72 -7.12 0.32
N TYR A 53 6.62 -6.18 1.24
CA TYR A 53 5.35 -5.50 1.47
C TYR A 53 5.52 -3.99 1.55
N GLY A 54 4.49 -3.29 1.12
CA GLY A 54 4.50 -1.84 1.13
C GLY A 54 3.14 -1.27 1.49
N PHE A 55 3.07 0.02 1.76
CA PHE A 55 1.83 0.64 2.19
C PHE A 55 1.61 1.97 1.48
N VAL A 56 0.38 2.22 1.03
CA VAL A 56 0.03 3.49 0.40
C VAL A 56 -0.91 4.29 1.28
N HIS A 57 -0.64 5.58 1.38
CA HIS A 57 -1.60 6.52 1.95
C HIS A 57 -2.21 7.34 0.82
N PHE A 58 -3.44 7.05 0.47
CA PHE A 58 -4.11 7.80 -0.57
C PHE A 58 -4.82 9.00 0.00
N GLU A 59 -4.70 10.10 -0.73
CA GLU A 59 -5.34 11.37 -0.36
C GLU A 59 -6.79 11.15 0.04
N THR A 60 -7.47 10.37 -0.75
CA THR A 60 -8.87 10.05 -0.50
C THR A 60 -9.06 8.56 -0.29
N GLN A 61 -10.06 8.21 0.48
CA GLN A 61 -10.38 6.83 0.80
C GLN A 61 -10.74 6.05 -0.47
N GLU A 62 -11.37 6.74 -1.42
CA GLU A 62 -11.81 6.10 -2.65
C GLU A 62 -10.64 5.72 -3.55
N ALA A 63 -9.59 6.54 -3.57
CA ALA A 63 -8.41 6.28 -4.39
C ALA A 63 -7.74 4.97 -3.98
N ALA A 64 -7.79 4.68 -2.69
CA ALA A 64 -7.26 3.44 -2.15
C ALA A 64 -8.03 2.25 -2.70
N GLU A 65 -9.36 2.37 -2.71
CA GLU A 65 -10.22 1.32 -3.24
C GLU A 65 -9.88 1.04 -4.71
N ARG A 66 -9.58 2.10 -5.46
CA ARG A 66 -9.18 1.97 -6.85
C ARG A 66 -7.89 1.18 -6.97
N ALA A 67 -6.92 1.48 -6.11
CA ALA A 67 -5.63 0.79 -6.13
C ALA A 67 -5.82 -0.68 -5.76
N ILE A 68 -6.73 -0.95 -4.83
CA ILE A 68 -7.04 -2.31 -4.43
C ILE A 68 -7.53 -3.14 -5.61
N GLU A 69 -8.54 -2.65 -6.32
CA GLU A 69 -9.08 -3.37 -7.46
C GLU A 69 -8.06 -3.52 -8.57
N LYS A 70 -7.39 -2.43 -8.88
CA LYS A 70 -6.58 -2.36 -10.07
C LYS A 70 -5.20 -3.00 -9.89
N MET A 71 -4.60 -2.84 -8.74
CA MET A 71 -3.23 -3.29 -8.52
C MET A 71 -3.16 -4.68 -7.94
N ASN A 72 -4.24 -5.13 -7.32
CA ASN A 72 -4.25 -6.47 -6.74
C ASN A 72 -4.22 -7.50 -7.85
N GLY A 73 -3.24 -8.39 -7.80
CA GLY A 73 -3.11 -9.41 -8.82
C GLY A 73 -2.34 -8.94 -10.04
N MET A 74 -1.63 -7.83 -9.90
CA MET A 74 -0.80 -7.30 -10.98
C MET A 74 0.64 -7.75 -10.82
N LEU A 75 1.40 -7.65 -11.90
CA LEU A 75 2.80 -8.00 -11.86
C LEU A 75 3.63 -6.74 -11.83
N LEU A 76 4.18 -6.43 -10.68
CA LEU A 76 5.09 -5.33 -10.59
C LEU A 76 6.51 -5.82 -10.83
N ASN A 77 7.05 -5.47 -11.98
CA ASN A 77 8.38 -5.90 -12.41
C ASN A 77 8.38 -7.36 -12.84
N ASP A 78 8.04 -8.22 -11.91
CA ASP A 78 8.01 -9.66 -12.14
C ASP A 78 7.39 -10.39 -10.95
N ARG A 79 6.58 -9.69 -10.16
CA ARG A 79 5.96 -10.26 -8.98
C ARG A 79 4.51 -9.82 -8.88
N LYS A 80 3.62 -10.75 -8.63
CA LYS A 80 2.20 -10.47 -8.57
C LYS A 80 1.85 -9.97 -7.17
N VAL A 81 1.43 -8.72 -7.07
CA VAL A 81 1.27 -8.10 -5.77
C VAL A 81 -0.18 -8.09 -5.33
N PHE A 82 -0.36 -8.18 -4.03
CA PHE A 82 -1.68 -8.20 -3.44
C PHE A 82 -1.93 -6.86 -2.76
N VAL A 83 -2.98 -6.17 -3.19
CA VAL A 83 -3.35 -4.90 -2.58
C VAL A 83 -4.72 -5.05 -1.94
N GLY A 84 -4.80 -4.73 -0.66
CA GLY A 84 -6.06 -4.84 0.04
C GLY A 84 -6.22 -3.80 1.11
N ARG A 85 -7.26 -3.94 1.91
CA ARG A 85 -7.54 -2.99 2.99
C ARG A 85 -6.48 -3.14 4.07
N PHE A 86 -5.92 -2.01 4.49
CA PHE A 86 -4.84 -1.99 5.47
C PHE A 86 -5.34 -2.53 6.80
N LYS A 87 -4.62 -3.49 7.35
CA LYS A 87 -5.03 -4.13 8.60
C LYS A 87 -4.60 -3.27 9.78
N SER A 88 -5.43 -2.31 10.13
CA SER A 88 -5.12 -1.37 11.20
C SER A 88 -5.53 -1.94 12.57
N ARG A 89 -6.36 -2.96 12.58
CA ARG A 89 -6.77 -3.58 13.83
C ARG A 89 -6.15 -4.96 13.98
N LYS A 90 -6.85 -5.99 13.51
CA LYS A 90 -6.38 -7.36 13.61
C LYS A 90 -6.74 -8.15 12.36
N GLU A 91 -6.53 -9.45 12.42
CA GLU A 91 -6.95 -10.34 11.34
C GLU A 91 -7.83 -11.43 11.93
N ARG A 92 -9.02 -11.61 11.37
CA ARG A 92 -9.98 -12.54 11.95
C ARG A 92 -9.83 -13.94 11.37
N GLU A 93 -10.28 -14.10 10.13
CA GLU A 93 -10.35 -15.39 9.45
C GLU A 93 -11.28 -15.27 8.25
N ALA A 94 -12.34 -14.50 8.46
CA ALA A 94 -13.35 -14.26 7.46
C ALA A 94 -13.81 -12.82 7.55
N GLU A 95 -13.31 -12.00 6.64
CA GLU A 95 -13.59 -10.58 6.65
C GLU A 95 -13.55 -10.03 5.23
N GLY A 1 -1.68 -0.81 18.05
CA GLY A 1 -1.29 -1.56 16.82
C GLY A 1 -2.38 -2.51 16.35
N ALA A 2 -3.52 -2.46 17.03
CA ALA A 2 -4.66 -3.30 16.67
C ALA A 2 -5.92 -2.46 16.74
N ASP A 3 -5.76 -1.17 16.47
CA ASP A 3 -6.83 -0.21 16.64
C ASP A 3 -7.45 0.16 15.30
N PRO A 4 -8.70 -0.28 15.08
CA PRO A 4 -9.42 -0.03 13.82
C PRO A 4 -9.51 1.46 13.48
N SER A 5 -9.95 2.26 14.44
CA SER A 5 -10.16 3.68 14.21
C SER A 5 -8.86 4.48 14.34
N LEU A 6 -7.74 3.78 14.40
CA LEU A 6 -6.44 4.43 14.50
C LEU A 6 -5.59 4.10 13.28
N ARG A 7 -5.50 2.80 12.96
CA ARG A 7 -4.69 2.34 11.84
C ARG A 7 -5.23 2.82 10.51
N LYS A 8 -6.53 2.60 10.29
CA LYS A 8 -7.16 2.95 9.02
C LYS A 8 -7.73 4.36 9.04
N SER A 9 -7.38 5.12 10.09
CA SER A 9 -7.87 6.48 10.24
C SER A 9 -7.08 7.43 9.34
N GLY A 10 -6.04 6.89 8.70
CA GLY A 10 -5.24 7.67 7.77
C GLY A 10 -6.03 8.02 6.52
N VAL A 11 -7.07 7.23 6.25
CA VAL A 11 -7.91 7.37 5.04
C VAL A 11 -7.18 6.92 3.79
N GLY A 12 -7.71 5.89 3.15
CA GLY A 12 -7.13 5.44 1.91
C GLY A 12 -5.86 4.67 2.12
N ASN A 13 -5.72 4.10 3.30
CA ASN A 13 -4.51 3.39 3.67
C ASN A 13 -4.64 1.94 3.22
N ILE A 14 -3.66 1.47 2.46
CA ILE A 14 -3.68 0.11 1.95
C ILE A 14 -2.30 -0.54 2.12
N PHE A 15 -2.25 -1.85 2.01
CA PHE A 15 -0.97 -2.54 2.07
C PHE A 15 -0.82 -3.44 0.85
N ILE A 16 0.42 -3.58 0.40
CA ILE A 16 0.74 -4.36 -0.78
C ILE A 16 1.67 -5.52 -0.40
N LYS A 17 1.44 -6.69 -0.97
CA LYS A 17 2.24 -7.86 -0.67
C LYS A 17 2.98 -8.34 -1.91
N ASN A 18 4.12 -9.00 -1.70
CA ASN A 18 4.85 -9.69 -2.77
C ASN A 18 5.52 -8.71 -3.73
N LEU A 19 6.07 -7.64 -3.20
CA LEU A 19 6.81 -6.66 -4.00
C LEU A 19 8.25 -7.14 -4.25
N ASP A 20 8.92 -6.51 -5.21
CA ASP A 20 10.28 -6.87 -5.57
C ASP A 20 11.26 -5.94 -4.86
N LYS A 21 12.50 -6.40 -4.70
CA LYS A 21 13.57 -5.56 -4.18
C LYS A 21 13.80 -4.37 -5.12
N SER A 22 13.45 -4.58 -6.37
CA SER A 22 13.47 -3.56 -7.41
C SER A 22 12.55 -2.38 -7.08
N ILE A 23 11.55 -2.59 -6.24
CA ILE A 23 10.57 -1.57 -5.97
C ILE A 23 11.02 -0.63 -4.85
N ASP A 24 10.92 0.66 -5.11
CA ASP A 24 11.24 1.69 -4.14
C ASP A 24 9.97 2.48 -3.85
N ASN A 25 10.08 3.52 -3.05
CA ASN A 25 8.92 4.32 -2.66
C ASN A 25 8.41 5.05 -3.88
N LYS A 26 9.35 5.36 -4.75
CA LYS A 26 9.07 6.03 -5.99
C LYS A 26 8.25 5.14 -6.87
N ALA A 27 8.72 3.92 -7.01
CA ALA A 27 8.10 2.93 -7.88
C ALA A 27 6.68 2.63 -7.41
N LEU A 28 6.51 2.60 -6.10
CA LEU A 28 5.21 2.36 -5.52
C LEU A 28 4.32 3.59 -5.74
N TYR A 29 4.86 4.77 -5.44
CA TYR A 29 4.15 6.01 -5.67
C TYR A 29 3.84 6.20 -7.13
N ASP A 30 4.82 5.94 -7.99
CA ASP A 30 4.66 6.15 -9.43
C ASP A 30 3.48 5.36 -9.95
N THR A 31 3.34 4.14 -9.48
CA THR A 31 2.28 3.27 -9.95
C THR A 31 0.92 3.63 -9.33
N PHE A 32 0.87 3.68 -8.01
CA PHE A 32 -0.39 3.88 -7.29
C PHE A 32 -0.93 5.32 -7.44
N SER A 33 -0.03 6.28 -7.60
CA SER A 33 -0.44 7.69 -7.71
C SER A 33 -1.38 7.90 -8.89
N ALA A 34 -1.24 7.07 -9.92
CA ALA A 34 -2.13 7.13 -11.07
C ALA A 34 -3.60 6.95 -10.68
N PHE A 35 -3.83 6.34 -9.52
CA PHE A 35 -5.19 6.10 -9.03
C PHE A 35 -5.65 7.22 -8.10
N GLY A 36 -4.70 8.06 -7.71
CA GLY A 36 -5.01 9.15 -6.82
C GLY A 36 -3.77 9.69 -6.13
N ASN A 37 -3.88 10.87 -5.56
CA ASN A 37 -2.77 11.50 -4.86
C ASN A 37 -2.41 10.71 -3.62
N ILE A 38 -1.12 10.53 -3.38
CA ILE A 38 -0.65 9.78 -2.24
C ILE A 38 0.02 10.73 -1.24
N LEU A 39 -0.37 10.64 0.02
CA LEU A 39 0.17 11.53 1.03
C LEU A 39 1.47 10.94 1.57
N SER A 40 1.49 9.62 1.66
CA SER A 40 2.62 8.89 2.20
C SER A 40 2.65 7.48 1.62
N CYS A 41 3.79 7.07 1.09
CA CYS A 41 3.94 5.72 0.56
C CYS A 41 5.24 5.11 1.03
N LYS A 42 5.24 3.81 1.28
CA LYS A 42 6.39 3.15 1.85
C LYS A 42 6.56 1.75 1.27
N VAL A 43 7.78 1.44 0.88
CA VAL A 43 8.19 0.09 0.56
C VAL A 43 9.18 -0.31 1.61
N VAL A 44 8.80 -1.24 2.44
CA VAL A 44 9.63 -1.62 3.55
C VAL A 44 10.71 -2.57 3.06
N CYS A 45 11.96 -2.13 3.15
CA CYS A 45 13.04 -2.79 2.46
C CYS A 45 13.84 -3.72 3.37
N ASP A 46 14.14 -4.89 2.83
CA ASP A 46 14.99 -5.86 3.50
C ASP A 46 16.44 -5.55 3.16
N GLU A 47 17.37 -6.09 3.92
CA GLU A 47 18.80 -5.94 3.61
C GLU A 47 19.10 -6.41 2.19
N ASN A 48 18.33 -7.39 1.72
CA ASN A 48 18.52 -7.98 0.40
C ASN A 48 17.77 -7.17 -0.67
N GLY A 49 16.98 -6.21 -0.22
CA GLY A 49 16.24 -5.38 -1.14
C GLY A 49 14.91 -4.90 -0.59
N SER A 50 13.95 -5.80 -0.46
CA SER A 50 12.61 -5.44 -0.01
C SER A 50 12.04 -6.52 0.87
N LYS A 51 11.23 -6.12 1.86
CA LYS A 51 10.61 -7.07 2.77
C LYS A 51 9.40 -7.72 2.10
N GLY A 52 9.06 -7.19 0.94
CA GLY A 52 7.97 -7.78 0.17
C GLY A 52 6.69 -6.99 0.27
N TYR A 53 6.56 -6.17 1.28
CA TYR A 53 5.30 -5.47 1.50
C TYR A 53 5.50 -3.97 1.61
N GLY A 54 4.48 -3.24 1.16
CA GLY A 54 4.51 -1.79 1.20
C GLY A 54 3.16 -1.22 1.57
N PHE A 55 3.09 0.09 1.76
CA PHE A 55 1.87 0.74 2.18
C PHE A 55 1.60 2.01 1.38
N VAL A 56 0.34 2.27 1.06
CA VAL A 56 -0.06 3.53 0.43
C VAL A 56 -1.00 4.31 1.32
N HIS A 57 -0.76 5.60 1.42
CA HIS A 57 -1.70 6.52 2.03
C HIS A 57 -2.34 7.36 0.94
N PHE A 58 -3.58 7.09 0.62
CA PHE A 58 -4.24 7.81 -0.45
C PHE A 58 -4.96 9.03 0.06
N GLU A 59 -4.84 10.08 -0.71
CA GLU A 59 -5.49 11.37 -0.44
C GLU A 59 -6.96 11.18 -0.12
N THR A 60 -7.58 10.30 -0.87
CA THR A 60 -8.99 10.01 -0.72
C THR A 60 -9.21 8.52 -0.46
N GLN A 61 -10.31 8.20 0.19
CA GLN A 61 -10.66 6.82 0.49
C GLN A 61 -10.95 6.03 -0.80
N GLU A 62 -11.52 6.72 -1.79
CA GLU A 62 -11.90 6.09 -3.06
C GLU A 62 -10.66 5.69 -3.87
N ALA A 63 -9.61 6.50 -3.79
CA ALA A 63 -8.38 6.24 -4.55
C ALA A 63 -7.74 4.95 -4.09
N ALA A 64 -7.86 4.69 -2.80
CA ALA A 64 -7.34 3.46 -2.21
C ALA A 64 -8.04 2.25 -2.80
N GLU A 65 -9.36 2.31 -2.84
CA GLU A 65 -10.16 1.25 -3.44
C GLU A 65 -9.77 1.03 -4.90
N ARG A 66 -9.56 2.13 -5.63
CA ARG A 66 -9.13 2.06 -7.02
C ARG A 66 -7.80 1.32 -7.13
N ALA A 67 -6.88 1.59 -6.22
CA ALA A 67 -5.60 0.91 -6.20
C ALA A 67 -5.79 -0.56 -5.85
N ILE A 68 -6.68 -0.83 -4.91
CA ILE A 68 -6.97 -2.20 -4.49
C ILE A 68 -7.50 -3.04 -5.65
N GLU A 69 -8.49 -2.51 -6.37
CA GLU A 69 -9.04 -3.22 -7.51
C GLU A 69 -8.02 -3.41 -8.61
N LYS A 70 -7.32 -2.34 -8.91
CA LYS A 70 -6.46 -2.29 -10.09
C LYS A 70 -5.12 -2.98 -9.88
N MET A 71 -4.52 -2.83 -8.72
CA MET A 71 -3.17 -3.33 -8.51
C MET A 71 -3.14 -4.71 -7.87
N ASN A 72 -4.24 -5.13 -7.29
CA ASN A 72 -4.29 -6.45 -6.68
C ASN A 72 -4.26 -7.52 -7.76
N GLY A 73 -3.27 -8.41 -7.68
CA GLY A 73 -3.14 -9.46 -8.66
C GLY A 73 -2.38 -8.99 -9.90
N MET A 74 -1.59 -7.94 -9.74
CA MET A 74 -0.82 -7.37 -10.85
C MET A 74 0.65 -7.71 -10.73
N LEU A 75 1.38 -7.59 -11.84
CA LEU A 75 2.81 -7.82 -11.86
C LEU A 75 3.52 -6.48 -11.91
N LEU A 76 4.12 -6.07 -10.81
CA LEU A 76 4.79 -4.78 -10.78
C LEU A 76 6.27 -4.90 -11.14
N ASN A 77 6.61 -5.99 -11.82
CA ASN A 77 7.98 -6.33 -12.17
C ASN A 77 8.02 -7.74 -12.75
N ASP A 78 7.98 -8.69 -11.85
CA ASP A 78 7.83 -10.10 -12.18
C ASP A 78 7.11 -10.82 -11.04
N ARG A 79 6.57 -10.04 -10.12
CA ARG A 79 5.93 -10.58 -8.93
C ARG A 79 4.50 -10.06 -8.87
N LYS A 80 3.57 -10.95 -8.57
CA LYS A 80 2.17 -10.59 -8.49
C LYS A 80 1.88 -10.01 -7.12
N VAL A 81 1.48 -8.75 -7.07
CA VAL A 81 1.32 -8.07 -5.81
C VAL A 81 -0.13 -8.05 -5.39
N PHE A 82 -0.34 -8.18 -4.10
CA PHE A 82 -1.66 -8.18 -3.54
C PHE A 82 -1.91 -6.88 -2.81
N VAL A 83 -2.94 -6.17 -3.24
CA VAL A 83 -3.30 -4.91 -2.59
C VAL A 83 -4.68 -5.05 -1.96
N GLY A 84 -4.75 -4.75 -0.68
CA GLY A 84 -6.00 -4.82 0.03
C GLY A 84 -6.09 -3.73 1.08
N ARG A 85 -7.07 -3.85 1.96
CA ARG A 85 -7.26 -2.86 3.01
C ARG A 85 -6.10 -2.97 3.99
N PHE A 86 -5.57 -1.81 4.40
CA PHE A 86 -4.33 -1.69 5.17
C PHE A 86 -4.16 -2.80 6.22
N LYS A 87 -4.71 -2.57 7.41
CA LYS A 87 -4.60 -3.50 8.55
C LYS A 87 -4.93 -2.76 9.83
N SER A 88 -6.10 -3.01 10.36
CA SER A 88 -6.55 -2.31 11.55
C SER A 88 -6.23 -3.10 12.82
N ARG A 89 -6.85 -4.26 12.95
CA ARG A 89 -6.65 -5.08 14.14
C ARG A 89 -5.93 -6.37 13.77
N LYS A 90 -6.51 -7.08 12.82
CA LYS A 90 -6.02 -8.36 12.38
C LYS A 90 -6.92 -8.86 11.27
N GLU A 91 -8.19 -8.48 11.38
CA GLU A 91 -9.20 -8.81 10.38
C GLU A 91 -9.36 -10.32 10.25
N ARG A 92 -10.14 -10.89 11.16
CA ARG A 92 -10.39 -12.32 11.17
C ARG A 92 -11.32 -12.68 10.03
N GLU A 93 -10.81 -13.40 9.04
CA GLU A 93 -11.58 -13.72 7.85
C GLU A 93 -11.56 -15.22 7.58
N ALA A 94 -10.79 -15.96 8.37
CA ALA A 94 -10.69 -17.40 8.19
C ALA A 94 -11.87 -18.11 8.85
N GLU A 95 -12.90 -18.35 8.06
CA GLU A 95 -14.11 -19.00 8.55
C GLU A 95 -14.90 -19.56 7.38
N GLY A 1 -19.33 -5.42 20.45
CA GLY A 1 -18.80 -4.06 20.26
C GLY A 1 -18.41 -3.80 18.83
N ALA A 2 -18.45 -2.52 18.45
CA ALA A 2 -18.02 -2.11 17.12
C ALA A 2 -16.80 -1.22 17.24
N ASP A 3 -16.32 -0.69 16.12
CA ASP A 3 -15.14 0.14 16.14
C ASP A 3 -15.52 1.61 15.93
N PRO A 4 -15.04 2.50 16.83
CA PRO A 4 -15.31 3.93 16.73
C PRO A 4 -14.81 4.51 15.41
N SER A 5 -13.71 3.98 14.92
CA SER A 5 -13.17 4.36 13.64
C SER A 5 -13.12 3.13 12.73
N LEU A 6 -14.27 2.77 12.18
CA LEU A 6 -14.35 1.60 11.32
C LEU A 6 -13.71 1.92 9.99
N ARG A 7 -13.82 3.18 9.58
CA ARG A 7 -12.99 3.70 8.51
C ARG A 7 -11.67 4.13 9.13
N LYS A 8 -10.59 4.22 8.36
CA LYS A 8 -9.29 4.35 8.96
C LYS A 8 -8.89 5.82 9.09
N SER A 9 -8.03 6.14 10.07
CA SER A 9 -7.71 7.53 10.37
C SER A 9 -6.70 8.08 9.39
N GLY A 10 -5.87 7.20 8.83
CA GLY A 10 -4.93 7.60 7.82
C GLY A 10 -5.65 7.94 6.52
N VAL A 11 -6.80 7.28 6.29
CA VAL A 11 -7.61 7.43 5.08
C VAL A 11 -6.85 7.01 3.82
N GLY A 12 -7.44 6.12 3.05
CA GLY A 12 -6.82 5.70 1.82
C GLY A 12 -5.65 4.79 2.08
N ASN A 13 -5.68 4.13 3.23
CA ASN A 13 -4.56 3.31 3.67
C ASN A 13 -4.75 1.90 3.16
N ILE A 14 -3.75 1.40 2.44
CA ILE A 14 -3.78 0.03 1.92
C ILE A 14 -2.43 -0.62 2.14
N PHE A 15 -2.39 -1.94 2.04
CA PHE A 15 -1.14 -2.65 2.15
C PHE A 15 -0.94 -3.54 0.93
N ILE A 16 0.31 -3.63 0.50
CA ILE A 16 0.66 -4.39 -0.70
C ILE A 16 1.63 -5.50 -0.32
N LYS A 17 1.41 -6.70 -0.86
CA LYS A 17 2.26 -7.83 -0.55
C LYS A 17 2.93 -8.38 -1.82
N ASN A 18 4.08 -9.02 -1.62
CA ASN A 18 4.81 -9.71 -2.70
C ASN A 18 5.49 -8.72 -3.64
N LEU A 19 5.92 -7.59 -3.10
CA LEU A 19 6.64 -6.59 -3.89
C LEU A 19 8.06 -7.04 -4.20
N ASP A 20 8.61 -6.53 -5.29
CA ASP A 20 9.97 -6.85 -5.69
C ASP A 20 10.97 -6.00 -4.95
N LYS A 21 12.17 -6.53 -4.78
CA LYS A 21 13.25 -5.83 -4.08
C LYS A 21 13.56 -4.46 -4.71
N SER A 22 13.43 -4.38 -6.03
CA SER A 22 13.73 -3.16 -6.76
C SER A 22 12.59 -2.15 -6.70
N ILE A 23 11.48 -2.50 -6.05
CA ILE A 23 10.40 -1.56 -5.87
C ILE A 23 10.72 -0.61 -4.72
N ASP A 24 10.84 0.67 -5.05
CA ASP A 24 11.13 1.69 -4.06
C ASP A 24 9.87 2.50 -3.79
N ASN A 25 9.97 3.53 -2.97
CA ASN A 25 8.80 4.31 -2.60
C ASN A 25 8.32 5.09 -3.80
N LYS A 26 9.28 5.44 -4.65
CA LYS A 26 9.02 6.15 -5.86
C LYS A 26 8.25 5.27 -6.80
N ALA A 27 8.77 4.07 -6.95
CA ALA A 27 8.22 3.09 -7.86
C ALA A 27 6.80 2.74 -7.49
N LEU A 28 6.57 2.59 -6.20
CA LEU A 28 5.25 2.32 -5.68
C LEU A 28 4.36 3.55 -5.90
N TYR A 29 4.88 4.72 -5.55
CA TYR A 29 4.18 5.98 -5.78
C TYR A 29 3.88 6.15 -7.26
N ASP A 30 4.87 5.95 -8.11
CA ASP A 30 4.74 6.19 -9.54
C ASP A 30 3.57 5.40 -10.12
N THR A 31 3.41 4.18 -9.65
CA THR A 31 2.37 3.31 -10.13
C THR A 31 1.00 3.65 -9.51
N PHE A 32 0.94 3.70 -8.18
CA PHE A 32 -0.32 3.89 -7.46
C PHE A 32 -0.86 5.32 -7.58
N SER A 33 0.03 6.30 -7.75
CA SER A 33 -0.36 7.71 -7.81
C SER A 33 -1.37 7.96 -8.93
N ALA A 34 -1.32 7.14 -9.97
CA ALA A 34 -2.28 7.23 -11.07
C ALA A 34 -3.72 7.10 -10.59
N PHE A 35 -3.91 6.48 -9.42
CA PHE A 35 -5.24 6.24 -8.87
C PHE A 35 -5.69 7.40 -7.98
N GLY A 36 -4.73 8.20 -7.56
CA GLY A 36 -5.03 9.32 -6.69
C GLY A 36 -3.78 9.87 -6.04
N ASN A 37 -3.88 11.04 -5.44
CA ASN A 37 -2.74 11.67 -4.78
C ASN A 37 -2.34 10.87 -3.56
N ILE A 38 -1.07 10.56 -3.46
CA ILE A 38 -0.56 9.80 -2.33
C ILE A 38 0.11 10.72 -1.32
N LEU A 39 -0.23 10.58 -0.04
CA LEU A 39 0.36 11.42 0.98
C LEU A 39 1.67 10.80 1.43
N SER A 40 1.62 9.49 1.64
CA SER A 40 2.76 8.74 2.12
C SER A 40 2.77 7.32 1.55
N CYS A 41 3.73 7.03 0.69
CA CYS A 41 3.91 5.68 0.18
C CYS A 41 5.15 5.08 0.82
N LYS A 42 5.12 3.78 1.07
CA LYS A 42 6.23 3.14 1.75
C LYS A 42 6.46 1.72 1.24
N VAL A 43 7.70 1.45 0.87
CA VAL A 43 8.15 0.10 0.59
C VAL A 43 9.18 -0.23 1.64
N VAL A 44 8.83 -1.13 2.51
CA VAL A 44 9.68 -1.46 3.63
C VAL A 44 10.78 -2.39 3.15
N CYS A 45 12.02 -1.96 3.32
CA CYS A 45 13.13 -2.60 2.64
C CYS A 45 13.84 -3.63 3.51
N ASP A 46 14.10 -4.77 2.89
CA ASP A 46 14.90 -5.82 3.49
C ASP A 46 16.36 -5.54 3.20
N GLU A 47 17.28 -6.17 3.91
CA GLU A 47 18.70 -6.06 3.59
C GLU A 47 18.97 -6.54 2.16
N ASN A 48 18.11 -7.41 1.67
CA ASN A 48 18.25 -7.96 0.32
C ASN A 48 17.48 -7.11 -0.69
N GLY A 49 16.83 -6.07 -0.20
CA GLY A 49 16.09 -5.17 -1.07
C GLY A 49 14.75 -4.74 -0.49
N SER A 50 13.79 -5.65 -0.43
CA SER A 50 12.46 -5.31 0.05
C SER A 50 11.92 -6.43 0.92
N LYS A 51 11.18 -6.06 1.96
CA LYS A 51 10.64 -7.04 2.89
C LYS A 51 9.44 -7.74 2.28
N GLY A 52 9.00 -7.24 1.15
CA GLY A 52 7.93 -7.88 0.41
C GLY A 52 6.64 -7.12 0.47
N TYR A 53 6.50 -6.22 1.42
CA TYR A 53 5.25 -5.52 1.63
C TYR A 53 5.44 -4.01 1.64
N GLY A 54 4.39 -3.31 1.21
CA GLY A 54 4.43 -1.86 1.17
C GLY A 54 3.08 -1.28 1.54
N PHE A 55 3.02 0.03 1.73
CA PHE A 55 1.79 0.68 2.16
C PHE A 55 1.57 1.98 1.40
N VAL A 56 0.32 2.23 0.99
CA VAL A 56 -0.03 3.51 0.38
C VAL A 56 -0.97 4.31 1.26
N HIS A 57 -0.69 5.59 1.38
CA HIS A 57 -1.64 6.52 1.96
C HIS A 57 -2.24 7.36 0.85
N PHE A 58 -3.48 7.09 0.51
CA PHE A 58 -4.15 7.86 -0.53
C PHE A 58 -4.87 9.05 0.06
N GLU A 59 -4.77 10.15 -0.66
CA GLU A 59 -5.43 11.41 -0.28
C GLU A 59 -6.90 11.20 0.05
N THR A 60 -7.51 10.32 -0.71
CA THR A 60 -8.91 9.98 -0.53
C THR A 60 -9.07 8.50 -0.27
N GLN A 61 -10.16 8.14 0.39
CA GLN A 61 -10.45 6.74 0.71
C GLN A 61 -10.76 5.95 -0.57
N GLU A 62 -11.43 6.60 -1.51
CA GLU A 62 -11.85 5.97 -2.76
C GLU A 62 -10.66 5.65 -3.66
N ALA A 63 -9.65 6.52 -3.65
CA ALA A 63 -8.45 6.29 -4.46
C ALA A 63 -7.78 4.99 -4.06
N ALA A 64 -7.81 4.71 -2.76
CA ALA A 64 -7.25 3.48 -2.22
C ALA A 64 -8.03 2.28 -2.73
N GLU A 65 -9.34 2.42 -2.78
CA GLU A 65 -10.22 1.38 -3.29
C GLU A 65 -9.88 1.05 -4.73
N ARG A 66 -9.54 2.07 -5.52
CA ARG A 66 -9.12 1.88 -6.90
C ARG A 66 -7.83 1.10 -6.98
N ALA A 67 -6.87 1.46 -6.13
CA ALA A 67 -5.59 0.79 -6.09
C ALA A 67 -5.77 -0.69 -5.75
N ILE A 68 -6.71 -0.98 -4.86
CA ILE A 68 -7.01 -2.34 -4.48
C ILE A 68 -7.49 -3.16 -5.67
N GLU A 69 -8.50 -2.68 -6.38
CA GLU A 69 -9.02 -3.40 -7.53
C GLU A 69 -7.99 -3.51 -8.65
N LYS A 70 -7.30 -2.42 -8.90
CA LYS A 70 -6.45 -2.32 -10.06
C LYS A 70 -5.09 -2.98 -9.85
N MET A 71 -4.51 -2.84 -8.68
CA MET A 71 -3.14 -3.30 -8.45
C MET A 71 -3.08 -4.70 -7.88
N ASN A 72 -4.16 -5.16 -7.28
CA ASN A 72 -4.17 -6.50 -6.72
C ASN A 72 -4.11 -7.51 -7.85
N GLY A 73 -3.12 -8.38 -7.82
CA GLY A 73 -2.96 -9.38 -8.86
C GLY A 73 -2.19 -8.85 -10.06
N MET A 74 -1.49 -7.75 -9.87
CA MET A 74 -0.65 -7.18 -10.93
C MET A 74 0.79 -7.58 -10.77
N LEU A 75 1.53 -7.57 -11.86
CA LEU A 75 2.94 -7.92 -11.85
C LEU A 75 3.77 -6.68 -11.79
N LEU A 76 4.31 -6.39 -10.63
CA LEU A 76 5.20 -5.29 -10.51
C LEU A 76 6.63 -5.77 -10.74
N ASN A 77 7.16 -5.47 -11.91
CA ASN A 77 8.51 -5.86 -12.33
C ASN A 77 8.61 -7.33 -12.73
N ASP A 78 7.72 -8.13 -12.14
CA ASP A 78 7.71 -9.59 -12.32
C ASP A 78 6.86 -10.28 -11.24
N ARG A 79 6.66 -9.59 -10.14
CA ARG A 79 6.02 -10.18 -8.97
C ARG A 79 4.56 -9.75 -8.87
N LYS A 80 3.69 -10.72 -8.69
CA LYS A 80 2.26 -10.45 -8.57
C LYS A 80 1.96 -9.96 -7.16
N VAL A 81 1.52 -8.72 -7.06
CA VAL A 81 1.37 -8.09 -5.76
C VAL A 81 -0.07 -8.10 -5.30
N PHE A 82 -0.24 -8.17 -4.00
CA PHE A 82 -1.56 -8.19 -3.40
C PHE A 82 -1.85 -6.85 -2.76
N VAL A 83 -2.89 -6.18 -3.23
CA VAL A 83 -3.30 -4.91 -2.64
C VAL A 83 -4.68 -5.07 -2.03
N GLY A 84 -4.80 -4.71 -0.77
CA GLY A 84 -6.07 -4.79 -0.09
C GLY A 84 -6.18 -3.74 0.99
N ARG A 85 -7.28 -3.77 1.72
CA ARG A 85 -7.49 -2.84 2.82
C ARG A 85 -6.37 -3.01 3.83
N PHE A 86 -5.86 -1.90 4.34
CA PHE A 86 -4.81 -1.92 5.36
C PHE A 86 -5.30 -2.64 6.61
N LYS A 87 -5.01 -3.93 6.69
CA LYS A 87 -5.49 -4.75 7.79
C LYS A 87 -4.94 -4.24 9.11
N SER A 88 -5.79 -4.24 10.12
CA SER A 88 -5.42 -3.76 11.45
C SER A 88 -4.59 -4.82 12.19
N ARG A 89 -3.54 -5.27 11.52
CA ARG A 89 -2.66 -6.29 12.07
C ARG A 89 -1.24 -5.76 12.15
N LYS A 90 -1.11 -4.45 11.96
CA LYS A 90 0.18 -3.79 12.08
C LYS A 90 0.14 -2.81 13.25
N GLU A 91 0.32 -3.32 14.46
CA GLU A 91 0.42 -2.47 15.62
C GLU A 91 1.79 -2.67 16.26
N ARG A 92 2.54 -3.61 15.70
CA ARG A 92 3.92 -3.83 16.06
C ARG A 92 4.80 -2.82 15.31
N GLU A 93 5.18 -1.77 16.02
CA GLU A 93 5.93 -0.68 15.39
C GLU A 93 7.41 -0.79 15.75
N ALA A 94 7.72 -1.75 16.62
CA ALA A 94 9.09 -1.94 17.12
C ALA A 94 9.97 -2.65 16.11
N GLU A 95 9.73 -2.38 14.83
CA GLU A 95 10.57 -2.88 13.76
C GLU A 95 10.30 -2.08 12.49
N GLY A 1 -1.02 3.94 22.52
CA GLY A 1 -1.75 3.04 21.60
C GLY A 1 -2.62 2.04 22.36
N ALA A 2 -3.66 2.54 23.00
CA ALA A 2 -4.53 1.68 23.80
C ALA A 2 -5.68 1.12 22.97
N ASP A 3 -5.95 1.75 21.83
CA ASP A 3 -7.03 1.30 20.95
C ASP A 3 -6.47 0.37 19.89
N PRO A 4 -6.88 -0.90 19.90
CA PRO A 4 -6.50 -1.87 18.87
C PRO A 4 -7.10 -1.51 17.51
N SER A 5 -8.42 -1.62 17.40
CA SER A 5 -9.11 -1.38 16.14
C SER A 5 -10.48 -0.73 16.38
N LEU A 6 -10.62 0.54 16.03
CA LEU A 6 -11.92 1.22 16.14
C LEU A 6 -12.37 1.74 14.79
N ARG A 7 -11.43 2.29 14.03
CA ARG A 7 -11.73 2.87 12.72
C ARG A 7 -10.54 2.69 11.79
N LYS A 8 -10.64 3.18 10.56
CA LYS A 8 -9.53 3.13 9.63
C LYS A 8 -8.94 4.53 9.46
N SER A 9 -8.17 5.00 10.44
CA SER A 9 -7.55 6.31 10.34
C SER A 9 -6.38 6.26 9.35
N GLY A 10 -5.94 7.43 8.87
CA GLY A 10 -4.96 7.47 7.82
C GLY A 10 -5.62 7.80 6.50
N VAL A 11 -6.80 7.21 6.29
CA VAL A 11 -7.61 7.39 5.08
C VAL A 11 -6.88 6.92 3.82
N GLY A 12 -7.56 6.09 3.05
CA GLY A 12 -6.99 5.65 1.81
C GLY A 12 -5.84 4.71 2.02
N ASN A 13 -5.84 4.05 3.17
CA ASN A 13 -4.73 3.20 3.55
C ASN A 13 -4.89 1.83 2.94
N ILE A 14 -3.88 1.39 2.23
CA ILE A 14 -3.85 0.06 1.66
C ILE A 14 -2.51 -0.59 1.92
N PHE A 15 -2.48 -1.91 1.91
CA PHE A 15 -1.24 -2.62 2.12
C PHE A 15 -0.97 -3.53 0.92
N ILE A 16 0.29 -3.59 0.52
CA ILE A 16 0.70 -4.34 -0.65
C ILE A 16 1.66 -5.45 -0.25
N LYS A 17 1.48 -6.63 -0.82
CA LYS A 17 2.35 -7.76 -0.52
C LYS A 17 2.96 -8.31 -1.81
N ASN A 18 4.14 -8.93 -1.68
CA ASN A 18 4.78 -9.67 -2.75
C ASN A 18 5.35 -8.74 -3.82
N LEU A 19 6.03 -7.70 -3.35
CA LEU A 19 6.72 -6.74 -4.19
C LEU A 19 8.14 -7.20 -4.50
N ASP A 20 8.77 -6.56 -5.48
CA ASP A 20 10.15 -6.88 -5.85
C ASP A 20 11.11 -5.92 -5.17
N LYS A 21 12.38 -6.29 -5.12
CA LYS A 21 13.41 -5.39 -4.61
C LYS A 21 13.56 -4.20 -5.56
N SER A 22 13.19 -4.43 -6.82
CA SER A 22 13.16 -3.40 -7.84
C SER A 22 12.21 -2.26 -7.49
N ILE A 23 11.33 -2.49 -6.54
CA ILE A 23 10.34 -1.50 -6.17
C ILE A 23 10.84 -0.62 -5.01
N ASP A 24 10.76 0.68 -5.22
CA ASP A 24 11.10 1.64 -4.19
C ASP A 24 9.86 2.47 -3.89
N ASN A 25 9.97 3.44 -3.00
CA ASN A 25 8.83 4.29 -2.67
C ASN A 25 8.38 5.04 -3.90
N LYS A 26 9.36 5.40 -4.72
CA LYS A 26 9.11 6.07 -5.96
C LYS A 26 8.28 5.20 -6.88
N ALA A 27 8.74 3.99 -7.03
CA ALA A 27 8.12 3.02 -7.92
C ALA A 27 6.68 2.74 -7.51
N LEU A 28 6.47 2.59 -6.21
CA LEU A 28 5.15 2.36 -5.67
C LEU A 28 4.28 3.60 -5.91
N TYR A 29 4.82 4.77 -5.58
CA TYR A 29 4.13 6.02 -5.83
C TYR A 29 3.84 6.19 -7.30
N ASP A 30 4.83 5.90 -8.13
CA ASP A 30 4.71 6.11 -9.57
C ASP A 30 3.53 5.35 -10.14
N THR A 31 3.34 4.13 -9.70
CA THR A 31 2.23 3.33 -10.17
C THR A 31 0.90 3.71 -9.51
N PHE A 32 0.87 3.73 -8.19
CA PHE A 32 -0.38 3.93 -7.45
C PHE A 32 -0.91 5.37 -7.57
N SER A 33 -0.02 6.34 -7.77
CA SER A 33 -0.41 7.75 -7.85
C SER A 33 -1.42 7.99 -8.97
N ALA A 34 -1.35 7.17 -10.03
CA ALA A 34 -2.30 7.26 -11.14
C ALA A 34 -3.74 7.09 -10.66
N PHE A 35 -3.91 6.46 -9.50
CA PHE A 35 -5.24 6.19 -8.96
C PHE A 35 -5.70 7.32 -8.05
N GLY A 36 -4.74 8.10 -7.57
CA GLY A 36 -5.04 9.21 -6.69
C GLY A 36 -3.79 9.75 -6.03
N ASN A 37 -3.91 10.90 -5.39
CA ASN A 37 -2.76 11.51 -4.72
C ASN A 37 -2.37 10.68 -3.51
N ILE A 38 -1.08 10.56 -3.28
CA ILE A 38 -0.56 9.78 -2.17
C ILE A 38 0.09 10.69 -1.13
N LEU A 39 -0.19 10.45 0.15
CA LEU A 39 0.40 11.26 1.21
C LEU A 39 1.69 10.61 1.66
N SER A 40 1.65 9.28 1.77
CA SER A 40 2.83 8.51 2.09
C SER A 40 2.79 7.16 1.38
N CYS A 41 3.85 6.84 0.67
CA CYS A 41 3.96 5.55 0.03
C CYS A 41 5.23 4.87 0.51
N LYS A 42 5.07 3.75 1.20
CA LYS A 42 6.20 3.11 1.82
C LYS A 42 6.42 1.71 1.25
N VAL A 43 7.65 1.47 0.85
CA VAL A 43 8.10 0.15 0.48
C VAL A 43 9.14 -0.25 1.49
N VAL A 44 8.80 -1.19 2.31
CA VAL A 44 9.66 -1.59 3.39
C VAL A 44 10.79 -2.44 2.82
N CYS A 45 12.00 -1.92 2.93
CA CYS A 45 13.10 -2.44 2.15
C CYS A 45 14.08 -3.24 3.00
N ASP A 46 14.50 -4.36 2.43
CA ASP A 46 15.55 -5.16 3.01
C ASP A 46 16.89 -4.60 2.55
N GLU A 47 17.97 -4.93 3.25
CA GLU A 47 19.30 -4.50 2.83
C GLU A 47 19.63 -5.01 1.43
N ASN A 48 18.94 -6.07 1.00
CA ASN A 48 19.16 -6.65 -0.32
C ASN A 48 18.22 -6.01 -1.34
N GLY A 49 17.32 -5.16 -0.87
CA GLY A 49 16.39 -4.48 -1.76
C GLY A 49 15.05 -4.18 -1.12
N SER A 50 14.22 -5.19 -0.90
CA SER A 50 12.89 -4.98 -0.36
C SER A 50 12.47 -6.15 0.52
N LYS A 51 11.56 -5.89 1.46
CA LYS A 51 11.06 -6.94 2.34
C LYS A 51 9.85 -7.63 1.71
N GLY A 52 9.37 -7.05 0.63
CA GLY A 52 8.28 -7.67 -0.10
C GLY A 52 6.95 -6.98 0.08
N TYR A 53 6.83 -6.10 1.05
CA TYR A 53 5.54 -5.49 1.35
C TYR A 53 5.65 -3.96 1.46
N GLY A 54 4.54 -3.31 1.15
CA GLY A 54 4.50 -1.86 1.17
C GLY A 54 3.13 -1.32 1.59
N PHE A 55 3.03 -0.02 1.77
CA PHE A 55 1.81 0.62 2.24
C PHE A 55 1.56 1.95 1.52
N VAL A 56 0.33 2.22 1.14
CA VAL A 56 -0.03 3.50 0.55
C VAL A 56 -1.00 4.28 1.43
N HIS A 57 -0.68 5.54 1.66
CA HIS A 57 -1.64 6.48 2.21
C HIS A 57 -2.23 7.28 1.07
N PHE A 58 -3.48 7.02 0.71
CA PHE A 58 -4.10 7.77 -0.37
C PHE A 58 -4.81 8.99 0.16
N GLU A 59 -4.61 10.10 -0.55
CA GLU A 59 -5.24 11.39 -0.24
C GLU A 59 -6.73 11.20 0.01
N THR A 60 -7.32 10.37 -0.81
CA THR A 60 -8.74 10.09 -0.73
C THR A 60 -8.98 8.60 -0.52
N GLN A 61 -10.04 8.29 0.22
CA GLN A 61 -10.39 6.92 0.54
C GLN A 61 -10.77 6.14 -0.73
N GLU A 62 -11.44 6.80 -1.66
CA GLU A 62 -11.89 6.17 -2.91
C GLU A 62 -10.71 5.81 -3.81
N ALA A 63 -9.66 6.63 -3.81
CA ALA A 63 -8.48 6.37 -4.63
C ALA A 63 -7.80 5.07 -4.20
N ALA A 64 -7.84 4.80 -2.90
CA ALA A 64 -7.25 3.60 -2.34
C ALA A 64 -7.93 2.36 -2.88
N GLU A 65 -9.26 2.39 -2.93
CA GLU A 65 -10.04 1.27 -3.44
C GLU A 65 -9.67 0.99 -4.89
N ARG A 66 -9.45 2.04 -5.67
CA ARG A 66 -9.03 1.88 -7.06
C ARG A 66 -7.69 1.15 -7.14
N ALA A 67 -6.78 1.52 -6.25
CA ALA A 67 -5.48 0.86 -6.19
C ALA A 67 -5.65 -0.62 -5.82
N ILE A 68 -6.60 -0.89 -4.93
CA ILE A 68 -6.90 -2.26 -4.53
C ILE A 68 -7.38 -3.08 -5.71
N GLU A 69 -8.42 -2.61 -6.41
CA GLU A 69 -8.96 -3.34 -7.54
C GLU A 69 -7.96 -3.46 -8.67
N LYS A 70 -7.28 -2.37 -8.96
CA LYS A 70 -6.43 -2.30 -10.12
C LYS A 70 -5.09 -3.00 -9.91
N MET A 71 -4.50 -2.88 -8.74
CA MET A 71 -3.15 -3.38 -8.53
C MET A 71 -3.11 -4.78 -7.95
N ASN A 72 -4.15 -5.16 -7.23
CA ASN A 72 -4.18 -6.47 -6.59
C ASN A 72 -4.20 -7.57 -7.65
N GLY A 73 -3.23 -8.48 -7.58
CA GLY A 73 -3.19 -9.60 -8.49
C GLY A 73 -2.44 -9.30 -9.78
N MET A 74 -1.67 -8.22 -9.78
CA MET A 74 -0.90 -7.83 -10.95
C MET A 74 0.59 -8.06 -10.76
N LEU A 75 1.32 -8.08 -11.86
CA LEU A 75 2.76 -8.22 -11.82
C LEU A 75 3.39 -6.85 -11.99
N LEU A 76 3.90 -6.29 -10.91
CA LEU A 76 4.48 -4.95 -10.98
C LEU A 76 5.96 -5.00 -11.36
N ASN A 77 6.35 -6.11 -12.00
CA ASN A 77 7.73 -6.40 -12.37
C ASN A 77 7.81 -7.83 -12.87
N ASP A 78 7.87 -8.73 -11.94
CA ASP A 78 7.76 -10.16 -12.19
C ASP A 78 7.13 -10.81 -10.96
N ARG A 79 6.51 -9.98 -10.13
CA ARG A 79 5.94 -10.42 -8.88
C ARG A 79 4.51 -9.90 -8.76
N LYS A 80 3.59 -10.81 -8.50
CA LYS A 80 2.18 -10.46 -8.34
C LYS A 80 1.96 -9.82 -6.98
N VAL A 81 1.45 -8.61 -6.97
CA VAL A 81 1.31 -7.87 -5.73
C VAL A 81 -0.12 -7.92 -5.22
N PHE A 82 -0.25 -8.02 -3.90
CA PHE A 82 -1.55 -8.09 -3.28
C PHE A 82 -1.85 -6.78 -2.59
N VAL A 83 -2.90 -6.11 -3.03
CA VAL A 83 -3.29 -4.84 -2.43
C VAL A 83 -4.65 -5.00 -1.77
N GLY A 84 -4.72 -4.66 -0.49
CA GLY A 84 -5.97 -4.79 0.23
C GLY A 84 -6.18 -3.64 1.20
N ARG A 85 -7.20 -3.76 2.04
CA ARG A 85 -7.56 -2.70 2.98
C ARG A 85 -6.55 -2.65 4.12
N PHE A 86 -6.06 -1.46 4.41
CA PHE A 86 -5.14 -1.26 5.52
C PHE A 86 -5.84 -0.47 6.62
N LYS A 87 -6.08 -1.14 7.74
CA LYS A 87 -6.75 -0.50 8.87
C LYS A 87 -5.71 -0.02 9.88
N SER A 88 -5.36 1.25 9.78
CA SER A 88 -4.32 1.81 10.61
C SER A 88 -4.90 2.58 11.79
N ARG A 89 -4.35 2.35 12.97
CA ARG A 89 -4.77 3.06 14.18
C ARG A 89 -3.55 3.46 15.01
N LYS A 90 -2.35 3.18 14.48
CA LYS A 90 -1.10 3.53 15.17
C LYS A 90 -1.02 5.04 15.40
N GLU A 91 -1.74 5.80 14.58
CA GLU A 91 -1.76 7.25 14.68
C GLU A 91 -2.81 7.81 13.73
N ARG A 92 -3.54 8.82 14.18
CA ARG A 92 -4.59 9.41 13.38
C ARG A 92 -4.00 10.48 12.46
N GLU A 93 -3.63 10.07 11.25
CA GLU A 93 -3.11 11.01 10.27
C GLU A 93 -4.24 11.55 9.40
N ALA A 94 -5.42 10.96 9.56
CA ALA A 94 -6.60 11.40 8.83
C ALA A 94 -7.85 10.73 9.37
N GLU A 95 -8.61 11.49 10.16
CA GLU A 95 -9.91 11.09 10.68
C GLU A 95 -10.52 12.26 11.43
N GLY A 1 -20.78 12.25 14.60
CA GLY A 1 -19.94 11.28 15.33
C GLY A 1 -18.47 11.45 15.02
N ALA A 2 -17.62 11.08 15.96
CA ALA A 2 -16.18 11.18 15.78
C ALA A 2 -15.58 9.78 15.68
N ASP A 3 -14.26 9.69 15.80
CA ASP A 3 -13.60 8.39 15.74
C ASP A 3 -13.78 7.63 17.05
N PRO A 4 -14.21 6.36 16.95
CA PRO A 4 -14.27 5.47 18.11
C PRO A 4 -12.91 4.81 18.35
N SER A 5 -12.07 4.85 17.33
CA SER A 5 -10.78 4.18 17.32
C SER A 5 -10.18 4.22 15.91
N LEU A 6 -10.89 3.56 14.98
CA LEU A 6 -10.49 3.50 13.55
C LEU A 6 -9.31 2.57 13.36
N ARG A 7 -9.13 2.11 12.13
CA ARG A 7 -8.08 1.16 11.81
C ARG A 7 -7.26 1.64 10.62
N LYS A 8 -7.91 2.39 9.74
CA LYS A 8 -7.23 3.00 8.61
C LYS A 8 -7.44 4.52 8.68
N SER A 9 -7.25 5.06 9.87
CA SER A 9 -7.53 6.47 10.16
C SER A 9 -6.70 7.43 9.30
N GLY A 10 -5.62 6.92 8.72
CA GLY A 10 -4.81 7.73 7.83
C GLY A 10 -5.56 8.08 6.55
N VAL A 11 -6.67 7.38 6.30
CA VAL A 11 -7.50 7.54 5.11
C VAL A 11 -6.77 7.12 3.84
N GLY A 12 -7.39 6.24 3.08
CA GLY A 12 -6.79 5.78 1.85
C GLY A 12 -5.63 4.86 2.11
N ASN A 13 -5.65 4.23 3.28
CA ASN A 13 -4.52 3.42 3.73
C ASN A 13 -4.72 1.99 3.21
N ILE A 14 -3.72 1.47 2.50
CA ILE A 14 -3.77 0.12 1.97
C ILE A 14 -2.44 -0.58 2.18
N PHE A 15 -2.43 -1.90 2.06
CA PHE A 15 -1.17 -2.64 2.15
C PHE A 15 -0.99 -3.52 0.91
N ILE A 16 0.26 -3.63 0.49
CA ILE A 16 0.62 -4.40 -0.69
C ILE A 16 1.56 -5.54 -0.32
N LYS A 17 1.35 -6.70 -0.91
CA LYS A 17 2.17 -7.86 -0.61
C LYS A 17 2.87 -8.35 -1.88
N ASN A 18 4.01 -9.01 -1.70
CA ASN A 18 4.72 -9.72 -2.78
C ASN A 18 5.39 -8.74 -3.74
N LEU A 19 5.86 -7.63 -3.22
CA LEU A 19 6.57 -6.65 -4.03
C LEU A 19 7.96 -7.13 -4.38
N ASP A 20 8.53 -6.53 -5.41
CA ASP A 20 9.85 -6.90 -5.88
C ASP A 20 10.90 -6.03 -5.20
N LYS A 21 12.13 -6.53 -5.13
CA LYS A 21 13.23 -5.80 -4.49
C LYS A 21 13.49 -4.48 -5.19
N SER A 22 13.19 -4.43 -6.48
CA SER A 22 13.39 -3.23 -7.29
C SER A 22 12.46 -2.09 -6.87
N ILE A 23 11.32 -2.45 -6.30
CA ILE A 23 10.28 -1.48 -6.00
C ILE A 23 10.70 -0.57 -4.85
N ASP A 24 10.72 0.73 -5.13
CA ASP A 24 11.06 1.73 -4.14
C ASP A 24 9.82 2.55 -3.84
N ASN A 25 9.93 3.58 -3.01
CA ASN A 25 8.78 4.38 -2.63
C ASN A 25 8.30 5.16 -3.83
N LYS A 26 9.26 5.55 -4.66
CA LYS A 26 8.99 6.28 -5.85
C LYS A 26 8.20 5.42 -6.80
N ALA A 27 8.71 4.22 -6.96
CA ALA A 27 8.12 3.24 -7.87
C ALA A 27 6.70 2.90 -7.46
N LEU A 28 6.50 2.76 -6.16
CA LEU A 28 5.19 2.48 -5.61
C LEU A 28 4.30 3.70 -5.85
N TYR A 29 4.82 4.87 -5.52
CA TYR A 29 4.11 6.11 -5.75
C TYR A 29 3.79 6.29 -7.23
N ASP A 30 4.79 6.06 -8.08
CA ASP A 30 4.62 6.26 -9.51
C ASP A 30 3.45 5.45 -10.05
N THR A 31 3.34 4.23 -9.57
CA THR A 31 2.32 3.32 -10.05
C THR A 31 0.95 3.64 -9.43
N PHE A 32 0.89 3.69 -8.11
CA PHE A 32 -0.38 3.87 -7.41
C PHE A 32 -0.93 5.30 -7.54
N SER A 33 -0.04 6.29 -7.69
CA SER A 33 -0.47 7.69 -7.80
C SER A 33 -1.41 7.89 -8.98
N ALA A 34 -1.27 7.05 -10.00
CA ALA A 34 -2.15 7.08 -11.16
C ALA A 34 -3.62 6.94 -10.74
N PHE A 35 -3.86 6.37 -9.56
CA PHE A 35 -5.21 6.16 -9.04
C PHE A 35 -5.63 7.33 -8.17
N GLY A 36 -4.66 8.08 -7.68
CA GLY A 36 -4.95 9.23 -6.83
C GLY A 36 -3.69 9.74 -6.15
N ASN A 37 -3.77 10.93 -5.58
CA ASN A 37 -2.64 11.52 -4.88
C ASN A 37 -2.31 10.72 -3.63
N ILE A 38 -1.02 10.55 -3.38
CA ILE A 38 -0.55 9.79 -2.23
C ILE A 38 0.11 10.71 -1.23
N LEU A 39 -0.20 10.53 0.05
CA LEU A 39 0.39 11.38 1.09
C LEU A 39 1.69 10.75 1.56
N SER A 40 1.65 9.44 1.75
CA SER A 40 2.80 8.68 2.23
C SER A 40 2.78 7.28 1.63
N CYS A 41 3.75 6.98 0.80
CA CYS A 41 3.92 5.63 0.26
C CYS A 41 5.17 5.00 0.85
N LYS A 42 5.09 3.73 1.19
CA LYS A 42 6.21 3.07 1.82
C LYS A 42 6.41 1.67 1.26
N VAL A 43 7.63 1.39 0.86
CA VAL A 43 8.05 0.04 0.51
C VAL A 43 9.08 -0.35 1.53
N VAL A 44 8.72 -1.26 2.40
CA VAL A 44 9.60 -1.63 3.46
C VAL A 44 10.71 -2.49 2.88
N CYS A 45 11.92 -1.97 2.94
CA CYS A 45 13.02 -2.51 2.17
C CYS A 45 13.94 -3.37 3.00
N ASP A 46 14.34 -4.49 2.42
CA ASP A 46 15.34 -5.34 2.99
C ASP A 46 16.70 -4.83 2.53
N GLU A 47 17.76 -5.26 3.19
CA GLU A 47 19.10 -4.90 2.74
C GLU A 47 19.37 -5.46 1.34
N ASN A 48 18.65 -6.53 1.00
CA ASN A 48 18.79 -7.14 -0.32
C ASN A 48 17.78 -6.55 -1.29
N GLY A 49 17.03 -5.54 -0.82
CA GLY A 49 16.07 -4.87 -1.68
C GLY A 49 14.76 -4.54 -1.00
N SER A 50 13.90 -5.54 -0.78
CA SER A 50 12.58 -5.29 -0.23
C SER A 50 12.17 -6.40 0.73
N LYS A 51 11.33 -6.05 1.71
CA LYS A 51 10.85 -7.01 2.69
C LYS A 51 9.61 -7.71 2.16
N GLY A 52 9.15 -7.26 1.01
CA GLY A 52 8.07 -7.94 0.33
C GLY A 52 6.76 -7.17 0.37
N TYR A 53 6.61 -6.26 1.30
CA TYR A 53 5.33 -5.59 1.49
C TYR A 53 5.49 -4.07 1.51
N GLY A 54 4.40 -3.39 1.15
CA GLY A 54 4.40 -1.95 1.11
C GLY A 54 3.07 -1.38 1.54
N PHE A 55 3.01 -0.07 1.72
CA PHE A 55 1.79 0.59 2.19
C PHE A 55 1.57 1.89 1.43
N VAL A 56 0.32 2.18 1.06
CA VAL A 56 -0.02 3.46 0.44
C VAL A 56 -0.94 4.27 1.33
N HIS A 57 -0.65 5.55 1.45
CA HIS A 57 -1.58 6.50 2.00
C HIS A 57 -2.18 7.33 0.88
N PHE A 58 -3.43 7.07 0.53
CA PHE A 58 -4.08 7.82 -0.52
C PHE A 58 -4.79 9.02 0.05
N GLU A 59 -4.65 10.13 -0.66
CA GLU A 59 -5.28 11.39 -0.28
C GLU A 59 -6.74 11.18 0.03
N THR A 60 -7.40 10.44 -0.84
CA THR A 60 -8.81 10.12 -0.67
C THR A 60 -9.00 8.62 -0.44
N GLN A 61 -10.03 8.30 0.33
CA GLN A 61 -10.35 6.91 0.66
C GLN A 61 -10.72 6.12 -0.60
N GLU A 62 -11.40 6.78 -1.54
CA GLU A 62 -11.88 6.12 -2.76
C GLU A 62 -10.71 5.74 -3.69
N ALA A 63 -9.67 6.57 -3.73
CA ALA A 63 -8.51 6.32 -4.57
C ALA A 63 -7.80 5.05 -4.13
N ALA A 64 -7.79 4.81 -2.83
CA ALA A 64 -7.19 3.61 -2.26
C ALA A 64 -7.90 2.38 -2.77
N GLU A 65 -9.22 2.44 -2.78
CA GLU A 65 -10.05 1.33 -3.22
C GLU A 65 -9.75 0.99 -4.68
N ARG A 66 -9.51 2.01 -5.48
CA ARG A 66 -9.13 1.82 -6.89
C ARG A 66 -7.81 1.08 -6.99
N ALA A 67 -6.84 1.50 -6.20
CA ALA A 67 -5.53 0.88 -6.19
C ALA A 67 -5.65 -0.60 -5.81
N ILE A 68 -6.54 -0.88 -4.87
CA ILE A 68 -6.78 -2.24 -4.42
C ILE A 68 -7.25 -3.14 -5.56
N GLU A 69 -8.31 -2.72 -6.24
CA GLU A 69 -8.85 -3.50 -7.35
C GLU A 69 -7.88 -3.59 -8.51
N LYS A 70 -7.25 -2.48 -8.82
CA LYS A 70 -6.46 -2.36 -10.03
C LYS A 70 -5.09 -3.04 -9.91
N MET A 71 -4.46 -2.91 -8.76
CA MET A 71 -3.09 -3.41 -8.59
C MET A 71 -3.04 -4.81 -8.00
N ASN A 72 -4.13 -5.27 -7.42
CA ASN A 72 -4.16 -6.59 -6.83
C ASN A 72 -4.04 -7.64 -7.95
N GLY A 73 -3.05 -8.51 -7.83
CA GLY A 73 -2.85 -9.55 -8.81
C GLY A 73 -2.12 -9.05 -10.04
N MET A 74 -1.45 -7.92 -9.91
CA MET A 74 -0.74 -7.32 -11.01
C MET A 74 0.76 -7.53 -10.86
N LEU A 75 1.47 -7.48 -11.97
CA LEU A 75 2.91 -7.74 -12.02
C LEU A 75 3.65 -6.42 -12.06
N LEU A 76 4.20 -6.01 -10.94
CA LEU A 76 4.95 -4.76 -10.90
C LEU A 76 6.38 -4.91 -11.41
N ASN A 77 6.69 -6.04 -12.02
CA ASN A 77 8.04 -6.37 -12.44
C ASN A 77 8.09 -7.79 -12.95
N ASP A 78 7.82 -8.69 -12.03
CA ASP A 78 7.75 -10.11 -12.30
C ASP A 78 7.14 -10.83 -11.09
N ARG A 79 6.37 -10.07 -10.31
CA ARG A 79 5.75 -10.58 -9.10
C ARG A 79 4.35 -10.03 -8.99
N LYS A 80 3.40 -10.89 -8.68
CA LYS A 80 2.02 -10.48 -8.48
C LYS A 80 1.86 -9.84 -7.10
N VAL A 81 1.39 -8.61 -7.07
CA VAL A 81 1.24 -7.91 -5.81
C VAL A 81 -0.20 -7.92 -5.35
N PHE A 82 -0.38 -8.11 -4.06
CA PHE A 82 -1.70 -8.18 -3.47
C PHE A 82 -1.99 -6.89 -2.73
N VAL A 83 -3.02 -6.18 -3.16
CA VAL A 83 -3.39 -4.92 -2.53
C VAL A 83 -4.77 -5.06 -1.90
N GLY A 84 -4.86 -4.71 -0.62
CA GLY A 84 -6.12 -4.78 0.08
C GLY A 84 -6.22 -3.72 1.15
N ARG A 85 -7.27 -3.79 1.96
CA ARG A 85 -7.45 -2.85 3.06
C ARG A 85 -6.28 -2.94 4.02
N PHE A 86 -5.87 -1.80 4.53
CA PHE A 86 -4.71 -1.71 5.40
C PHE A 86 -4.91 -2.48 6.70
N LYS A 87 -4.31 -3.66 6.77
CA LYS A 87 -4.32 -4.43 8.00
C LYS A 87 -3.26 -3.86 8.94
N SER A 88 -3.49 -3.99 10.24
CA SER A 88 -2.57 -3.44 11.23
C SER A 88 -1.22 -4.17 11.19
N ARG A 89 -0.31 -3.66 10.37
CA ARG A 89 1.02 -4.22 10.22
C ARG A 89 2.06 -3.13 10.41
N LYS A 90 1.89 -2.36 11.49
CA LYS A 90 2.72 -1.17 11.76
C LYS A 90 2.49 -0.12 10.67
N GLU A 91 3.36 0.89 10.62
CA GLU A 91 3.28 1.97 9.64
C GLU A 91 1.96 2.73 9.74
N ARG A 92 1.40 2.75 10.94
CA ARG A 92 0.16 3.48 11.20
C ARG A 92 0.46 4.98 11.33
N GLU A 93 1.70 5.29 11.68
CA GLU A 93 2.11 6.67 11.89
C GLU A 93 2.62 7.30 10.59
N ALA A 94 2.49 6.55 9.49
CA ALA A 94 2.85 7.05 8.15
C ALA A 94 4.34 7.37 8.04
N GLU A 95 5.14 6.70 8.84
CA GLU A 95 6.58 6.91 8.83
C GLU A 95 7.30 5.61 9.19
N GLY A 1 -11.25 16.35 11.01
CA GLY A 1 -11.53 17.46 10.05
C GLY A 1 -12.70 17.14 9.15
N ALA A 2 -12.42 16.92 7.87
CA ALA A 2 -13.45 16.48 6.94
C ALA A 2 -13.84 15.04 7.22
N ASP A 3 -12.96 14.36 7.94
CA ASP A 3 -13.18 12.98 8.35
C ASP A 3 -14.05 12.93 9.60
N PRO A 4 -15.17 12.22 9.54
CA PRO A 4 -16.11 12.08 10.67
C PRO A 4 -15.47 11.35 11.85
N SER A 5 -15.33 10.04 11.71
CA SER A 5 -14.67 9.24 12.73
C SER A 5 -13.88 8.10 12.08
N LEU A 6 -12.57 8.10 12.25
CA LEU A 6 -11.73 7.14 11.58
C LEU A 6 -11.37 5.99 12.51
N ARG A 7 -12.10 4.88 12.41
CA ARG A 7 -11.65 3.67 13.06
C ARG A 7 -10.48 3.14 12.24
N LYS A 8 -10.69 3.13 10.93
CA LYS A 8 -9.63 2.91 9.97
C LYS A 8 -8.96 4.26 9.65
N SER A 9 -8.06 4.71 10.52
CA SER A 9 -7.45 6.03 10.37
C SER A 9 -6.47 6.07 9.20
N GLY A 10 -5.84 7.23 9.02
CA GLY A 10 -4.97 7.44 7.87
C GLY A 10 -5.77 7.90 6.66
N VAL A 11 -6.82 7.15 6.33
CA VAL A 11 -7.63 7.38 5.12
C VAL A 11 -6.88 7.00 3.86
N GLY A 12 -7.51 6.17 3.04
CA GLY A 12 -6.87 5.79 1.79
C GLY A 12 -5.72 4.85 2.03
N ASN A 13 -5.75 4.17 3.16
CA ASN A 13 -4.65 3.31 3.57
C ASN A 13 -4.83 1.92 2.99
N ILE A 14 -3.83 1.43 2.28
CA ILE A 14 -3.85 0.08 1.74
C ILE A 14 -2.51 -0.59 1.99
N PHE A 15 -2.47 -1.90 1.91
CA PHE A 15 -1.22 -2.62 2.08
C PHE A 15 -0.97 -3.51 0.87
N ILE A 16 0.28 -3.57 0.46
CA ILE A 16 0.69 -4.33 -0.71
C ILE A 16 1.64 -5.44 -0.30
N LYS A 17 1.51 -6.60 -0.91
CA LYS A 17 2.34 -7.74 -0.58
C LYS A 17 3.03 -8.29 -1.82
N ASN A 18 4.17 -8.96 -1.62
CA ASN A 18 4.88 -9.68 -2.68
C ASN A 18 5.58 -8.73 -3.64
N LEU A 19 6.03 -7.60 -3.12
CA LEU A 19 6.76 -6.62 -3.92
C LEU A 19 8.19 -7.07 -4.17
N ASP A 20 8.82 -6.47 -5.16
CA ASP A 20 10.20 -6.78 -5.49
C ASP A 20 11.11 -5.70 -4.95
N LYS A 21 12.35 -6.07 -4.64
CA LYS A 21 13.35 -5.12 -4.16
C LYS A 21 13.61 -4.01 -5.18
N SER A 22 13.32 -4.29 -6.45
CA SER A 22 13.41 -3.28 -7.50
C SER A 22 12.34 -2.18 -7.33
N ILE A 23 11.38 -2.42 -6.45
CA ILE A 23 10.34 -1.44 -6.18
C ILE A 23 10.76 -0.56 -5.00
N ASP A 24 10.81 0.74 -5.24
CA ASP A 24 11.12 1.72 -4.19
C ASP A 24 9.86 2.50 -3.87
N ASN A 25 9.96 3.47 -2.97
CA ASN A 25 8.81 4.29 -2.60
C ASN A 25 8.37 5.08 -3.81
N LYS A 26 9.34 5.47 -4.62
CA LYS A 26 9.09 6.20 -5.84
C LYS A 26 8.28 5.37 -6.80
N ALA A 27 8.75 4.15 -6.99
CA ALA A 27 8.15 3.20 -7.91
C ALA A 27 6.73 2.85 -7.50
N LEU A 28 6.55 2.67 -6.20
CA LEU A 28 5.25 2.38 -5.63
C LEU A 28 4.34 3.59 -5.83
N TYR A 29 4.87 4.76 -5.49
CA TYR A 29 4.16 6.01 -5.71
C TYR A 29 3.83 6.19 -7.18
N ASP A 30 4.81 5.96 -8.04
CA ASP A 30 4.65 6.20 -9.48
C ASP A 30 3.47 5.40 -10.02
N THR A 31 3.33 4.18 -9.55
CA THR A 31 2.28 3.31 -10.03
C THR A 31 0.92 3.65 -9.41
N PHE A 32 0.87 3.70 -8.08
CA PHE A 32 -0.40 3.90 -7.37
C PHE A 32 -0.92 5.34 -7.50
N SER A 33 -0.02 6.30 -7.65
CA SER A 33 -0.40 7.72 -7.77
C SER A 33 -1.34 7.94 -8.93
N ALA A 34 -1.23 7.11 -9.97
CA ALA A 34 -2.11 7.17 -11.12
C ALA A 34 -3.58 7.05 -10.70
N PHE A 35 -3.81 6.45 -9.53
CA PHE A 35 -5.17 6.24 -9.03
C PHE A 35 -5.60 7.40 -8.15
N GLY A 36 -4.63 8.15 -7.63
CA GLY A 36 -4.94 9.28 -6.78
C GLY A 36 -3.70 9.81 -6.09
N ASN A 37 -3.82 11.01 -5.52
CA ASN A 37 -2.73 11.62 -4.77
C ASN A 37 -2.37 10.79 -3.56
N ILE A 38 -1.07 10.57 -3.36
CA ILE A 38 -0.58 9.78 -2.25
C ILE A 38 0.10 10.68 -1.23
N LEU A 39 -0.29 10.57 0.03
CA LEU A 39 0.30 11.41 1.09
C LEU A 39 1.61 10.79 1.52
N SER A 40 1.63 9.46 1.59
CA SER A 40 2.80 8.72 2.01
C SER A 40 2.77 7.32 1.39
N CYS A 41 3.87 6.92 0.79
CA CYS A 41 4.00 5.58 0.24
C CYS A 41 5.27 4.94 0.79
N LYS A 42 5.26 3.62 0.93
CA LYS A 42 6.38 2.96 1.57
C LYS A 42 6.57 1.53 1.05
N VAL A 43 7.81 1.22 0.70
CA VAL A 43 8.24 -0.14 0.43
C VAL A 43 9.17 -0.52 1.55
N VAL A 44 8.72 -1.42 2.38
CA VAL A 44 9.49 -1.78 3.54
C VAL A 44 10.57 -2.76 3.14
N CYS A 45 11.81 -2.33 3.30
CA CYS A 45 12.94 -3.08 2.77
C CYS A 45 13.71 -3.77 3.88
N ASP A 46 14.25 -4.93 3.57
CA ASP A 46 15.12 -5.63 4.47
C ASP A 46 16.52 -5.09 4.31
N GLU A 47 17.36 -5.27 5.31
CA GLU A 47 18.77 -4.90 5.18
C GLU A 47 19.40 -5.58 3.97
N ASN A 48 18.90 -6.76 3.61
CA ASN A 48 19.40 -7.51 2.46
C ASN A 48 18.63 -7.16 1.20
N GLY A 49 17.70 -6.21 1.29
CA GLY A 49 16.99 -5.78 0.11
C GLY A 49 15.57 -5.29 0.36
N SER A 50 14.64 -6.20 0.64
CA SER A 50 13.22 -5.87 0.69
C SER A 50 12.46 -6.83 1.59
N LYS A 51 11.42 -6.36 2.27
CA LYS A 51 10.66 -7.21 3.17
C LYS A 51 9.47 -7.82 2.47
N GLY A 52 9.15 -7.28 1.31
CA GLY A 52 8.11 -7.87 0.50
C GLY A 52 6.80 -7.09 0.49
N TYR A 53 6.61 -6.24 1.48
CA TYR A 53 5.33 -5.55 1.62
C TYR A 53 5.50 -4.04 1.69
N GLY A 54 4.43 -3.34 1.33
CA GLY A 54 4.45 -1.89 1.31
C GLY A 54 3.08 -1.31 1.63
N PHE A 55 3.01 -0.01 1.80
CA PHE A 55 1.76 0.64 2.19
C PHE A 55 1.55 1.94 1.40
N VAL A 56 0.30 2.20 0.99
CA VAL A 56 -0.04 3.48 0.37
C VAL A 56 -0.97 4.27 1.26
N HIS A 57 -0.68 5.55 1.38
CA HIS A 57 -1.62 6.48 1.97
C HIS A 57 -2.23 7.34 0.88
N PHE A 58 -3.48 7.08 0.54
CA PHE A 58 -4.15 7.84 -0.48
C PHE A 58 -4.88 9.02 0.11
N GLU A 59 -4.73 10.16 -0.58
CA GLU A 59 -5.38 11.40 -0.20
C GLU A 59 -6.87 11.18 0.06
N THR A 60 -7.46 10.41 -0.81
CA THR A 60 -8.87 10.07 -0.72
C THR A 60 -9.06 8.58 -0.47
N GLN A 61 -10.09 8.26 0.31
CA GLN A 61 -10.40 6.88 0.66
C GLN A 61 -10.77 6.08 -0.59
N GLU A 62 -11.48 6.71 -1.52
CA GLU A 62 -11.92 6.03 -2.72
C GLU A 62 -10.75 5.68 -3.66
N ALA A 63 -9.74 6.54 -3.71
CA ALA A 63 -8.56 6.30 -4.55
C ALA A 63 -7.85 5.02 -4.12
N ALA A 64 -7.86 4.78 -2.81
CA ALA A 64 -7.26 3.57 -2.26
C ALA A 64 -7.98 2.32 -2.75
N GLU A 65 -9.31 2.39 -2.77
CA GLU A 65 -10.11 1.29 -3.27
C GLU A 65 -9.77 1.01 -4.74
N ARG A 66 -9.56 2.08 -5.50
CA ARG A 66 -9.18 1.96 -6.90
C ARG A 66 -7.85 1.21 -7.04
N ALA A 67 -6.92 1.52 -6.15
CA ALA A 67 -5.62 0.86 -6.18
C ALA A 67 -5.76 -0.61 -5.83
N ILE A 68 -6.67 -0.92 -4.92
CA ILE A 68 -6.92 -2.30 -4.52
C ILE A 68 -7.43 -3.13 -5.71
N GLU A 69 -8.50 -2.65 -6.34
CA GLU A 69 -9.08 -3.36 -7.48
C GLU A 69 -8.11 -3.50 -8.62
N LYS A 70 -7.40 -2.43 -8.90
CA LYS A 70 -6.57 -2.35 -10.08
C LYS A 70 -5.20 -3.00 -9.90
N MET A 71 -4.60 -2.85 -8.73
CA MET A 71 -3.23 -3.30 -8.52
C MET A 71 -3.15 -4.71 -7.98
N ASN A 72 -4.19 -5.17 -7.31
CA ASN A 72 -4.17 -6.50 -6.73
C ASN A 72 -4.15 -7.56 -7.82
N GLY A 73 -3.15 -8.43 -7.78
CA GLY A 73 -3.04 -9.48 -8.78
C GLY A 73 -2.24 -9.07 -9.99
N MET A 74 -1.57 -7.93 -9.91
CA MET A 74 -0.75 -7.44 -11.00
C MET A 74 0.71 -7.79 -10.82
N LEU A 75 1.44 -7.77 -11.93
CA LEU A 75 2.88 -8.01 -11.92
C LEU A 75 3.61 -6.68 -12.03
N LEU A 76 4.09 -6.17 -10.91
CA LEU A 76 4.72 -4.85 -10.92
C LEU A 76 6.15 -4.86 -11.47
N ASN A 77 6.52 -5.96 -12.11
CA ASN A 77 7.90 -6.18 -12.59
C ASN A 77 8.05 -7.64 -12.99
N ASP A 78 7.83 -8.48 -12.03
CA ASP A 78 7.84 -9.92 -12.20
C ASP A 78 7.29 -10.60 -10.95
N ARG A 79 6.48 -9.85 -10.20
CA ARG A 79 5.90 -10.34 -8.97
C ARG A 79 4.45 -9.87 -8.87
N LYS A 80 3.56 -10.81 -8.64
CA LYS A 80 2.15 -10.50 -8.48
C LYS A 80 1.92 -9.92 -7.09
N VAL A 81 1.49 -8.68 -7.02
CA VAL A 81 1.36 -8.02 -5.74
C VAL A 81 -0.09 -8.03 -5.26
N PHE A 82 -0.25 -8.15 -3.97
CA PHE A 82 -1.56 -8.20 -3.36
C PHE A 82 -1.84 -6.89 -2.66
N VAL A 83 -2.89 -6.21 -3.09
CA VAL A 83 -3.29 -4.95 -2.48
C VAL A 83 -4.64 -5.13 -1.83
N GLY A 84 -4.74 -4.80 -0.55
CA GLY A 84 -5.98 -4.97 0.15
C GLY A 84 -6.20 -3.89 1.18
N ARG A 85 -7.32 -3.98 1.90
CA ARG A 85 -7.65 -3.03 2.95
C ARG A 85 -6.60 -3.01 4.04
N PHE A 86 -6.10 -1.82 4.35
CA PHE A 86 -5.24 -1.64 5.51
C PHE A 86 -6.14 -1.62 6.74
N LYS A 87 -5.91 -2.51 7.68
CA LYS A 87 -6.81 -2.65 8.81
C LYS A 87 -6.76 -1.42 9.71
N SER A 88 -5.64 -1.25 10.41
CA SER A 88 -5.46 -0.18 11.37
C SER A 88 -4.11 -0.37 12.05
N ARG A 89 -3.96 0.21 13.24
CA ARG A 89 -2.77 -0.03 14.05
C ARG A 89 -2.84 -1.45 14.59
N LYS A 90 -4.05 -1.95 14.69
CA LYS A 90 -4.33 -3.32 15.09
C LYS A 90 -5.53 -3.79 14.28
N GLU A 91 -5.67 -5.10 14.09
CA GLU A 91 -6.80 -5.63 13.32
C GLU A 91 -8.12 -5.37 14.04
N ARG A 92 -8.74 -4.24 13.73
CA ARG A 92 -10.02 -3.86 14.30
C ARG A 92 -10.99 -3.41 13.23
N GLU A 93 -10.56 -3.50 11.98
CA GLU A 93 -11.35 -2.95 10.87
C GLU A 93 -11.42 -3.98 9.73
N ALA A 94 -11.20 -5.23 10.06
CA ALA A 94 -11.28 -6.30 9.08
C ALA A 94 -12.48 -7.19 9.37
N GLU A 95 -13.66 -6.65 9.11
CA GLU A 95 -14.90 -7.37 9.38
C GLU A 95 -15.87 -7.17 8.23
N GLY A 1 10.06 7.28 16.75
CA GLY A 1 9.01 6.71 15.87
C GLY A 1 9.10 5.21 15.79
N ALA A 2 8.06 4.58 15.27
CA ALA A 2 8.03 3.13 15.12
C ALA A 2 7.36 2.75 13.81
N ASP A 3 6.12 3.17 13.66
CA ASP A 3 5.34 2.86 12.47
C ASP A 3 4.37 4.00 12.17
N PRO A 4 4.57 4.71 11.05
CA PRO A 4 3.67 5.78 10.62
C PRO A 4 2.28 5.24 10.27
N SER A 5 2.21 3.96 9.93
CA SER A 5 0.95 3.33 9.61
C SER A 5 0.76 2.07 10.47
N LEU A 6 -0.07 2.18 11.52
CA LEU A 6 -0.38 1.05 12.38
C LEU A 6 -1.85 0.68 12.27
N ARG A 7 -2.70 1.71 12.26
CA ARG A 7 -4.13 1.51 12.19
C ARG A 7 -4.66 2.04 10.87
N LYS A 8 -5.97 2.07 10.72
CA LYS A 8 -6.58 2.49 9.46
C LYS A 8 -7.05 3.94 9.56
N SER A 9 -6.72 4.58 10.67
CA SER A 9 -7.13 5.95 10.93
C SER A 9 -6.39 6.94 10.03
N GLY A 10 -5.54 6.43 9.15
CA GLY A 10 -4.87 7.26 8.17
C GLY A 10 -5.79 7.63 7.00
N VAL A 11 -6.81 6.78 6.79
CA VAL A 11 -7.76 6.88 5.66
C VAL A 11 -7.05 6.80 4.30
N GLY A 12 -7.63 6.03 3.40
CA GLY A 12 -7.00 5.81 2.11
C GLY A 12 -5.80 4.90 2.26
N ASN A 13 -5.82 4.11 3.32
CA ASN A 13 -4.68 3.28 3.69
C ASN A 13 -4.85 1.89 3.09
N ILE A 14 -3.84 1.42 2.38
CA ILE A 14 -3.85 0.08 1.82
C ILE A 14 -2.50 -0.58 2.05
N PHE A 15 -2.47 -1.91 1.96
CA PHE A 15 -1.22 -2.63 2.11
C PHE A 15 -0.99 -3.52 0.89
N ILE A 16 0.27 -3.60 0.47
CA ILE A 16 0.64 -4.36 -0.71
C ILE A 16 1.60 -5.48 -0.33
N LYS A 17 1.38 -6.67 -0.88
CA LYS A 17 2.25 -7.81 -0.59
C LYS A 17 2.93 -8.29 -1.87
N ASN A 18 4.09 -8.91 -1.70
CA ASN A 18 4.81 -9.58 -2.79
C ASN A 18 5.42 -8.59 -3.77
N LEU A 19 5.93 -7.48 -3.25
CA LEU A 19 6.59 -6.47 -4.07
C LEU A 19 7.99 -6.91 -4.44
N ASP A 20 8.50 -6.41 -5.55
CA ASP A 20 9.86 -6.71 -5.98
C ASP A 20 10.83 -5.79 -5.27
N LYS A 21 12.04 -6.29 -5.04
CA LYS A 21 13.07 -5.54 -4.33
C LYS A 21 13.37 -4.20 -5.02
N SER A 22 13.21 -4.17 -6.34
CA SER A 22 13.48 -2.96 -7.13
C SER A 22 12.42 -1.89 -6.90
N ILE A 23 11.35 -2.24 -6.21
CA ILE A 23 10.28 -1.29 -5.95
C ILE A 23 10.63 -0.41 -4.75
N ASP A 24 10.82 0.87 -5.01
CA ASP A 24 11.09 1.85 -3.97
C ASP A 24 9.81 2.64 -3.72
N ASN A 25 9.89 3.63 -2.85
CA ASN A 25 8.73 4.47 -2.54
C ASN A 25 8.29 5.19 -3.80
N LYS A 26 9.28 5.66 -4.56
CA LYS A 26 9.04 6.34 -5.80
C LYS A 26 8.30 5.42 -6.76
N ALA A 27 8.83 4.24 -6.89
CA ALA A 27 8.30 3.23 -7.80
C ALA A 27 6.87 2.84 -7.43
N LEU A 28 6.66 2.68 -6.14
CA LEU A 28 5.33 2.37 -5.62
C LEU A 28 4.40 3.55 -5.87
N TYR A 29 4.89 4.74 -5.55
CA TYR A 29 4.15 5.97 -5.82
C TYR A 29 3.84 6.11 -7.31
N ASP A 30 4.85 5.89 -8.14
CA ASP A 30 4.71 6.08 -9.59
C ASP A 30 3.57 5.25 -10.14
N THR A 31 3.44 4.05 -9.61
CA THR A 31 2.41 3.13 -10.07
C THR A 31 1.03 3.48 -9.50
N PHE A 32 0.94 3.59 -8.18
CA PHE A 32 -0.34 3.80 -7.48
C PHE A 32 -0.88 5.22 -7.66
N SER A 33 0.01 6.20 -7.85
CA SER A 33 -0.38 7.61 -7.94
C SER A 33 -1.39 7.84 -9.06
N ALA A 34 -1.33 7.02 -10.10
CA ALA A 34 -2.26 7.11 -11.22
C ALA A 34 -3.72 6.99 -10.75
N PHE A 35 -3.92 6.39 -9.59
CA PHE A 35 -5.26 6.14 -9.06
C PHE A 35 -5.72 7.28 -8.17
N GLY A 36 -4.78 8.09 -7.69
CA GLY A 36 -5.10 9.19 -6.81
C GLY A 36 -3.86 9.75 -6.15
N ASN A 37 -4.03 10.87 -5.45
CA ASN A 37 -2.91 11.52 -4.79
C ASN A 37 -2.46 10.72 -3.57
N ILE A 38 -1.16 10.57 -3.42
CA ILE A 38 -0.60 9.81 -2.30
C ILE A 38 0.12 10.74 -1.34
N LEU A 39 -0.11 10.57 -0.04
CA LEU A 39 0.55 11.41 0.96
C LEU A 39 1.84 10.74 1.38
N SER A 40 1.73 9.46 1.71
CA SER A 40 2.83 8.70 2.24
C SER A 40 2.82 7.28 1.69
N CYS A 41 3.64 7.02 0.69
CA CYS A 41 3.84 5.67 0.19
C CYS A 41 5.07 5.08 0.85
N LYS A 42 5.06 3.77 1.07
CA LYS A 42 6.15 3.14 1.80
C LYS A 42 6.43 1.73 1.28
N VAL A 43 7.70 1.48 0.99
CA VAL A 43 8.17 0.13 0.71
C VAL A 43 9.02 -0.28 1.87
N VAL A 44 8.52 -1.21 2.63
CA VAL A 44 9.16 -1.58 3.86
C VAL A 44 10.38 -2.44 3.56
N CYS A 45 11.52 -1.96 3.99
CA CYS A 45 12.80 -2.52 3.58
C CYS A 45 13.31 -3.52 4.59
N ASP A 46 13.82 -4.64 4.09
CA ASP A 46 14.37 -5.66 4.94
C ASP A 46 15.83 -5.32 5.23
N GLU A 47 16.38 -5.93 6.27
CA GLU A 47 17.81 -5.82 6.52
C GLU A 47 18.61 -6.30 5.30
N ASN A 48 18.01 -7.22 4.54
CA ASN A 48 18.62 -7.75 3.32
C ASN A 48 18.26 -6.89 2.12
N GLY A 49 17.48 -5.84 2.36
CA GLY A 49 17.06 -4.96 1.29
C GLY A 49 15.57 -4.64 1.30
N SER A 50 14.73 -5.64 1.05
CA SER A 50 13.29 -5.42 0.88
C SER A 50 12.48 -6.51 1.58
N LYS A 51 11.50 -6.11 2.39
CA LYS A 51 10.73 -7.07 3.18
C LYS A 51 9.78 -7.84 2.30
N GLY A 52 9.22 -7.16 1.33
CA GLY A 52 8.26 -7.80 0.44
C GLY A 52 6.91 -7.11 0.41
N TYR A 53 6.65 -6.25 1.37
CA TYR A 53 5.35 -5.59 1.45
C TYR A 53 5.50 -4.10 1.64
N GLY A 54 4.45 -3.37 1.28
CA GLY A 54 4.48 -1.93 1.36
C GLY A 54 3.11 -1.36 1.68
N PHE A 55 3.04 -0.04 1.83
CA PHE A 55 1.79 0.62 2.20
C PHE A 55 1.58 1.88 1.36
N VAL A 56 0.34 2.16 1.00
CA VAL A 56 0.00 3.43 0.36
C VAL A 56 -0.93 4.24 1.26
N HIS A 57 -0.58 5.49 1.47
CA HIS A 57 -1.50 6.42 2.07
C HIS A 57 -2.08 7.29 0.97
N PHE A 58 -3.33 7.04 0.63
CA PHE A 58 -3.99 7.82 -0.38
C PHE A 58 -4.66 9.03 0.24
N GLU A 59 -4.57 10.12 -0.48
CA GLU A 59 -5.19 11.39 -0.10
C GLU A 59 -6.65 11.17 0.24
N THR A 60 -7.29 10.36 -0.56
CA THR A 60 -8.70 10.06 -0.41
C THR A 60 -8.93 8.57 -0.25
N GLN A 61 -9.97 8.24 0.51
CA GLN A 61 -10.35 6.86 0.74
C GLN A 61 -10.70 6.13 -0.56
N GLU A 62 -11.34 6.86 -1.48
CA GLU A 62 -11.79 6.27 -2.75
C GLU A 62 -10.62 5.85 -3.64
N ALA A 63 -9.54 6.64 -3.62
CA ALA A 63 -8.37 6.35 -4.45
C ALA A 63 -7.71 5.05 -4.02
N ALA A 64 -7.75 4.80 -2.72
CA ALA A 64 -7.21 3.58 -2.15
C ALA A 64 -7.94 2.36 -2.69
N GLU A 65 -9.26 2.44 -2.73
CA GLU A 65 -10.09 1.36 -3.26
C GLU A 65 -9.73 1.06 -4.71
N ARG A 66 -9.53 2.13 -5.49
CA ARG A 66 -9.15 2.00 -6.89
C ARG A 66 -7.84 1.24 -7.02
N ALA A 67 -6.90 1.53 -6.14
CA ALA A 67 -5.61 0.86 -6.14
C ALA A 67 -5.77 -0.61 -5.76
N ILE A 68 -6.68 -0.88 -4.84
CA ILE A 68 -6.96 -2.24 -4.41
C ILE A 68 -7.43 -3.10 -5.58
N GLU A 69 -8.45 -2.63 -6.29
CA GLU A 69 -9.00 -3.36 -7.42
C GLU A 69 -7.98 -3.52 -8.53
N LYS A 70 -7.30 -2.44 -8.85
CA LYS A 70 -6.48 -2.37 -10.03
C LYS A 70 -5.12 -3.03 -9.84
N MET A 71 -4.52 -2.85 -8.68
CA MET A 71 -3.15 -3.31 -8.46
C MET A 71 -3.10 -4.71 -7.86
N ASN A 72 -4.22 -5.18 -7.31
CA ASN A 72 -4.25 -6.53 -6.79
C ASN A 72 -4.18 -7.51 -7.96
N GLY A 73 -3.19 -8.39 -7.95
CA GLY A 73 -3.01 -9.31 -9.05
C GLY A 73 -2.23 -8.69 -10.20
N MET A 74 -1.65 -7.54 -9.94
CA MET A 74 -0.84 -6.84 -10.93
C MET A 74 0.62 -7.25 -10.77
N LEU A 75 1.38 -7.23 -11.85
CA LEU A 75 2.78 -7.56 -11.79
C LEU A 75 3.57 -6.28 -11.70
N LEU A 76 4.39 -6.18 -10.70
CA LEU A 76 5.28 -5.06 -10.62
C LEU A 76 6.70 -5.52 -10.86
N ASN A 77 7.17 -5.32 -12.09
CA ASN A 77 8.53 -5.62 -12.49
C ASN A 77 8.77 -7.10 -12.75
N ASP A 78 7.93 -7.92 -12.14
CA ASP A 78 8.04 -9.39 -12.23
C ASP A 78 7.16 -10.08 -11.21
N ARG A 79 6.79 -9.38 -10.15
CA ARG A 79 6.12 -10.02 -9.01
C ARG A 79 4.67 -9.57 -8.94
N LYS A 80 3.80 -10.52 -8.69
CA LYS A 80 2.37 -10.25 -8.61
C LYS A 80 2.03 -9.77 -7.21
N VAL A 81 1.52 -8.55 -7.11
CA VAL A 81 1.33 -7.94 -5.82
C VAL A 81 -0.13 -8.00 -5.37
N PHE A 82 -0.29 -8.09 -4.07
CA PHE A 82 -1.61 -8.15 -3.46
C PHE A 82 -1.90 -6.83 -2.79
N VAL A 83 -2.95 -6.15 -3.22
CA VAL A 83 -3.35 -4.89 -2.61
C VAL A 83 -4.72 -5.04 -1.97
N GLY A 84 -4.81 -4.70 -0.69
CA GLY A 84 -6.06 -4.83 0.02
C GLY A 84 -6.22 -3.77 1.08
N ARG A 85 -7.29 -3.87 1.85
CA ARG A 85 -7.57 -2.93 2.93
C ARG A 85 -6.46 -2.98 3.98
N PHE A 86 -6.08 -1.82 4.49
CA PHE A 86 -5.11 -1.77 5.57
C PHE A 86 -5.85 -1.93 6.88
N LYS A 87 -5.60 -3.04 7.57
CA LYS A 87 -6.26 -3.31 8.82
C LYS A 87 -5.30 -3.89 9.84
N SER A 88 -5.45 -3.45 11.07
CA SER A 88 -4.78 -4.08 12.17
C SER A 88 -5.57 -5.34 12.53
N ARG A 89 -5.03 -6.21 13.38
CA ARG A 89 -5.74 -7.42 13.76
C ARG A 89 -7.08 -7.05 14.42
N LYS A 90 -7.07 -5.94 15.13
CA LYS A 90 -8.30 -5.33 15.61
C LYS A 90 -8.59 -4.04 14.84
N GLU A 91 -9.30 -4.15 13.72
CA GLU A 91 -9.70 -2.97 12.97
C GLU A 91 -10.91 -2.34 13.66
N ARG A 92 -10.65 -1.49 14.62
CA ARG A 92 -11.69 -0.85 15.40
C ARG A 92 -11.41 0.63 15.56
N GLU A 93 -12.44 1.44 15.41
CA GLU A 93 -12.33 2.88 15.62
C GLU A 93 -13.53 3.37 16.41
N ALA A 94 -13.31 3.65 17.70
CA ALA A 94 -14.39 4.09 18.57
C ALA A 94 -14.71 5.56 18.35
N GLU A 95 -15.54 5.83 17.35
CA GLU A 95 -15.92 7.19 17.02
C GLU A 95 -17.30 7.17 16.37
N GLY A 1 4.77 6.94 7.05
CA GLY A 1 5.38 8.29 6.95
C GLY A 1 5.61 8.92 8.30
N ALA A 2 4.90 10.02 8.57
CA ALA A 2 5.00 10.72 9.85
C ALA A 2 4.07 10.08 10.87
N ASP A 3 3.30 9.11 10.42
CA ASP A 3 2.39 8.38 11.27
C ASP A 3 3.12 7.25 11.98
N PRO A 4 3.06 7.23 13.33
CA PRO A 4 3.67 6.17 14.13
C PRO A 4 2.94 4.86 13.94
N SER A 5 1.74 4.77 14.49
CA SER A 5 0.90 3.59 14.32
C SER A 5 -0.57 4.02 14.25
N LEU A 6 -1.04 4.28 13.03
CA LEU A 6 -2.45 4.60 12.84
C LEU A 6 -3.27 3.32 12.88
N ARG A 7 -4.48 3.40 13.40
CA ARG A 7 -5.34 2.23 13.52
C ARG A 7 -5.97 1.88 12.18
N LYS A 8 -6.29 2.92 11.41
CA LYS A 8 -6.87 2.81 10.07
C LYS A 8 -7.40 4.16 9.62
N SER A 9 -7.42 5.10 10.57
CA SER A 9 -7.96 6.44 10.35
C SER A 9 -7.06 7.31 9.48
N GLY A 10 -6.10 6.69 8.80
CA GLY A 10 -5.24 7.42 7.89
C GLY A 10 -6.00 7.87 6.64
N VAL A 11 -7.04 7.10 6.29
CA VAL A 11 -7.83 7.33 5.07
C VAL A 11 -7.07 6.96 3.82
N GLY A 12 -7.63 6.07 3.03
CA GLY A 12 -6.99 5.67 1.80
C GLY A 12 -5.79 4.79 2.06
N ASN A 13 -5.80 4.13 3.21
CA ASN A 13 -4.66 3.34 3.65
C ASN A 13 -4.79 1.93 3.10
N ILE A 14 -3.77 1.47 2.40
CA ILE A 14 -3.76 0.11 1.87
C ILE A 14 -2.40 -0.54 2.11
N PHE A 15 -2.34 -1.84 1.98
CA PHE A 15 -1.07 -2.54 2.09
C PHE A 15 -0.85 -3.43 0.87
N ILE A 16 0.39 -3.55 0.45
CA ILE A 16 0.74 -4.31 -0.74
C ILE A 16 1.67 -5.45 -0.36
N LYS A 17 1.58 -6.55 -1.09
CA LYS A 17 2.29 -7.78 -0.75
C LYS A 17 3.02 -8.34 -1.97
N ASN A 18 4.15 -9.02 -1.72
CA ASN A 18 4.89 -9.72 -2.78
C ASN A 18 5.51 -8.75 -3.78
N LEU A 19 5.97 -7.61 -3.30
CA LEU A 19 6.63 -6.64 -4.16
C LEU A 19 8.03 -7.11 -4.54
N ASP A 20 8.49 -6.65 -5.69
CA ASP A 20 9.82 -6.96 -6.15
C ASP A 20 10.86 -6.13 -5.40
N LYS A 21 12.05 -6.68 -5.26
CA LYS A 21 13.12 -6.04 -4.53
C LYS A 21 13.52 -4.70 -5.17
N SER A 22 13.44 -4.66 -6.49
CA SER A 22 13.84 -3.47 -7.24
C SER A 22 12.79 -2.37 -7.13
N ILE A 23 11.66 -2.67 -6.49
CA ILE A 23 10.60 -1.68 -6.29
C ILE A 23 10.96 -0.74 -5.14
N ASP A 24 10.91 0.56 -5.42
CA ASP A 24 11.25 1.58 -4.42
C ASP A 24 9.99 2.35 -4.04
N ASN A 25 10.14 3.30 -3.14
CA ASN A 25 9.00 4.11 -2.69
C ASN A 25 8.49 4.94 -3.85
N LYS A 26 9.44 5.42 -4.65
CA LYS A 26 9.13 6.18 -5.83
C LYS A 26 8.30 5.35 -6.78
N ALA A 27 8.78 4.16 -7.01
CA ALA A 27 8.18 3.21 -7.93
C ALA A 27 6.77 2.85 -7.51
N LEU A 28 6.60 2.59 -6.22
CA LEU A 28 5.30 2.27 -5.67
C LEU A 28 4.38 3.49 -5.83
N TYR A 29 4.90 4.66 -5.47
CA TYR A 29 4.16 5.90 -5.64
C TYR A 29 3.83 6.14 -7.11
N ASP A 30 4.83 5.97 -7.97
CA ASP A 30 4.68 6.27 -9.39
C ASP A 30 3.54 5.45 -10.00
N THR A 31 3.44 4.21 -9.58
CA THR A 31 2.41 3.33 -10.10
C THR A 31 1.03 3.63 -9.48
N PHE A 32 0.97 3.66 -8.15
CA PHE A 32 -0.30 3.83 -7.45
C PHE A 32 -0.86 5.26 -7.57
N SER A 33 0.02 6.24 -7.74
CA SER A 33 -0.38 7.66 -7.81
C SER A 33 -1.37 7.89 -8.94
N ALA A 34 -1.29 7.08 -10.00
CA ALA A 34 -2.22 7.16 -11.12
C ALA A 34 -3.67 7.01 -10.65
N PHE A 35 -3.85 6.40 -9.48
CA PHE A 35 -5.18 6.15 -8.93
C PHE A 35 -5.61 7.29 -8.01
N GLY A 36 -4.67 8.17 -7.69
CA GLY A 36 -4.96 9.29 -6.82
C GLY A 36 -3.72 9.81 -6.14
N ASN A 37 -3.79 11.01 -5.60
CA ASN A 37 -2.68 11.59 -4.86
C ASN A 37 -2.38 10.77 -3.62
N ILE A 38 -1.11 10.57 -3.37
CA ILE A 38 -0.67 9.77 -2.24
C ILE A 38 0.00 10.67 -1.20
N LEU A 39 -0.38 10.50 0.06
CA LEU A 39 0.16 11.36 1.12
C LEU A 39 1.45 10.73 1.64
N SER A 40 1.44 9.41 1.74
CA SER A 40 2.60 8.65 2.18
C SER A 40 2.64 7.31 1.45
N CYS A 41 3.79 6.94 0.95
CA CYS A 41 3.95 5.64 0.31
C CYS A 41 5.22 5.00 0.81
N LYS A 42 5.13 3.75 1.24
CA LYS A 42 6.28 3.10 1.83
C LYS A 42 6.50 1.71 1.24
N VAL A 43 7.76 1.43 0.94
CA VAL A 43 8.21 0.11 0.57
C VAL A 43 9.14 -0.35 1.67
N VAL A 44 8.70 -1.31 2.44
CA VAL A 44 9.41 -1.70 3.62
C VAL A 44 10.63 -2.53 3.24
N CYS A 45 11.78 -2.05 3.62
CA CYS A 45 13.04 -2.54 3.09
C CYS A 45 13.68 -3.58 4.01
N ASP A 46 14.16 -4.67 3.41
CA ASP A 46 14.91 -5.66 4.15
C ASP A 46 16.37 -5.27 4.19
N GLU A 47 17.19 -6.03 4.91
CA GLU A 47 18.63 -5.77 4.98
C GLU A 47 19.26 -5.71 3.59
N ASN A 48 18.73 -6.48 2.65
CA ASN A 48 19.27 -6.53 1.29
C ASN A 48 18.57 -5.52 0.38
N GLY A 49 17.51 -4.89 0.88
CA GLY A 49 16.87 -3.86 0.09
C GLY A 49 15.37 -3.74 0.31
N SER A 50 14.65 -4.86 0.33
CA SER A 50 13.19 -4.81 0.36
C SER A 50 12.59 -6.07 0.98
N LYS A 51 11.62 -5.89 1.88
CA LYS A 51 11.03 -7.02 2.59
C LYS A 51 9.99 -7.74 1.75
N GLY A 52 9.26 -6.96 0.97
CA GLY A 52 8.22 -7.55 0.13
C GLY A 52 6.89 -6.83 0.22
N TYR A 53 6.68 -6.07 1.28
CA TYR A 53 5.38 -5.43 1.49
C TYR A 53 5.52 -3.92 1.59
N GLY A 54 4.43 -3.23 1.28
CA GLY A 54 4.44 -1.78 1.30
C GLY A 54 3.08 -1.22 1.68
N PHE A 55 3.01 0.10 1.86
CA PHE A 55 1.78 0.76 2.28
C PHE A 55 1.55 2.04 1.50
N VAL A 56 0.31 2.28 1.06
CA VAL A 56 -0.05 3.55 0.43
C VAL A 56 -1.05 4.32 1.28
N HIS A 57 -0.80 5.60 1.43
CA HIS A 57 -1.80 6.52 1.97
C HIS A 57 -2.40 7.33 0.84
N PHE A 58 -3.62 7.03 0.48
CA PHE A 58 -4.28 7.77 -0.57
C PHE A 58 -5.02 8.97 -0.03
N GLU A 59 -4.85 10.07 -0.74
CA GLU A 59 -5.51 11.35 -0.42
C GLU A 59 -6.99 11.14 -0.14
N THR A 60 -7.61 10.33 -0.97
CA THR A 60 -9.00 9.98 -0.81
C THR A 60 -9.16 8.48 -0.55
N GLN A 61 -10.18 8.15 0.24
CA GLN A 61 -10.48 6.76 0.58
C GLN A 61 -10.78 5.94 -0.68
N GLU A 62 -11.50 6.55 -1.62
CA GLU A 62 -11.90 5.85 -2.84
C GLU A 62 -10.70 5.58 -3.75
N ALA A 63 -9.72 6.48 -3.75
CA ALA A 63 -8.51 6.30 -4.55
C ALA A 63 -7.77 5.03 -4.11
N ALA A 64 -7.85 4.75 -2.82
CA ALA A 64 -7.28 3.52 -2.27
C ALA A 64 -8.04 2.31 -2.78
N GLU A 65 -9.36 2.43 -2.81
CA GLU A 65 -10.21 1.37 -3.33
C GLU A 65 -9.85 1.06 -4.77
N ARG A 66 -9.56 2.10 -5.56
CA ARG A 66 -9.10 1.94 -6.93
C ARG A 66 -7.80 1.13 -6.97
N ALA A 67 -6.84 1.55 -6.15
CA ALA A 67 -5.54 0.88 -6.10
C ALA A 67 -5.69 -0.58 -5.73
N ILE A 68 -6.60 -0.86 -4.80
CA ILE A 68 -6.86 -2.22 -4.38
C ILE A 68 -7.36 -3.06 -5.55
N GLU A 69 -8.42 -2.61 -6.21
CA GLU A 69 -8.97 -3.37 -7.33
C GLU A 69 -8.00 -3.47 -8.49
N LYS A 70 -7.37 -2.35 -8.80
CA LYS A 70 -6.57 -2.25 -10.00
C LYS A 70 -5.20 -2.94 -9.86
N MET A 71 -4.59 -2.82 -8.70
CA MET A 71 -3.23 -3.33 -8.52
C MET A 71 -3.20 -4.74 -7.97
N ASN A 72 -4.26 -5.16 -7.30
CA ASN A 72 -4.30 -6.49 -6.73
C ASN A 72 -4.28 -7.53 -7.86
N GLY A 73 -3.30 -8.43 -7.80
CA GLY A 73 -3.19 -9.46 -8.82
C GLY A 73 -2.46 -8.97 -10.06
N MET A 74 -1.66 -7.92 -9.91
CA MET A 74 -0.85 -7.42 -11.01
C MET A 74 0.62 -7.72 -10.81
N LEU A 75 1.37 -7.68 -11.90
CA LEU A 75 2.78 -8.03 -11.87
C LEU A 75 3.62 -6.78 -11.83
N LEU A 76 4.21 -6.50 -10.70
CA LEU A 76 5.15 -5.42 -10.65
C LEU A 76 6.54 -5.95 -10.91
N ASN A 77 7.07 -5.59 -12.09
CA ASN A 77 8.35 -6.08 -12.58
C ASN A 77 8.25 -7.53 -13.03
N ASP A 78 8.03 -8.41 -12.08
CA ASP A 78 7.88 -9.83 -12.36
C ASP A 78 7.24 -10.55 -11.17
N ARG A 79 6.59 -9.81 -10.29
CA ARG A 79 5.98 -10.38 -9.10
C ARG A 79 4.56 -9.89 -8.95
N LYS A 80 3.64 -10.81 -8.74
CA LYS A 80 2.23 -10.47 -8.63
C LYS A 80 1.93 -9.99 -7.23
N VAL A 81 1.48 -8.74 -7.11
CA VAL A 81 1.30 -8.13 -5.82
C VAL A 81 -0.16 -8.15 -5.41
N PHE A 82 -0.37 -8.29 -4.13
CA PHE A 82 -1.71 -8.26 -3.56
C PHE A 82 -1.90 -6.96 -2.82
N VAL A 83 -2.94 -6.24 -3.19
CA VAL A 83 -3.27 -5.00 -2.51
C VAL A 83 -4.63 -5.14 -1.84
N GLY A 84 -4.71 -4.76 -0.59
CA GLY A 84 -5.95 -4.85 0.13
C GLY A 84 -6.08 -3.76 1.18
N ARG A 85 -7.13 -3.83 1.99
CA ARG A 85 -7.39 -2.83 3.01
C ARG A 85 -6.31 -2.88 4.09
N PHE A 86 -5.98 -1.73 4.63
CA PHE A 86 -4.91 -1.62 5.62
C PHE A 86 -5.43 -2.01 6.99
N LYS A 87 -4.89 -3.10 7.53
CA LYS A 87 -5.28 -3.55 8.86
C LYS A 87 -4.06 -3.60 9.78
N SER A 88 -3.79 -2.49 10.44
CA SER A 88 -2.78 -2.48 11.49
C SER A 88 -3.40 -3.02 12.76
N ARG A 89 -4.71 -2.80 12.87
CA ARG A 89 -5.50 -3.35 13.94
C ARG A 89 -6.80 -3.90 13.35
N LYS A 90 -7.79 -3.02 13.22
CA LYS A 90 -9.10 -3.35 12.62
C LYS A 90 -10.08 -2.21 12.89
N GLU A 91 -9.59 -1.17 13.54
CA GLU A 91 -10.43 -0.14 14.12
C GLU A 91 -10.16 1.22 13.49
N ARG A 92 -11.23 1.96 13.20
CA ARG A 92 -11.11 3.36 12.82
C ARG A 92 -10.80 4.21 14.05
N GLU A 93 -11.71 4.14 15.02
CA GLU A 93 -11.55 4.82 16.31
C GLU A 93 -12.37 4.09 17.36
N ALA A 94 -13.51 3.57 16.91
CA ALA A 94 -14.35 2.71 17.74
C ALA A 94 -14.62 1.41 17.01
N GLU A 95 -14.26 0.31 17.65
CA GLU A 95 -14.46 -1.00 17.07
C GLU A 95 -15.44 -1.78 17.94
N GLY A 1 -6.60 8.97 21.74
CA GLY A 1 -6.93 9.55 23.05
C GLY A 1 -8.21 9.00 23.63
N ALA A 2 -9.32 9.66 23.31
CA ALA A 2 -10.63 9.22 23.77
C ALA A 2 -11.14 8.07 22.90
N ASP A 3 -10.37 6.99 22.86
CA ASP A 3 -10.67 5.85 22.01
C ASP A 3 -9.86 4.63 22.43
N PRO A 4 -10.53 3.61 22.97
CA PRO A 4 -9.90 2.34 23.33
C PRO A 4 -9.64 1.47 22.10
N SER A 5 -10.46 1.64 21.07
CA SER A 5 -10.30 0.90 19.82
C SER A 5 -10.84 1.73 18.65
N LEU A 6 -10.08 1.80 17.56
CA LEU A 6 -10.51 2.52 16.38
C LEU A 6 -10.79 1.54 15.25
N ARG A 7 -11.19 2.06 14.10
CA ARG A 7 -11.43 1.23 12.93
C ARG A 7 -10.21 1.27 12.03
N LYS A 8 -9.97 2.43 11.45
CA LYS A 8 -8.78 2.69 10.66
C LYS A 8 -8.38 4.15 10.82
N SER A 9 -7.28 4.54 10.20
CA SER A 9 -6.82 5.92 10.27
C SER A 9 -5.98 6.22 9.04
N GLY A 10 -5.45 7.43 8.95
CA GLY A 10 -4.71 7.83 7.77
C GLY A 10 -5.63 8.18 6.61
N VAL A 11 -6.57 7.27 6.33
CA VAL A 11 -7.50 7.38 5.20
C VAL A 11 -6.80 7.05 3.90
N GLY A 12 -7.42 6.18 3.10
CA GLY A 12 -6.82 5.78 1.86
C GLY A 12 -5.65 4.86 2.09
N ASN A 13 -5.66 4.20 3.25
CA ASN A 13 -4.54 3.39 3.68
C ASN A 13 -4.73 1.96 3.18
N ILE A 14 -3.74 1.45 2.47
CA ILE A 14 -3.77 0.09 1.97
C ILE A 14 -2.43 -0.58 2.18
N PHE A 15 -2.40 -1.90 2.08
CA PHE A 15 -1.15 -2.63 2.18
C PHE A 15 -0.96 -3.50 0.94
N ILE A 16 0.28 -3.60 0.49
CA ILE A 16 0.62 -4.36 -0.71
C ILE A 16 1.58 -5.48 -0.35
N LYS A 17 1.33 -6.66 -0.89
CA LYS A 17 2.16 -7.82 -0.61
C LYS A 17 2.88 -8.28 -1.88
N ASN A 18 4.07 -8.85 -1.69
CA ASN A 18 4.83 -9.50 -2.77
C ASN A 18 5.41 -8.48 -3.75
N LEU A 19 5.89 -7.37 -3.21
CA LEU A 19 6.53 -6.36 -4.04
C LEU A 19 7.94 -6.78 -4.40
N ASP A 20 8.42 -6.27 -5.53
CA ASP A 20 9.78 -6.51 -5.95
C ASP A 20 10.75 -5.69 -5.12
N LYS A 21 11.91 -6.25 -4.86
CA LYS A 21 12.92 -5.61 -4.02
C LYS A 21 13.39 -4.29 -4.62
N SER A 22 13.34 -4.20 -5.94
CA SER A 22 13.77 -3.00 -6.64
C SER A 22 12.69 -1.92 -6.59
N ILE A 23 11.51 -2.28 -6.10
CA ILE A 23 10.43 -1.31 -5.94
C ILE A 23 10.72 -0.41 -4.75
N ASP A 24 10.87 0.88 -5.03
CA ASP A 24 11.14 1.85 -3.98
C ASP A 24 9.85 2.62 -3.71
N ASN A 25 9.93 3.64 -2.87
CA ASN A 25 8.75 4.42 -2.52
C ASN A 25 8.31 5.18 -3.74
N LYS A 26 9.29 5.54 -4.55
CA LYS A 26 9.07 6.25 -5.78
C LYS A 26 8.33 5.36 -6.74
N ALA A 27 8.85 4.16 -6.87
CA ALA A 27 8.31 3.16 -7.80
C ALA A 27 6.87 2.82 -7.43
N LEU A 28 6.65 2.63 -6.14
CA LEU A 28 5.33 2.33 -5.62
C LEU A 28 4.43 3.55 -5.86
N TYR A 29 4.92 4.72 -5.54
CA TYR A 29 4.21 5.96 -5.80
C TYR A 29 3.92 6.12 -7.28
N ASP A 30 4.92 5.90 -8.12
CA ASP A 30 4.80 6.10 -9.55
C ASP A 30 3.66 5.27 -10.12
N THR A 31 3.50 4.06 -9.60
CA THR A 31 2.47 3.17 -10.06
C THR A 31 1.08 3.53 -9.50
N PHE A 32 0.99 3.61 -8.17
CA PHE A 32 -0.30 3.81 -7.49
C PHE A 32 -0.85 5.23 -7.64
N SER A 33 0.02 6.21 -7.81
CA SER A 33 -0.39 7.63 -7.87
C SER A 33 -1.43 7.87 -8.97
N ALA A 34 -1.37 7.06 -10.03
CA ALA A 34 -2.33 7.18 -11.14
C ALA A 34 -3.79 7.04 -10.65
N PHE A 35 -3.96 6.41 -9.50
CA PHE A 35 -5.28 6.17 -8.95
C PHE A 35 -5.73 7.33 -8.06
N GLY A 36 -4.76 8.08 -7.56
CA GLY A 36 -5.05 9.20 -6.68
C GLY A 36 -3.80 9.76 -6.05
N ASN A 37 -3.91 10.94 -5.47
CA ASN A 37 -2.77 11.57 -4.81
C ASN A 37 -2.38 10.78 -3.58
N ILE A 38 -1.10 10.46 -3.48
CA ILE A 38 -0.59 9.71 -2.35
C ILE A 38 0.05 10.66 -1.34
N LEU A 39 -0.31 10.51 -0.07
CA LEU A 39 0.24 11.37 0.97
C LEU A 39 1.59 10.80 1.41
N SER A 40 1.62 9.49 1.52
CA SER A 40 2.80 8.77 1.97
C SER A 40 2.81 7.36 1.39
N CYS A 41 3.87 7.03 0.66
CA CYS A 41 4.03 5.68 0.13
C CYS A 41 5.28 5.04 0.72
N LYS A 42 5.18 3.78 1.09
CA LYS A 42 6.28 3.12 1.77
C LYS A 42 6.50 1.70 1.25
N VAL A 43 7.76 1.40 0.97
CA VAL A 43 8.21 0.05 0.69
C VAL A 43 9.13 -0.34 1.82
N VAL A 44 8.67 -1.25 2.63
CA VAL A 44 9.40 -1.61 3.83
C VAL A 44 10.58 -2.47 3.46
N CYS A 45 11.77 -1.95 3.73
CA CYS A 45 12.98 -2.56 3.26
C CYS A 45 13.65 -3.39 4.33
N ASP A 46 14.11 -4.57 3.95
CA ASP A 46 14.88 -5.41 4.83
C ASP A 46 16.32 -4.95 4.78
N GLU A 47 17.11 -5.32 5.77
CA GLU A 47 18.54 -5.02 5.77
C GLU A 47 19.20 -5.52 4.49
N ASN A 48 18.64 -6.58 3.90
CA ASN A 48 19.20 -7.18 2.70
C ASN A 48 18.60 -6.55 1.45
N GLY A 49 17.61 -5.68 1.63
CA GLY A 49 17.01 -5.02 0.48
C GLY A 49 15.55 -4.62 0.69
N SER A 50 14.66 -5.59 0.79
CA SER A 50 13.22 -5.31 0.86
C SER A 50 12.49 -6.41 1.62
N LYS A 51 11.44 -6.03 2.36
CA LYS A 51 10.69 -7.00 3.17
C LYS A 51 9.68 -7.75 2.32
N GLY A 52 9.21 -7.09 1.29
CA GLY A 52 8.26 -7.71 0.40
C GLY A 52 6.90 -7.04 0.40
N TYR A 53 6.64 -6.20 1.39
CA TYR A 53 5.35 -5.55 1.51
C TYR A 53 5.49 -4.05 1.68
N GLY A 54 4.47 -3.32 1.27
CA GLY A 54 4.49 -1.88 1.34
C GLY A 54 3.11 -1.30 1.65
N PHE A 55 3.04 0.01 1.84
CA PHE A 55 1.80 0.67 2.23
C PHE A 55 1.59 1.95 1.43
N VAL A 56 0.36 2.19 0.98
CA VAL A 56 0.02 3.46 0.33
C VAL A 56 -0.92 4.27 1.21
N HIS A 57 -0.63 5.55 1.31
CA HIS A 57 -1.57 6.49 1.89
C HIS A 57 -2.20 7.30 0.78
N PHE A 58 -3.46 7.02 0.48
CA PHE A 58 -4.16 7.76 -0.55
C PHE A 58 -4.89 8.93 0.04
N GLU A 59 -4.80 10.05 -0.66
CA GLU A 59 -5.46 11.29 -0.26
C GLU A 59 -6.92 11.06 0.10
N THR A 60 -7.57 10.24 -0.69
CA THR A 60 -8.95 9.90 -0.46
C THR A 60 -9.13 8.40 -0.22
N GLN A 61 -10.15 8.06 0.54
CA GLN A 61 -10.46 6.67 0.84
C GLN A 61 -10.80 5.89 -0.44
N GLU A 62 -11.47 6.56 -1.37
CA GLU A 62 -11.89 5.93 -2.62
C GLU A 62 -10.70 5.61 -3.53
N ALA A 63 -9.67 6.46 -3.52
CA ALA A 63 -8.49 6.24 -4.34
C ALA A 63 -7.78 4.96 -3.93
N ALA A 64 -7.82 4.67 -2.65
CA ALA A 64 -7.25 3.44 -2.12
C ALA A 64 -8.00 2.23 -2.68
N GLU A 65 -9.32 2.36 -2.74
CA GLU A 65 -10.15 1.32 -3.31
C GLU A 65 -9.78 1.04 -4.76
N ARG A 66 -9.49 2.12 -5.49
CA ARG A 66 -9.06 2.02 -6.88
C ARG A 66 -7.76 1.23 -7.00
N ALA A 67 -6.83 1.50 -6.10
CA ALA A 67 -5.55 0.81 -6.11
C ALA A 67 -5.74 -0.67 -5.78
N ILE A 68 -6.67 -0.95 -4.88
CA ILE A 68 -6.97 -2.33 -4.50
C ILE A 68 -7.50 -3.11 -5.70
N GLU A 69 -8.52 -2.60 -6.37
CA GLU A 69 -9.09 -3.29 -7.52
C GLU A 69 -8.07 -3.44 -8.65
N LYS A 70 -7.36 -2.37 -8.91
CA LYS A 70 -6.53 -2.28 -10.10
C LYS A 70 -5.17 -2.95 -9.94
N MET A 71 -4.56 -2.82 -8.76
CA MET A 71 -3.20 -3.30 -8.58
C MET A 71 -3.15 -4.71 -8.01
N ASN A 72 -4.26 -5.18 -7.47
CA ASN A 72 -4.30 -6.52 -6.91
C ASN A 72 -4.13 -7.54 -8.04
N GLY A 73 -3.13 -8.39 -7.93
CA GLY A 73 -2.91 -9.42 -8.92
C GLY A 73 -2.09 -8.94 -10.10
N MET A 74 -1.47 -7.77 -9.96
CA MET A 74 -0.64 -7.23 -11.02
C MET A 74 0.83 -7.56 -10.81
N LEU A 75 1.60 -7.42 -11.86
CA LEU A 75 3.01 -7.75 -11.83
C LEU A 75 3.84 -6.49 -11.78
N LEU A 76 4.48 -6.26 -10.66
CA LEU A 76 5.38 -5.15 -10.56
C LEU A 76 6.81 -5.63 -10.73
N ASN A 77 7.33 -5.42 -11.94
CA ASN A 77 8.70 -5.78 -12.31
C ASN A 77 8.86 -7.27 -12.61
N ASP A 78 7.96 -8.06 -12.04
CA ASP A 78 7.99 -9.53 -12.16
C ASP A 78 7.06 -10.19 -11.15
N ARG A 79 6.76 -9.49 -10.06
CA ARG A 79 6.08 -10.10 -8.93
C ARG A 79 4.64 -9.64 -8.85
N LYS A 80 3.75 -10.59 -8.68
CA LYS A 80 2.32 -10.32 -8.57
C LYS A 80 2.02 -9.78 -7.18
N VAL A 81 1.51 -8.56 -7.12
CA VAL A 81 1.31 -7.92 -5.83
C VAL A 81 -0.15 -7.98 -5.42
N PHE A 82 -0.35 -8.09 -4.13
CA PHE A 82 -1.68 -8.16 -3.56
C PHE A 82 -1.97 -6.89 -2.78
N VAL A 83 -3.02 -6.19 -3.16
CA VAL A 83 -3.37 -4.93 -2.52
C VAL A 83 -4.71 -5.07 -1.81
N GLY A 84 -4.73 -4.71 -0.53
CA GLY A 84 -5.96 -4.80 0.25
C GLY A 84 -6.03 -3.75 1.33
N ARG A 85 -7.15 -3.73 2.06
CA ARG A 85 -7.36 -2.75 3.12
C ARG A 85 -6.32 -2.91 4.23
N PHE A 86 -5.70 -1.80 4.60
CA PHE A 86 -4.66 -1.76 5.61
C PHE A 86 -5.19 -2.26 6.96
N LYS A 87 -4.43 -3.11 7.62
CA LYS A 87 -4.83 -3.65 8.93
C LYS A 87 -4.31 -2.76 10.05
N SER A 88 -5.18 -2.43 10.99
CA SER A 88 -4.82 -1.57 12.10
C SER A 88 -4.51 -2.38 13.35
N ARG A 89 -4.38 -3.69 13.17
CA ARG A 89 -4.10 -4.58 14.29
C ARG A 89 -2.60 -4.87 14.38
N LYS A 90 -2.21 -5.59 15.44
CA LYS A 90 -0.80 -5.96 15.68
C LYS A 90 0.03 -4.75 16.11
N GLU A 91 0.08 -3.73 15.27
CA GLU A 91 0.86 -2.54 15.57
C GLU A 91 -0.06 -1.34 15.74
N ARG A 92 -0.33 -0.99 16.99
CA ARG A 92 -1.24 0.10 17.29
C ARG A 92 -0.52 1.24 17.98
N GLU A 93 -0.27 2.31 17.24
CA GLU A 93 0.27 3.53 17.81
C GLU A 93 -0.70 4.67 17.58
N ALA A 94 -1.49 4.98 18.60
CA ALA A 94 -2.50 6.01 18.49
C ALA A 94 -2.84 6.60 19.86
N GLU A 95 -2.25 7.74 20.16
CA GLU A 95 -2.54 8.46 21.39
C GLU A 95 -3.06 9.85 21.06
N GLY A 1 -12.19 -9.02 4.48
CA GLY A 1 -10.92 -9.41 5.12
C GLY A 1 -11.11 -9.80 6.57
N ALA A 2 -10.21 -9.37 7.42
CA ALA A 2 -10.30 -9.69 8.85
C ALA A 2 -10.81 -8.49 9.63
N ASP A 3 -10.46 -7.29 9.16
CA ASP A 3 -10.89 -6.05 9.80
C ASP A 3 -12.37 -5.80 9.57
N PRO A 4 -13.16 -5.69 10.64
CA PRO A 4 -14.57 -5.30 10.55
C PRO A 4 -14.71 -3.80 10.32
N SER A 5 -15.92 -3.28 10.51
CA SER A 5 -16.15 -1.85 10.37
C SER A 5 -15.47 -1.08 11.49
N LEU A 6 -14.21 -0.72 11.28
CA LEU A 6 -13.43 0.02 12.25
C LEU A 6 -12.98 1.36 11.67
N ARG A 7 -12.96 1.42 10.34
CA ARG A 7 -12.45 2.59 9.61
C ARG A 7 -10.93 2.75 9.82
N LYS A 8 -10.35 3.76 9.20
CA LYS A 8 -8.91 4.01 9.28
C LYS A 8 -8.65 5.52 9.25
N SER A 9 -8.09 6.11 10.32
CA SER A 9 -7.94 7.56 10.40
C SER A 9 -6.95 8.09 9.37
N GLY A 10 -6.10 7.21 8.84
CA GLY A 10 -5.20 7.59 7.78
C GLY A 10 -5.94 8.01 6.52
N VAL A 11 -7.08 7.36 6.26
CA VAL A 11 -7.86 7.56 5.04
C VAL A 11 -7.10 7.08 3.81
N GLY A 12 -7.65 6.07 3.15
CA GLY A 12 -7.08 5.63 1.90
C GLY A 12 -5.84 4.77 2.09
N ASN A 13 -5.74 4.15 3.25
CA ASN A 13 -4.54 3.38 3.60
C ASN A 13 -4.69 1.94 3.13
N ILE A 14 -3.74 1.47 2.36
CA ILE A 14 -3.76 0.10 1.84
C ILE A 14 -2.39 -0.54 2.03
N PHE A 15 -2.34 -1.86 1.92
CA PHE A 15 -1.07 -2.56 2.02
C PHE A 15 -0.87 -3.45 0.80
N ILE A 16 0.39 -3.61 0.41
CA ILE A 16 0.75 -4.36 -0.80
C ILE A 16 1.69 -5.51 -0.43
N LYS A 17 1.61 -6.61 -1.17
CA LYS A 17 2.39 -7.80 -0.88
C LYS A 17 3.14 -8.27 -2.11
N ASN A 18 4.22 -9.02 -1.89
CA ASN A 18 4.97 -9.69 -2.98
C ASN A 18 5.68 -8.68 -3.88
N LEU A 19 6.09 -7.55 -3.30
CA LEU A 19 6.81 -6.53 -4.05
C LEU A 19 8.25 -6.95 -4.30
N ASP A 20 8.79 -6.50 -5.43
CA ASP A 20 10.18 -6.79 -5.79
C ASP A 20 11.12 -5.86 -5.04
N LYS A 21 12.35 -6.33 -4.85
CA LYS A 21 13.39 -5.55 -4.19
C LYS A 21 13.61 -4.19 -4.86
N SER A 22 13.46 -4.16 -6.18
CA SER A 22 13.69 -2.94 -6.96
C SER A 22 12.53 -1.95 -6.81
N ILE A 23 11.48 -2.35 -6.11
CA ILE A 23 10.37 -1.44 -5.84
C ILE A 23 10.70 -0.53 -4.67
N ASP A 24 10.85 0.75 -4.94
CA ASP A 24 11.12 1.74 -3.92
C ASP A 24 9.88 2.56 -3.65
N ASN A 25 9.97 3.55 -2.77
CA ASN A 25 8.82 4.40 -2.45
C ASN A 25 8.36 5.13 -3.70
N LYS A 26 9.34 5.53 -4.52
CA LYS A 26 9.08 6.20 -5.76
C LYS A 26 8.30 5.31 -6.69
N ALA A 27 8.81 4.11 -6.84
CA ALA A 27 8.25 3.12 -7.75
C ALA A 27 6.83 2.76 -7.36
N LEU A 28 6.62 2.62 -6.06
CA LEU A 28 5.30 2.34 -5.52
C LEU A 28 4.39 3.54 -5.76
N TYR A 29 4.89 4.73 -5.45
CA TYR A 29 4.15 5.96 -5.69
C TYR A 29 3.83 6.11 -7.17
N ASP A 30 4.83 5.89 -8.01
CA ASP A 30 4.69 6.08 -9.45
C ASP A 30 3.55 5.23 -10.00
N THR A 31 3.43 4.03 -9.48
CA THR A 31 2.40 3.11 -9.94
C THR A 31 1.02 3.46 -9.38
N PHE A 32 0.92 3.55 -8.05
CA PHE A 32 -0.37 3.75 -7.38
C PHE A 32 -0.91 5.17 -7.54
N SER A 33 -0.03 6.16 -7.67
CA SER A 33 -0.44 7.56 -7.76
C SER A 33 -1.37 7.79 -8.95
N ALA A 34 -1.24 6.96 -9.98
CA ALA A 34 -2.12 7.04 -11.13
C ALA A 34 -3.59 6.93 -10.74
N PHE A 35 -3.85 6.34 -9.57
CA PHE A 35 -5.21 6.14 -9.08
C PHE A 35 -5.65 7.31 -8.19
N GLY A 36 -4.70 8.09 -7.72
CA GLY A 36 -5.01 9.21 -6.85
C GLY A 36 -3.76 9.78 -6.21
N ASN A 37 -3.92 10.88 -5.49
CA ASN A 37 -2.78 11.52 -4.83
C ASN A 37 -2.40 10.74 -3.59
N ILE A 38 -1.10 10.60 -3.36
CA ILE A 38 -0.61 9.84 -2.23
C ILE A 38 0.08 10.78 -1.24
N LEU A 39 -0.21 10.60 0.05
CA LEU A 39 0.40 11.45 1.07
C LEU A 39 1.68 10.79 1.54
N SER A 40 1.62 9.49 1.74
CA SER A 40 2.74 8.70 2.22
C SER A 40 2.74 7.31 1.61
N CYS A 41 3.70 7.03 0.75
CA CYS A 41 3.88 5.69 0.23
C CYS A 41 5.13 5.08 0.83
N LYS A 42 5.05 3.82 1.21
CA LYS A 42 6.16 3.19 1.90
C LYS A 42 6.41 1.79 1.36
N VAL A 43 7.66 1.50 1.07
CA VAL A 43 8.11 0.17 0.73
C VAL A 43 9.05 -0.27 1.82
N VAL A 44 8.66 -1.26 2.57
CA VAL A 44 9.47 -1.68 3.68
C VAL A 44 10.54 -2.62 3.17
N CYS A 45 11.77 -2.17 3.29
CA CYS A 45 12.88 -2.79 2.58
C CYS A 45 13.81 -3.56 3.50
N ASP A 46 14.29 -4.70 3.02
CA ASP A 46 15.33 -5.41 3.72
C ASP A 46 16.67 -4.88 3.25
N GLU A 47 17.74 -5.29 3.89
CA GLU A 47 19.08 -4.80 3.55
C GLU A 47 19.46 -5.13 2.11
N ASN A 48 18.87 -6.19 1.55
CA ASN A 48 19.22 -6.61 0.19
C ASN A 48 18.29 -5.97 -0.84
N GLY A 49 17.20 -5.38 -0.37
CA GLY A 49 16.27 -4.77 -1.29
C GLY A 49 14.92 -4.44 -0.69
N SER A 50 14.14 -5.45 -0.33
CA SER A 50 12.78 -5.21 0.16
C SER A 50 12.29 -6.37 1.01
N LYS A 51 11.36 -6.09 1.92
CA LYS A 51 10.79 -7.12 2.77
C LYS A 51 9.59 -7.75 2.09
N GLY A 52 9.19 -7.17 0.98
CA GLY A 52 8.14 -7.76 0.18
C GLY A 52 6.82 -7.03 0.26
N TYR A 53 6.65 -6.18 1.26
CA TYR A 53 5.36 -5.52 1.48
C TYR A 53 5.50 -4.01 1.55
N GLY A 54 4.44 -3.32 1.19
CA GLY A 54 4.44 -1.87 1.17
C GLY A 54 3.08 -1.30 1.55
N PHE A 55 3.00 0.01 1.70
CA PHE A 55 1.77 0.66 2.13
C PHE A 55 1.54 1.95 1.35
N VAL A 56 0.29 2.21 0.94
CA VAL A 56 -0.07 3.49 0.33
C VAL A 56 -1.01 4.28 1.22
N HIS A 57 -0.71 5.55 1.37
CA HIS A 57 -1.63 6.48 1.98
C HIS A 57 -2.22 7.36 0.90
N PHE A 58 -3.47 7.13 0.55
CA PHE A 58 -4.12 7.91 -0.48
C PHE A 58 -4.80 9.12 0.09
N GLU A 59 -4.69 10.22 -0.63
CA GLU A 59 -5.33 11.48 -0.27
C GLU A 59 -6.81 11.26 -0.04
N THR A 60 -7.39 10.50 -0.94
CA THR A 60 -8.81 10.21 -0.91
C THR A 60 -9.08 8.74 -0.64
N GLN A 61 -10.14 8.49 0.11
CA GLN A 61 -10.54 7.14 0.46
C GLN A 61 -10.88 6.32 -0.78
N GLU A 62 -11.52 6.97 -1.76
CA GLU A 62 -11.96 6.29 -2.97
C GLU A 62 -10.80 5.86 -3.85
N ALA A 63 -9.74 6.67 -3.89
CA ALA A 63 -8.57 6.37 -4.72
C ALA A 63 -7.90 5.11 -4.23
N ALA A 64 -7.93 4.91 -2.92
CA ALA A 64 -7.35 3.74 -2.29
C ALA A 64 -8.05 2.47 -2.77
N GLU A 65 -9.37 2.54 -2.89
CA GLU A 65 -10.15 1.39 -3.32
C GLU A 65 -9.85 1.07 -4.77
N ARG A 66 -9.64 2.12 -5.57
CA ARG A 66 -9.25 1.95 -6.97
C ARG A 66 -7.92 1.21 -7.06
N ALA A 67 -6.99 1.57 -6.19
CA ALA A 67 -5.68 0.93 -6.16
C ALA A 67 -5.81 -0.53 -5.77
N ILE A 68 -6.73 -0.81 -4.85
CA ILE A 68 -6.96 -2.19 -4.42
C ILE A 68 -7.47 -3.05 -5.57
N GLU A 69 -8.53 -2.60 -6.23
CA GLU A 69 -9.11 -3.35 -7.33
C GLU A 69 -8.13 -3.51 -8.48
N LYS A 70 -7.44 -2.44 -8.79
CA LYS A 70 -6.60 -2.39 -9.96
C LYS A 70 -5.23 -3.03 -9.76
N MET A 71 -4.64 -2.85 -8.60
CA MET A 71 -3.27 -3.30 -8.38
C MET A 71 -3.21 -4.69 -7.78
N ASN A 72 -4.29 -5.15 -7.18
CA ASN A 72 -4.29 -6.50 -6.64
C ASN A 72 -4.29 -7.49 -7.80
N GLY A 73 -3.30 -8.36 -7.84
CA GLY A 73 -3.18 -9.30 -8.95
C GLY A 73 -2.44 -8.68 -10.13
N MET A 74 -1.84 -7.52 -9.90
CA MET A 74 -1.08 -6.83 -10.93
C MET A 74 0.39 -7.22 -10.83
N LEU A 75 1.09 -7.19 -11.95
CA LEU A 75 2.50 -7.52 -11.99
C LEU A 75 3.31 -6.27 -11.89
N LEU A 76 3.92 -6.05 -10.76
CA LEU A 76 4.85 -4.97 -10.66
C LEU A 76 6.24 -5.47 -10.98
N ASN A 77 6.74 -5.07 -12.15
CA ASN A 77 8.09 -5.38 -12.59
C ASN A 77 8.21 -6.80 -13.09
N ASP A 78 7.44 -7.69 -12.48
CA ASP A 78 7.50 -9.13 -12.73
C ASP A 78 6.70 -9.93 -11.69
N ARG A 79 6.44 -9.31 -10.55
CA ARG A 79 5.85 -10.02 -9.41
C ARG A 79 4.40 -9.59 -9.23
N LYS A 80 3.54 -10.57 -8.99
CA LYS A 80 2.12 -10.30 -8.81
C LYS A 80 1.87 -9.82 -7.38
N VAL A 81 1.41 -8.60 -7.25
CA VAL A 81 1.28 -8.01 -5.93
C VAL A 81 -0.15 -8.07 -5.44
N PHE A 82 -0.28 -8.22 -4.14
CA PHE A 82 -1.57 -8.29 -3.50
C PHE A 82 -1.82 -6.99 -2.77
N VAL A 83 -2.88 -6.30 -3.16
CA VAL A 83 -3.22 -5.04 -2.50
C VAL A 83 -4.57 -5.18 -1.83
N GLY A 84 -4.62 -4.79 -0.57
CA GLY A 84 -5.85 -4.81 0.16
C GLY A 84 -5.89 -3.69 1.18
N ARG A 85 -7.00 -3.56 1.89
CA ARG A 85 -7.15 -2.54 2.90
C ARG A 85 -6.09 -2.71 3.99
N PHE A 86 -5.57 -1.59 4.49
CA PHE A 86 -4.55 -1.62 5.55
C PHE A 86 -5.08 -2.38 6.77
N LYS A 87 -4.65 -3.62 6.90
CA LYS A 87 -5.20 -4.49 7.92
C LYS A 87 -4.54 -4.28 9.27
N SER A 88 -5.30 -4.49 10.33
CA SER A 88 -4.77 -4.53 11.67
C SER A 88 -4.34 -5.97 11.98
N ARG A 89 -4.02 -6.26 13.23
CA ARG A 89 -3.75 -7.63 13.68
C ARG A 89 -2.36 -8.10 13.24
N LYS A 90 -1.72 -7.29 12.40
CA LYS A 90 -0.33 -7.53 12.02
C LYS A 90 0.57 -7.46 13.26
N GLU A 91 0.05 -6.80 14.28
CA GLU A 91 0.66 -6.76 15.58
C GLU A 91 -0.28 -7.34 16.62
N ARG A 92 0.27 -8.00 17.63
CA ARG A 92 -0.55 -8.48 18.73
C ARG A 92 -0.35 -7.58 19.94
N GLU A 93 0.64 -6.69 19.83
CA GLU A 93 1.06 -5.83 20.93
C GLU A 93 1.74 -6.69 22.01
N ALA A 94 2.14 -7.90 21.60
CA ALA A 94 2.79 -8.85 22.48
C ALA A 94 3.43 -9.97 21.66
N GLU A 95 4.75 -9.99 21.64
CA GLU A 95 5.48 -10.99 20.85
C GLU A 95 5.81 -12.19 21.71
N GLY A 1 -3.56 4.20 25.42
CA GLY A 1 -4.82 4.65 24.81
C GLY A 1 -5.00 4.11 23.41
N ALA A 2 -6.23 4.13 22.92
CA ALA A 2 -6.54 3.67 21.59
C ALA A 2 -7.49 4.64 20.90
N ASP A 3 -7.78 4.39 19.63
CA ASP A 3 -8.71 5.24 18.89
C ASP A 3 -10.02 4.48 18.67
N PRO A 4 -11.03 4.75 19.50
CA PRO A 4 -12.33 4.08 19.38
C PRO A 4 -13.24 4.78 18.36
N SER A 5 -14.22 4.04 17.80
CA SER A 5 -15.17 4.58 16.81
C SER A 5 -14.50 4.88 15.46
N LEU A 6 -13.25 5.34 15.49
CA LEU A 6 -12.50 5.63 14.28
C LEU A 6 -11.82 4.35 13.82
N ARG A 7 -11.92 4.04 12.53
CA ARG A 7 -11.45 2.75 12.04
C ARG A 7 -10.10 2.89 11.33
N LYS A 8 -10.06 3.74 10.32
CA LYS A 8 -8.84 3.98 9.56
C LYS A 8 -8.51 5.48 9.55
N SER A 9 -7.85 5.98 10.58
CA SER A 9 -7.52 7.39 10.66
C SER A 9 -6.59 7.83 9.54
N GLY A 10 -5.80 6.89 9.04
CA GLY A 10 -4.89 7.18 7.97
C GLY A 10 -5.59 7.62 6.70
N VAL A 11 -6.77 7.04 6.43
CA VAL A 11 -7.55 7.29 5.21
C VAL A 11 -6.81 6.89 3.94
N GLY A 12 -7.46 6.08 3.13
CA GLY A 12 -6.86 5.72 1.87
C GLY A 12 -5.71 4.76 2.06
N ASN A 13 -5.74 4.02 3.16
CA ASN A 13 -4.62 3.19 3.56
C ASN A 13 -4.78 1.81 2.93
N ILE A 14 -3.76 1.38 2.19
CA ILE A 14 -3.75 0.06 1.59
C ILE A 14 -2.39 -0.58 1.80
N PHE A 15 -2.37 -1.90 1.85
CA PHE A 15 -1.13 -2.62 2.01
C PHE A 15 -0.90 -3.53 0.83
N ILE A 16 0.35 -3.62 0.40
CA ILE A 16 0.71 -4.39 -0.78
C ILE A 16 1.69 -5.49 -0.40
N LYS A 17 1.39 -6.71 -0.81
CA LYS A 17 2.26 -7.84 -0.52
C LYS A 17 2.92 -8.37 -1.78
N ASN A 18 4.10 -8.95 -1.62
CA ASN A 18 4.81 -9.66 -2.70
C ASN A 18 5.40 -8.68 -3.70
N LEU A 19 5.88 -7.54 -3.22
CA LEU A 19 6.54 -6.57 -4.08
C LEU A 19 7.95 -7.00 -4.44
N ASP A 20 8.41 -6.51 -5.58
CA ASP A 20 9.78 -6.73 -6.01
C ASP A 20 10.71 -5.80 -5.24
N LYS A 21 11.93 -6.23 -5.02
CA LYS A 21 12.88 -5.48 -4.20
C LYS A 21 13.30 -4.19 -4.91
N SER A 22 13.24 -4.21 -6.24
CA SER A 22 13.56 -3.03 -7.03
C SER A 22 12.47 -1.96 -6.92
N ILE A 23 11.36 -2.30 -6.29
CA ILE A 23 10.28 -1.36 -6.10
C ILE A 23 10.60 -0.41 -4.94
N ASP A 24 10.78 0.85 -5.27
CA ASP A 24 11.13 1.87 -4.28
C ASP A 24 9.87 2.64 -3.90
N ASN A 25 10.02 3.66 -3.05
CA ASN A 25 8.88 4.45 -2.60
C ASN A 25 8.35 5.21 -3.80
N LYS A 26 9.28 5.59 -4.65
CA LYS A 26 8.99 6.32 -5.84
C LYS A 26 8.24 5.44 -6.80
N ALA A 27 8.77 4.24 -6.96
CA ALA A 27 8.21 3.26 -7.86
C ALA A 27 6.79 2.88 -7.44
N LEU A 28 6.61 2.69 -6.15
CA LEU A 28 5.31 2.39 -5.60
C LEU A 28 4.38 3.58 -5.78
N TYR A 29 4.89 4.77 -5.45
CA TYR A 29 4.14 6.00 -5.66
C TYR A 29 3.81 6.20 -7.13
N ASP A 30 4.80 6.01 -7.99
CA ASP A 30 4.64 6.24 -9.42
C ASP A 30 3.49 5.42 -9.97
N THR A 31 3.39 4.18 -9.54
CA THR A 31 2.38 3.28 -10.03
C THR A 31 1.00 3.58 -9.43
N PHE A 32 0.93 3.62 -8.10
CA PHE A 32 -0.35 3.79 -7.41
C PHE A 32 -0.92 5.20 -7.55
N SER A 33 -0.06 6.20 -7.71
CA SER A 33 -0.49 7.60 -7.80
C SER A 33 -1.47 7.81 -8.94
N ALA A 34 -1.36 6.99 -9.98
CA ALA A 34 -2.29 7.05 -11.11
C ALA A 34 -3.74 6.90 -10.65
N PHE A 35 -3.94 6.32 -9.47
CA PHE A 35 -5.27 6.09 -8.93
C PHE A 35 -5.68 7.22 -7.99
N GLY A 36 -4.71 8.03 -7.60
CA GLY A 36 -4.97 9.14 -6.71
C GLY A 36 -3.70 9.67 -6.08
N ASN A 37 -3.78 10.85 -5.48
CA ASN A 37 -2.62 11.45 -4.82
C ASN A 37 -2.27 10.65 -3.57
N ILE A 38 -0.99 10.45 -3.35
CA ILE A 38 -0.51 9.70 -2.21
C ILE A 38 0.20 10.62 -1.24
N LEU A 39 -0.10 10.49 0.04
CA LEU A 39 0.53 11.34 1.04
C LEU A 39 1.82 10.67 1.49
N SER A 40 1.69 9.40 1.86
CA SER A 40 2.79 8.64 2.37
C SER A 40 2.80 7.23 1.79
N CYS A 41 3.64 7.03 0.78
CA CYS A 41 3.86 5.70 0.24
C CYS A 41 5.12 5.12 0.84
N LYS A 42 5.11 3.83 1.15
CA LYS A 42 6.21 3.24 1.87
C LYS A 42 6.55 1.86 1.34
N VAL A 43 7.83 1.65 1.04
CA VAL A 43 8.35 0.33 0.77
C VAL A 43 9.31 0.00 1.89
N VAL A 44 8.91 -0.92 2.72
CA VAL A 44 9.65 -1.21 3.92
C VAL A 44 10.85 -2.07 3.59
N CYS A 45 12.01 -1.69 4.09
CA CYS A 45 13.25 -2.32 3.67
C CYS A 45 13.66 -3.42 4.63
N ASP A 46 14.04 -4.54 4.03
CA ASP A 46 14.44 -5.72 4.77
C ASP A 46 15.92 -5.62 5.07
N GLU A 47 16.41 -6.43 5.98
CA GLU A 47 17.85 -6.55 6.20
C GLU A 47 18.54 -7.02 4.91
N ASN A 48 17.76 -7.72 4.09
CA ASN A 48 18.23 -8.22 2.79
C ASN A 48 17.92 -7.22 1.69
N GLY A 49 17.38 -6.07 2.06
CA GLY A 49 17.03 -5.06 1.08
C GLY A 49 15.59 -4.56 1.18
N SER A 50 14.63 -5.39 0.82
CA SER A 50 13.21 -4.99 0.81
C SER A 50 12.35 -6.08 1.44
N LYS A 51 11.46 -5.69 2.36
CA LYS A 51 10.74 -6.66 3.19
C LYS A 51 9.72 -7.47 2.40
N GLY A 52 9.33 -6.94 1.26
CA GLY A 52 8.39 -7.65 0.40
C GLY A 52 7.01 -7.02 0.37
N TYR A 53 6.76 -6.11 1.30
CA TYR A 53 5.44 -5.48 1.40
C TYR A 53 5.57 -3.97 1.56
N GLY A 54 4.52 -3.27 1.16
CA GLY A 54 4.52 -1.82 1.22
C GLY A 54 3.15 -1.27 1.56
N PHE A 55 3.08 0.04 1.74
CA PHE A 55 1.82 0.69 2.13
C PHE A 55 1.60 1.97 1.33
N VAL A 56 0.36 2.20 0.92
CA VAL A 56 0.01 3.48 0.31
C VAL A 56 -0.93 4.27 1.21
N HIS A 57 -0.63 5.54 1.38
CA HIS A 57 -1.57 6.45 2.00
C HIS A 57 -2.17 7.32 0.92
N PHE A 58 -3.42 7.07 0.57
CA PHE A 58 -4.06 7.86 -0.45
C PHE A 58 -4.71 9.09 0.14
N GLU A 59 -4.56 10.18 -0.58
CA GLU A 59 -5.14 11.47 -0.21
C GLU A 59 -6.61 11.33 0.12
N THR A 60 -7.28 10.49 -0.65
CA THR A 60 -8.68 10.24 -0.46
C THR A 60 -8.95 8.75 -0.31
N GLN A 61 -10.03 8.43 0.40
CA GLN A 61 -10.38 7.04 0.68
C GLN A 61 -10.79 6.31 -0.61
N GLU A 62 -11.35 7.05 -1.56
CA GLU A 62 -11.83 6.47 -2.84
C GLU A 62 -10.67 6.02 -3.73
N ALA A 63 -9.56 6.76 -3.69
CA ALA A 63 -8.40 6.45 -4.52
C ALA A 63 -7.80 5.11 -4.11
N ALA A 64 -7.85 4.82 -2.82
CA ALA A 64 -7.32 3.58 -2.27
C ALA A 64 -8.07 2.38 -2.81
N GLU A 65 -9.40 2.48 -2.85
CA GLU A 65 -10.23 1.40 -3.36
C GLU A 65 -9.86 1.06 -4.80
N ARG A 66 -9.62 2.10 -5.60
CA ARG A 66 -9.20 1.92 -7.00
C ARG A 66 -7.87 1.19 -7.08
N ALA A 67 -6.92 1.58 -6.24
CA ALA A 67 -5.61 0.95 -6.23
C ALA A 67 -5.73 -0.53 -5.88
N ILE A 68 -6.64 -0.85 -4.96
CA ILE A 68 -6.87 -2.23 -4.57
C ILE A 68 -7.37 -3.07 -5.75
N GLU A 69 -8.44 -2.61 -6.39
CA GLU A 69 -9.03 -3.34 -7.50
C GLU A 69 -8.07 -3.47 -8.67
N LYS A 70 -7.36 -2.40 -8.93
CA LYS A 70 -6.52 -2.33 -10.11
C LYS A 70 -5.16 -3.00 -9.91
N MET A 71 -4.58 -2.86 -8.73
CA MET A 71 -3.21 -3.35 -8.52
C MET A 71 -3.19 -4.76 -7.95
N ASN A 72 -4.23 -5.15 -7.24
CA ASN A 72 -4.26 -6.49 -6.68
C ASN A 72 -4.29 -7.52 -7.81
N GLY A 73 -3.34 -8.42 -7.81
CA GLY A 73 -3.27 -9.42 -8.86
C GLY A 73 -2.52 -8.94 -10.09
N MET A 74 -1.70 -7.91 -9.92
CA MET A 74 -0.87 -7.40 -11.00
C MET A 74 0.58 -7.80 -10.80
N LEU A 75 1.32 -7.84 -11.90
CA LEU A 75 2.73 -8.20 -11.84
C LEU A 75 3.57 -6.96 -11.84
N LEU A 76 3.99 -6.53 -10.67
CA LEU A 76 4.90 -5.43 -10.61
C LEU A 76 6.31 -5.93 -10.86
N ASN A 77 6.80 -5.64 -12.07
CA ASN A 77 8.11 -6.08 -12.52
C ASN A 77 8.14 -7.56 -12.85
N ASP A 78 7.98 -8.38 -11.84
CA ASP A 78 8.05 -9.82 -11.99
C ASP A 78 7.28 -10.54 -10.87
N ARG A 79 6.58 -9.78 -10.05
CA ARG A 79 5.96 -10.36 -8.87
C ARG A 79 4.53 -9.87 -8.72
N LYS A 80 3.61 -10.80 -8.57
CA LYS A 80 2.20 -10.48 -8.47
C LYS A 80 1.90 -9.93 -7.09
N VAL A 81 1.42 -8.71 -7.03
CA VAL A 81 1.26 -8.04 -5.75
C VAL A 81 -0.18 -8.08 -5.30
N PHE A 82 -0.33 -8.20 -3.99
CA PHE A 82 -1.64 -8.26 -3.38
C PHE A 82 -1.91 -6.94 -2.66
N VAL A 83 -2.97 -6.26 -3.07
CA VAL A 83 -3.34 -5.01 -2.45
C VAL A 83 -4.69 -5.15 -1.78
N GLY A 84 -4.77 -4.76 -0.51
CA GLY A 84 -6.00 -4.88 0.22
C GLY A 84 -6.18 -3.77 1.23
N ARG A 85 -7.24 -3.86 2.02
CA ARG A 85 -7.56 -2.85 3.01
C ARG A 85 -6.56 -2.89 4.16
N PHE A 86 -5.86 -1.78 4.36
CA PHE A 86 -4.86 -1.67 5.40
C PHE A 86 -5.41 -0.82 6.54
N LYS A 87 -5.53 -1.43 7.70
CA LYS A 87 -6.08 -0.74 8.87
C LYS A 87 -4.96 -0.30 9.81
N SER A 88 -5.19 0.82 10.48
CA SER A 88 -4.20 1.40 11.36
C SER A 88 -4.02 0.58 12.62
N ARG A 89 -5.14 0.07 13.16
CA ARG A 89 -5.12 -0.71 14.41
C ARG A 89 -4.58 0.12 15.57
N LYS A 90 -3.32 -0.11 15.92
CA LYS A 90 -2.65 0.65 16.96
C LYS A 90 -1.44 1.36 16.38
N GLU A 91 -1.31 1.25 15.07
CA GLU A 91 -0.18 1.83 14.36
C GLU A 91 -0.58 3.16 13.74
N ARG A 92 -0.84 4.14 14.59
CA ARG A 92 -1.15 5.48 14.15
C ARG A 92 0.08 6.36 14.40
N GLU A 93 1.24 5.80 14.08
CA GLU A 93 2.51 6.45 14.37
C GLU A 93 2.95 7.35 13.22
N ALA A 94 2.63 6.93 12.01
CA ALA A 94 3.00 7.69 10.82
C ALA A 94 2.15 8.94 10.73
N GLU A 95 2.77 10.08 10.97
CA GLU A 95 2.07 11.35 11.01
C GLU A 95 2.68 12.31 10.00
#